data_6SJ7
#
_entry.id   6SJ7
#
_cell.length_a   1.00
_cell.length_b   1.00
_cell.length_c   1.00
_cell.angle_alpha   90.00
_cell.angle_beta   90.00
_cell.angle_gamma   90.00
#
_symmetry.space_group_name_H-M   'P 1'
#
loop_
_entity.id
_entity.type
_entity.pdbx_description
1 polymer 'DDB1- and CUL4-associated factor 15'
2 polymer 'DNA damage-binding protein 1'
3 polymer 'RNA binding protein 39'
4 polymer 'DET1- and DDB1-associated protein 1'
5 non-polymer N~1~-(3-chloro-1H-indol-7-yl)benzene-1,4-disulfonamide
#
loop_
_entity_poly.entity_id
_entity_poly.type
_entity_poly.pdbx_seq_one_letter_code
_entity_poly.pdbx_strand_id
1 'polypeptide(L)'
;GPAPSSKSERNSGAGSGGGGPGGAGGKRAAGRRREHVLKQLERVKISGQLSPRLFRKLPPRVCVSLKNIVDEDFLYAGHI
FLGFSKCGRYVLSYTSSSGDDDFSFYIYHLYWWEFNVHSKLKLVRQVRLFQDEEIYSDLYLTVCEWPSDASKVIVFGFNT
RSANGMLMNMMMMSDENHRDIYVSTVAVPPPGRCAACQDASRAHPGDPNAQCLRHGFMLHTKYQVVYPFPTFQPAFQLKK
DQVVLLNTSYSLVACAVSVHSAGDRSFCQILYDHSTCPLAPASPPEPQSPELPPALPSFCPEAAPARSSGSPEPSPAIAK
AKEFVADIFRRAKEAKGGVPEEARPALCPGPSGSRCRAHSEPLALCGETAPRDSPPASEAPASEPGYVNYTKLYYVLESG
EGTEPEDELEDDKISLPFVVTDLRGRNLRPMRERTAVQGQYLTVEQLTLDFEYVINEVIRHDATWGHQFCSFSDYDIVIL
EVCPETNQVLINIGLLLLAFPSPTEEGQLRPKTYHTSLKVAWDLNTGIFETVSVGDLTEVKGQTSGSVWSSYRKSCVDMV
MKWLVPESSGRYVNRMTNEALHKGCSLKVLADSERYTWIVL
;
A
2 'polypeptide(L)'
;MSYNYVVTAQKPTAVNGCVTGHFTSAEDLNLLIAKNTRLEIYVVTAEGLRPVKEVGMYGKIAVMELFRPKGESKDLLFIL
TAKYNACILEYKQSGESIDIITRAHGNVQDRIGRPSETGIIGIIDPECRMIGLRLYDGLFKVIPLDRDNKELKAFNIRLE
ELHVIDVKFLYGCQAPTICFVYQDPQGRHVKTYEVSLREKEFNKGPWKQENVEAEASMVIAVPEPFGGAIIIGQESITYH
NGDKYLAIAPPIIKQSTIVCHNRVDPNGSRYLLGDMEGRLFMLLLEKEEQMDGTVTLKDLRVELLGETSIAECLTYLDNG
VVFVGSRLGDSQLVKLNVDSNEQGSYVVAMETFTNLGPIVDMCVVDLERQGQGQLVTCSGAFKEGSLRIIRNGIGIHEHA
SIDLPGIKGLWPLRSDPNRETDDTLVLSFVGQTRVLMLNGEEVEETELMGFVDDQQTFFCGNVAHQQLIQITSASVRLVS
QEPKALVSEWKEPQAKNISVASCNSSQVVVAVGRALYYLQIHPQELRQISHTEMEHEVACLDITPLGDSNGLSPLCAIGL
WTDISARILKLPSFELLHKEMLGGEIIPRSILMTTFESSHYLLCALGDGALFYFGLNIETGLLSDRKKVTLGTQPTVLRT
FRSLSTTNVFACSDRPTVIYSSNHKLVFSNVNLKEVNYMCPLNSDGYPDSLALANNSTLTIGTIDEIQKLHIRTVPLYES
PRKICYQEVSQCFGVLSSRIEVQDTSGGTTALRPSASTQALSSSVSSSKLFSSSTAPHETSFGEEVEVHNLLIIDQHTFE
VLHAHQFLQNEYALSLVSCKLGKDPNTYFIVGTAMVYPEEAEPKQGRIVVFQYSDGKLQTVAEKEVKGAVYSMVEFNGKL
LASINSTVRLYEWTTEKELRTECNHYNNIMALYLKTKGDFILVGDLMRSVLLLAYKPMEGNFEEIARDFNPNWMSAVEIL
DDDNFLGAENAFNLFVCQKDSAATTDEERQHLQEVGLFHLGEFVNVFCHGSLVMQNLGETSTPTQGSVLFGTVNGMIGLV
TSLSESWYNLLLDMQNRLNKVIKSVGKIEHSFWRSFHTERKTEPATGFIDGDLIESFLDISRPKMQEVVANLQYDDGSGM
KREATADDLIKVVEELTRIH
;
B
3 'polypeptide(L)'
;GPMRLYVGSLHFNITEDMLRGIFEPFGRIESIQLMMDSETGRSKGYGFITFSDSECAKKALEQLNGFELAGRPMKVGHVT
E
;
C
4 'polypeptide(L)'
;ADFLKGLPVYNKSNFSRFHADSVCKASNRRPSVYLPTREYPSEQIIVTEKTNILLRYLHQQWDKKNAAKKRDQEQVELEG
ESSAPPRKVARTDSPDMHEDT
;
D
#
loop_
_chem_comp.id
_chem_comp.type
_chem_comp.name
_chem_comp.formula
EF6 non-polymer N~1~-(3-chloro-1H-indol-7-yl)benzene-1,4-disulfonamide 'C14 H12 Cl N3 O4 S2'
#
# COMPACT_ATOMS: atom_id res chain seq x y z
N GLU A 35 15.40 12.70 5.80
CA GLU A 35 15.73 11.50 5.05
C GLU A 35 16.39 11.86 3.72
N HIS A 36 16.75 10.84 2.95
CA HIS A 36 17.29 11.02 1.62
C HIS A 36 16.31 10.43 0.61
N VAL A 37 16.74 10.35 -0.64
CA VAL A 37 15.95 9.67 -1.66
C VAL A 37 16.72 8.42 -2.10
N LEU A 38 18.06 8.49 -2.05
CA LEU A 38 18.86 7.34 -2.45
C LEU A 38 18.77 6.23 -1.41
N LYS A 39 18.86 6.59 -0.13
CA LYS A 39 18.67 5.60 0.92
C LYS A 39 17.26 5.04 0.90
N GLN A 40 16.29 5.87 0.51
CA GLN A 40 14.93 5.39 0.36
C GLN A 40 14.84 4.35 -0.77
N LEU A 41 15.61 4.56 -1.84
CA LEU A 41 15.62 3.59 -2.92
C LEU A 41 16.28 2.29 -2.51
N GLU A 42 17.33 2.36 -1.70
CA GLU A 42 17.96 1.12 -1.24
C GLU A 42 17.03 0.35 -0.31
N ARG A 43 16.30 1.10 0.53
CA ARG A 43 15.32 0.50 1.46
C ARG A 43 14.24 -0.21 0.64
N VAL A 44 13.84 0.41 -0.48
CA VAL A 44 12.85 -0.19 -1.35
C VAL A 44 13.38 -1.48 -1.95
N LYS A 45 14.65 -1.46 -2.39
CA LYS A 45 15.23 -2.63 -3.06
C LYS A 45 15.35 -3.81 -2.10
N ILE A 46 15.86 -3.58 -0.90
CA ILE A 46 16.05 -4.70 0.02
C ILE A 46 14.83 -4.99 0.85
N SER A 47 13.85 -4.08 0.87
CA SER A 47 12.66 -4.24 1.74
C SER A 47 11.44 -4.72 0.96
N GLY A 48 11.19 -4.17 -0.24
CA GLY A 48 10.01 -4.54 -0.97
C GLY A 48 8.74 -3.91 -0.49
N GLN A 49 8.82 -2.90 0.37
CA GLN A 49 7.66 -2.12 0.76
C GLN A 49 7.93 -0.70 0.27
N LEU A 50 7.60 -0.47 -0.99
CA LEU A 50 7.57 0.86 -1.59
C LEU A 50 6.12 1.29 -1.61
N SER A 51 5.83 2.41 -0.95
CA SER A 51 4.45 2.81 -0.88
C SER A 51 4.37 4.32 -0.77
N PRO A 52 3.48 4.96 -1.54
CA PRO A 52 3.41 6.43 -1.52
C PRO A 52 2.81 6.99 -0.25
N ARG A 53 2.32 6.16 0.66
CA ARG A 53 1.92 6.66 1.97
C ARG A 53 3.13 7.14 2.74
N LEU A 54 4.16 6.31 2.84
CA LEU A 54 5.41 6.78 3.44
C LEU A 54 6.17 7.67 2.48
N PHE A 55 5.97 7.48 1.18
CA PHE A 55 6.55 8.37 0.16
C PHE A 55 5.55 9.47 -0.18
N ARG A 56 5.20 10.26 0.83
CA ARG A 56 4.27 11.38 0.65
C ARG A 56 4.89 12.72 1.00
N LYS A 57 5.70 12.78 2.07
CA LYS A 57 6.33 14.01 2.52
C LYS A 57 7.58 14.37 1.72
N LEU A 58 7.82 13.69 0.60
CA LEU A 58 8.85 13.89 -0.41
C LEU A 58 8.40 14.95 -1.41
N PRO A 59 9.29 15.86 -1.81
CA PRO A 59 8.85 17.03 -2.56
C PRO A 59 8.53 16.67 -4.00
N PRO A 60 7.50 17.28 -4.59
CA PRO A 60 7.22 17.09 -6.01
C PRO A 60 8.32 17.62 -6.90
N ARG A 61 8.47 16.98 -8.05
CA ARG A 61 9.65 17.14 -8.89
C ARG A 61 9.44 18.10 -10.05
N VAL A 62 8.51 17.81 -10.95
CA VAL A 62 8.32 18.60 -12.15
C VAL A 62 7.46 19.81 -11.81
N CYS A 63 7.84 20.96 -12.34
CA CYS A 63 7.24 22.24 -11.97
C CYS A 63 7.23 23.14 -13.19
N VAL A 64 6.12 23.81 -13.43
CA VAL A 64 6.07 24.82 -14.48
C VAL A 64 5.29 26.02 -13.96
N SER A 65 5.60 27.19 -14.52
CA SER A 65 4.87 28.41 -14.26
C SER A 65 3.67 28.58 -15.17
N LEU A 66 3.42 27.58 -16.03
CA LEU A 66 2.38 27.60 -17.06
C LEU A 66 2.51 28.83 -17.97
N LYS A 67 3.76 29.17 -18.30
CA LYS A 67 4.04 30.18 -19.31
C LYS A 67 4.84 29.60 -20.46
N ASN A 68 4.95 28.27 -20.52
CA ASN A 68 5.72 27.59 -21.56
C ASN A 68 4.95 26.51 -22.30
N ILE A 69 3.94 25.90 -21.69
CA ILE A 69 3.15 24.86 -22.34
C ILE A 69 1.71 25.30 -22.62
N VAL A 70 1.28 26.45 -22.10
CA VAL A 70 -0.07 26.94 -22.32
C VAL A 70 -0.20 27.41 -23.78
N ASP A 71 -1.39 27.23 -24.36
CA ASP A 71 -1.63 27.64 -25.73
C ASP A 71 -2.14 29.09 -25.77
N GLU A 72 -2.62 29.51 -26.94
CA GLU A 72 -3.08 30.87 -27.27
C GLU A 72 -1.98 31.89 -26.95
N ASP A 73 -0.91 31.78 -27.73
CA ASP A 73 0.29 32.54 -27.50
C ASP A 73 0.46 33.64 -28.55
N ALA A 77 -5.67 32.60 -23.72
CA ALA A 77 -7.11 32.48 -23.87
C ALA A 77 -7.79 32.62 -22.53
N GLY A 78 -9.07 32.27 -22.50
CA GLY A 78 -9.83 32.29 -21.25
C GLY A 78 -9.79 30.96 -20.55
N HIS A 79 -8.74 30.18 -20.82
CA HIS A 79 -8.59 28.86 -20.23
C HIS A 79 -8.08 29.02 -18.80
N ILE A 80 -8.99 28.88 -17.85
CA ILE A 80 -8.62 28.82 -16.44
C ILE A 80 -8.53 27.35 -16.07
N PHE A 81 -7.38 26.96 -15.53
CA PHE A 81 -7.00 25.56 -15.40
C PHE A 81 -7.49 25.04 -14.05
N LEU A 82 -8.39 24.06 -14.08
CA LEU A 82 -9.01 23.58 -12.86
C LEU A 82 -8.07 22.70 -12.05
N GLY A 83 -7.50 21.69 -12.68
CA GLY A 83 -6.64 20.77 -11.97
C GLY A 83 -6.65 19.40 -12.61
N PHE A 84 -5.74 18.56 -12.16
CA PHE A 84 -5.50 17.26 -12.77
C PHE A 84 -6.62 16.29 -12.46
N SER A 85 -6.66 15.21 -13.20
CA SER A 85 -7.58 14.13 -12.88
C SER A 85 -6.96 13.26 -11.79
N LYS A 86 -7.66 12.20 -11.41
CA LYS A 86 -7.08 11.25 -10.47
C LYS A 86 -6.05 10.37 -11.15
N CYS A 87 -6.17 10.18 -12.47
CA CYS A 87 -5.20 9.37 -13.19
C CYS A 87 -3.86 10.08 -13.31
N GLY A 88 -3.89 11.34 -13.74
CA GLY A 88 -2.69 12.13 -13.91
C GLY A 88 -2.38 12.49 -15.34
N ARG A 89 -3.12 11.95 -16.30
CA ARG A 89 -2.87 12.22 -17.72
C ARG A 89 -3.70 13.40 -18.23
N TYR A 90 -4.97 13.45 -17.86
CA TYR A 90 -5.83 14.54 -18.27
C TYR A 90 -5.68 15.72 -17.31
N VAL A 91 -5.65 16.92 -17.89
CA VAL A 91 -5.76 18.17 -17.15
C VAL A 91 -7.02 18.86 -17.63
N LEU A 92 -7.77 19.46 -16.73
CA LEU A 92 -9.00 20.12 -17.15
C LEU A 92 -8.86 21.63 -17.08
N SER A 93 -9.60 22.29 -17.95
CA SER A 93 -9.72 23.74 -17.84
C SER A 93 -11.10 24.17 -18.32
N TYR A 94 -11.42 25.43 -18.08
CA TYR A 94 -12.72 25.93 -18.49
C TYR A 94 -12.59 27.38 -18.92
N THR A 95 -13.47 27.75 -19.85
CA THR A 95 -13.52 29.08 -20.42
C THR A 95 -14.90 29.66 -20.21
N SER A 96 -14.97 30.83 -19.59
CA SER A 96 -16.25 31.44 -19.28
C SER A 96 -16.81 32.15 -20.50
N SER A 97 -16.10 33.15 -20.99
CA SER A 97 -16.50 34.07 -22.07
C SER A 97 -17.87 34.68 -21.85
N PHE A 105 -23.78 36.94 -22.90
CA PHE A 105 -23.92 35.78 -22.04
C PHE A 105 -22.59 35.12 -21.76
N TYR A 106 -22.55 34.34 -20.68
CA TYR A 106 -21.42 33.47 -20.42
C TYR A 106 -21.67 32.12 -21.08
N ILE A 107 -20.60 31.35 -21.25
CA ILE A 107 -20.62 30.15 -22.09
C ILE A 107 -20.17 28.91 -21.33
N TYR A 108 -19.00 28.98 -20.68
CA TYR A 108 -18.42 27.89 -19.87
C TYR A 108 -18.22 26.61 -20.68
N HIS A 109 -17.27 26.68 -21.59
CA HIS A 109 -16.81 25.47 -22.25
C HIS A 109 -15.81 24.76 -21.35
N LEU A 110 -15.82 23.43 -21.39
CA LEU A 110 -14.96 22.60 -20.55
C LEU A 110 -14.03 21.77 -21.43
N TYR A 111 -12.77 21.65 -21.02
CA TYR A 111 -11.72 21.13 -21.88
C TYR A 111 -10.88 20.10 -21.14
N TRP A 112 -10.90 18.86 -21.62
CA TRP A 112 -9.89 17.87 -21.27
C TRP A 112 -8.68 18.04 -22.16
N TRP A 113 -7.50 18.02 -21.54
CA TRP A 113 -6.23 18.14 -22.21
C TRP A 113 -5.39 16.90 -21.90
N GLU A 114 -4.77 16.35 -22.93
CA GLU A 114 -3.73 15.36 -22.74
C GLU A 114 -2.44 16.06 -22.39
N PHE A 115 -1.69 15.51 -21.45
CA PHE A 115 -0.45 16.12 -21.01
C PHE A 115 0.75 15.46 -21.67
N ASN A 116 1.79 16.26 -21.87
CA ASN A 116 3.10 15.75 -22.24
C ASN A 116 4.15 16.74 -21.75
N VAL A 117 5.26 16.22 -21.25
CA VAL A 117 6.30 17.09 -20.68
C VAL A 117 7.16 17.69 -21.79
N HIS A 118 7.86 16.84 -22.54
CA HIS A 118 8.75 17.32 -23.60
C HIS A 118 7.95 17.88 -24.77
N SER A 119 6.90 17.20 -25.18
CA SER A 119 6.03 17.72 -26.22
C SER A 119 4.87 18.47 -25.58
N LYS A 120 3.82 18.73 -26.36
CA LYS A 120 2.81 19.72 -25.99
C LYS A 120 1.71 19.11 -25.14
N LEU A 121 1.08 19.97 -24.33
CA LEU A 121 -0.18 19.65 -23.66
C LEU A 121 -1.27 19.73 -24.72
N LYS A 122 -1.64 18.58 -25.28
CA LYS A 122 -2.53 18.55 -26.42
C LYS A 122 -3.98 18.52 -25.97
N LEU A 123 -4.78 19.44 -26.51
CA LEU A 123 -6.19 19.49 -26.18
C LEU A 123 -6.94 18.33 -26.79
N VAL A 124 -7.67 17.58 -25.97
CA VAL A 124 -8.36 16.40 -26.45
C VAL A 124 -9.83 16.71 -26.67
N ARG A 125 -10.54 17.12 -25.63
CA ARG A 125 -12.00 17.20 -25.76
C ARG A 125 -12.51 18.54 -25.27
N GLN A 126 -13.42 19.12 -26.04
CA GLN A 126 -14.09 20.37 -25.70
C GLN A 126 -15.58 20.12 -25.69
N VAL A 127 -16.24 20.50 -24.60
CA VAL A 127 -17.65 20.18 -24.42
C VAL A 127 -18.40 21.41 -23.91
N ARG A 128 -19.59 21.62 -24.45
CA ARG A 128 -20.45 22.74 -24.08
C ARG A 128 -21.27 22.36 -22.86
N LEU A 129 -21.14 23.14 -21.79
CA LEU A 129 -21.84 22.83 -20.55
C LEU A 129 -23.15 23.60 -20.48
N PHE A 130 -24.21 22.88 -20.12
CA PHE A 130 -25.56 23.40 -19.88
C PHE A 130 -26.11 24.13 -21.11
N GLN A 131 -26.31 23.35 -22.17
CA GLN A 131 -26.97 23.90 -23.34
C GLN A 131 -28.45 24.11 -23.03
N ASP A 132 -29.07 24.99 -23.83
CA ASP A 132 -30.40 25.60 -23.64
C ASP A 132 -30.68 25.97 -22.19
N GLU A 133 -29.71 26.64 -21.59
CA GLU A 133 -29.81 27.14 -20.23
C GLU A 133 -29.41 28.61 -20.25
N GLU A 134 -30.33 29.47 -19.83
CA GLU A 134 -30.05 30.90 -19.76
C GLU A 134 -29.18 31.17 -18.54
N ILE A 135 -27.94 31.58 -18.78
CA ILE A 135 -26.96 31.82 -17.72
C ILE A 135 -26.66 33.30 -17.66
N TYR A 136 -26.42 33.79 -16.44
CA TYR A 136 -26.17 35.21 -16.27
C TYR A 136 -25.00 35.56 -15.36
N SER A 137 -24.44 34.64 -14.60
CA SER A 137 -23.55 35.00 -13.50
C SER A 137 -22.13 34.50 -13.73
N ASP A 138 -21.28 34.76 -12.74
CA ASP A 138 -19.88 34.40 -12.81
C ASP A 138 -19.69 32.89 -12.66
N LEU A 139 -20.55 32.23 -11.88
CA LEU A 139 -20.61 30.77 -11.75
C LEU A 139 -19.33 30.13 -11.25
N TYR A 140 -19.05 30.24 -9.96
CA TYR A 140 -18.10 29.34 -9.32
C TYR A 140 -18.39 27.90 -9.71
N LEU A 141 -17.44 27.29 -10.40
CA LEU A 141 -17.59 25.97 -10.98
C LEU A 141 -16.77 24.98 -10.18
N THR A 142 -17.35 23.81 -9.92
CA THR A 142 -16.67 22.79 -9.15
C THR A 142 -16.84 21.44 -9.81
N VAL A 143 -15.72 20.78 -10.12
CA VAL A 143 -15.78 19.52 -10.83
C VAL A 143 -15.23 18.43 -9.91
N CYS A 144 -15.80 17.24 -10.05
CA CYS A 144 -15.52 16.14 -9.15
C CYS A 144 -15.60 14.84 -9.90
N GLU A 145 -14.95 13.83 -9.34
CA GLU A 145 -14.94 12.48 -9.87
C GLU A 145 -15.59 11.54 -8.87
N TRP A 146 -16.13 10.44 -9.38
CA TRP A 146 -16.51 9.35 -8.51
C TRP A 146 -15.27 8.69 -7.90
N PRO A 147 -15.43 7.93 -6.79
CA PRO A 147 -14.27 7.26 -6.19
C PRO A 147 -13.62 6.22 -7.11
N SER A 148 -14.40 5.27 -7.60
CA SER A 148 -13.86 4.26 -8.49
C SER A 148 -14.36 4.36 -9.93
N ASP A 149 -15.66 4.62 -10.13
CA ASP A 149 -16.28 4.64 -11.46
C ASP A 149 -15.83 5.90 -12.19
N ALA A 150 -14.64 5.83 -12.78
CA ALA A 150 -13.99 7.00 -13.36
C ALA A 150 -14.31 7.21 -14.83
N SER A 151 -15.35 6.57 -15.34
CA SER A 151 -15.70 6.75 -16.75
C SER A 151 -16.45 8.05 -17.02
N LYS A 152 -16.81 8.80 -15.98
CA LYS A 152 -17.50 10.06 -16.17
C LYS A 152 -17.18 10.97 -15.00
N VAL A 153 -17.18 12.27 -15.26
CA VAL A 153 -17.01 13.25 -14.19
C VAL A 153 -18.30 14.02 -14.07
N ILE A 154 -18.42 14.73 -12.94
CA ILE A 154 -19.61 15.47 -12.61
C ILE A 154 -19.20 16.90 -12.29
N VAL A 155 -20.00 17.86 -12.73
CA VAL A 155 -19.66 19.25 -12.48
C VAL A 155 -20.89 19.99 -11.99
N PHE A 156 -20.71 20.79 -10.94
CA PHE A 156 -21.73 21.65 -10.38
C PHE A 156 -21.33 23.10 -10.63
N GLY A 157 -22.34 23.92 -10.82
CA GLY A 157 -22.10 25.35 -10.94
C GLY A 157 -22.97 26.11 -9.97
N PHE A 158 -22.35 26.92 -9.12
CA PHE A 158 -23.12 27.75 -8.22
C PHE A 158 -22.69 29.20 -8.39
N ASN A 159 -23.69 30.08 -8.46
CA ASN A 159 -23.52 31.51 -8.61
C ASN A 159 -23.36 32.13 -7.22
N THR A 160 -23.53 33.45 -7.14
CA THR A 160 -23.59 34.07 -5.83
C THR A 160 -25.04 34.21 -5.36
N ARG A 161 -25.89 34.84 -6.19
CA ARG A 161 -27.30 34.98 -5.89
C ARG A 161 -28.10 34.86 -7.19
N SER A 162 -29.37 34.49 -7.05
CA SER A 162 -30.18 34.21 -8.22
C SER A 162 -30.69 35.48 -8.89
N ALA A 163 -31.18 35.30 -10.12
CA ALA A 163 -31.85 36.36 -10.85
C ALA A 163 -32.95 35.70 -11.66
N ASN A 164 -34.15 35.64 -11.09
CA ASN A 164 -35.28 35.02 -11.74
C ASN A 164 -36.03 36.05 -12.56
N MET A 173 -36.56 42.02 -10.93
CA MET A 173 -35.84 42.03 -9.66
C MET A 173 -35.08 40.72 -9.44
N SER A 174 -33.78 40.84 -9.18
CA SER A 174 -32.99 39.67 -8.84
C SER A 174 -33.38 39.17 -7.46
N ASP A 175 -33.93 37.95 -7.40
CA ASP A 175 -34.37 37.38 -6.13
C ASP A 175 -33.15 37.03 -5.30
N GLU A 176 -32.98 37.74 -4.17
CA GLU A 176 -31.99 37.34 -3.18
C GLU A 176 -32.34 36.03 -2.51
N ASN A 177 -33.62 35.65 -2.53
CA ASN A 177 -34.13 34.50 -1.82
C ASN A 177 -34.08 33.22 -2.64
N HIS A 178 -33.17 33.11 -3.60
CA HIS A 178 -33.00 31.90 -4.37
C HIS A 178 -31.54 31.73 -4.74
N ARG A 179 -31.17 30.52 -5.12
CA ARG A 179 -29.84 30.28 -5.68
C ARG A 179 -29.96 29.28 -6.81
N ASP A 180 -29.32 29.59 -7.94
CA ASP A 180 -29.28 28.70 -9.09
C ASP A 180 -28.05 27.81 -9.01
N ILE A 181 -28.26 26.50 -8.91
CA ILE A 181 -27.18 25.53 -9.00
C ILE A 181 -27.45 24.66 -10.21
N TYR A 182 -26.44 24.51 -11.06
CA TYR A 182 -26.53 23.64 -12.22
C TYR A 182 -25.71 22.39 -11.98
N VAL A 183 -26.09 21.30 -12.62
CA VAL A 183 -25.35 20.05 -12.54
C VAL A 183 -25.27 19.48 -13.94
N SER A 184 -24.13 18.84 -14.26
CA SER A 184 -24.03 18.06 -15.47
C SER A 184 -22.95 17.01 -15.32
N THR A 185 -23.27 15.79 -15.67
CA THR A 185 -22.29 14.73 -15.81
C THR A 185 -21.87 14.64 -17.27
N VAL A 186 -20.57 14.45 -17.49
CA VAL A 186 -19.99 14.34 -18.81
C VAL A 186 -18.99 13.20 -18.80
N ALA A 187 -18.95 12.41 -19.87
CA ALA A 187 -18.07 11.27 -19.90
C ALA A 187 -16.63 11.70 -20.14
N VAL A 188 -15.71 10.91 -19.64
CA VAL A 188 -14.28 11.18 -19.82
C VAL A 188 -13.93 10.57 -21.18
N PRO A 189 -12.99 11.17 -21.94
CA PRO A 189 -12.56 10.56 -23.20
C PRO A 189 -11.83 9.26 -22.98
N PRO A 190 -12.33 8.16 -23.53
CA PRO A 190 -11.67 6.85 -23.33
C PRO A 190 -10.35 6.79 -24.08
N PRO A 191 -9.25 6.56 -23.38
CA PRO A 191 -7.94 6.53 -24.04
C PRO A 191 -7.72 5.30 -24.90
N GLY A 192 -8.02 4.12 -24.36
CA GLY A 192 -7.91 2.89 -25.10
C GLY A 192 -9.17 2.63 -25.89
N ARG A 193 -9.10 2.90 -27.20
CA ARG A 193 -10.31 2.87 -28.02
C ARG A 193 -10.79 1.43 -28.23
N CYS A 194 -10.01 0.63 -28.94
CA CYS A 194 -10.45 -0.69 -29.37
C CYS A 194 -9.27 -1.55 -29.80
N ASP A 207 -19.78 7.48 -37.35
CA ASP A 207 -19.91 6.03 -37.49
C ASP A 207 -19.95 5.28 -36.15
N PRO A 208 -21.12 5.32 -35.47
CA PRO A 208 -21.26 4.63 -34.17
C PRO A 208 -21.74 3.18 -34.33
N ASN A 209 -20.99 2.39 -35.10
CA ASN A 209 -21.25 0.96 -35.20
C ASN A 209 -20.26 0.13 -34.41
N ALA A 210 -19.32 0.76 -33.72
CA ALA A 210 -18.40 0.08 -32.82
C ALA A 210 -18.81 0.38 -31.39
N GLN A 211 -18.60 -0.59 -30.49
CA GLN A 211 -19.22 -0.54 -29.18
C GLN A 211 -18.45 0.35 -28.20
N CYS A 212 -17.21 -0.01 -27.91
CA CYS A 212 -16.43 0.64 -26.85
C CYS A 212 -15.78 1.94 -27.30
N LEU A 213 -16.30 2.60 -28.32
CA LEU A 213 -15.81 3.92 -28.72
C LEU A 213 -16.75 5.04 -28.33
N ARG A 214 -18.04 4.74 -28.09
CA ARG A 214 -19.03 5.78 -27.83
C ARG A 214 -19.21 5.99 -26.33
N HIS A 215 -18.09 6.27 -25.67
CA HIS A 215 -18.04 6.71 -24.29
C HIS A 215 -17.91 8.23 -24.34
N GLY A 216 -19.00 8.88 -24.72
CA GLY A 216 -19.09 10.31 -24.66
C GLY A 216 -20.56 10.69 -24.72
N PHE A 217 -21.01 11.46 -23.75
CA PHE A 217 -22.42 11.78 -23.53
C PHE A 217 -22.48 12.84 -22.44
N MET A 218 -23.68 13.26 -22.10
CA MET A 218 -23.86 14.45 -21.29
C MET A 218 -25.24 14.41 -20.66
N LEU A 219 -25.34 14.91 -19.43
CA LEU A 219 -26.63 15.05 -18.76
C LEU A 219 -26.58 16.26 -17.84
N HIS A 220 -27.45 17.24 -18.09
CA HIS A 220 -27.47 18.45 -17.30
C HIS A 220 -28.88 18.76 -16.80
N THR A 221 -28.93 19.41 -15.64
CA THR A 221 -30.18 19.85 -15.01
C THR A 221 -29.87 21.05 -14.12
N LYS A 222 -30.76 22.04 -14.15
CA LYS A 222 -30.65 23.26 -13.37
C LYS A 222 -31.69 23.22 -12.26
N TYR A 223 -31.33 23.71 -11.06
CA TYR A 223 -32.32 23.82 -10.01
C TYR A 223 -32.06 25.05 -9.16
N GLN A 224 -33.07 25.41 -8.36
CA GLN A 224 -33.02 26.55 -7.47
C GLN A 224 -33.27 26.11 -6.04
N VAL A 225 -32.51 26.68 -5.11
CA VAL A 225 -32.61 26.34 -3.70
C VAL A 225 -32.88 27.58 -2.86
N VAL A 226 -33.53 27.36 -1.73
CA VAL A 226 -33.97 28.43 -0.84
C VAL A 226 -33.12 28.48 0.41
N PRO A 228 -29.60 30.55 4.99
CA PRO A 228 -30.69 29.64 4.66
C PRO A 228 -30.34 28.67 3.53
N PHE A 229 -29.09 28.64 3.13
CA PHE A 229 -28.85 27.87 1.92
C PHE A 229 -28.16 26.56 2.23
N PRO A 230 -28.46 25.51 1.46
CA PRO A 230 -27.87 24.20 1.73
C PRO A 230 -26.37 24.18 1.46
N THR A 231 -25.76 23.11 1.93
CA THR A 231 -24.33 22.97 1.95
C THR A 231 -23.87 22.07 0.82
N PHE A 232 -22.85 22.52 0.11
CA PHE A 232 -22.16 21.67 -0.83
C PHE A 232 -21.39 20.62 -0.03
N GLN A 233 -21.43 19.38 -0.47
CA GLN A 233 -20.72 18.29 0.20
C GLN A 233 -20.18 17.29 -0.81
N PRO A 234 -19.05 17.58 -1.42
CA PRO A 234 -18.47 16.68 -2.41
C PRO A 234 -17.53 15.64 -1.83
N ALA A 235 -17.97 14.95 -0.78
CA ALA A 235 -17.34 13.68 -0.46
C ALA A 235 -18.42 12.64 -0.18
N PHE A 236 -19.55 13.09 0.35
CA PHE A 236 -20.63 12.18 0.66
C PHE A 236 -21.69 12.14 -0.42
N GLN A 237 -21.84 13.22 -1.18
CA GLN A 237 -22.78 13.19 -2.28
C GLN A 237 -22.31 12.26 -3.38
N LEU A 238 -21.00 12.14 -3.54
CA LEU A 238 -20.37 11.29 -4.53
C LEU A 238 -19.61 10.16 -3.88
N LYS A 239 -20.18 9.53 -2.85
CA LYS A 239 -19.48 8.39 -2.28
C LYS A 239 -19.99 7.08 -2.84
N LYS A 240 -21.29 6.98 -3.10
CA LYS A 240 -21.80 5.83 -3.82
C LYS A 240 -21.42 5.98 -5.28
N ASP A 241 -20.91 4.91 -5.88
CA ASP A 241 -20.51 4.98 -7.28
C ASP A 241 -21.73 5.01 -8.18
N GLN A 242 -21.59 5.72 -9.31
CA GLN A 242 -22.58 5.93 -10.36
C GLN A 242 -23.84 6.65 -9.91
N VAL A 243 -23.85 7.18 -8.70
CA VAL A 243 -25.02 7.87 -8.15
C VAL A 243 -24.56 9.21 -7.62
N VAL A 244 -25.34 10.25 -7.87
CA VAL A 244 -25.09 11.58 -7.32
C VAL A 244 -26.24 11.95 -6.38
N LEU A 245 -25.90 12.65 -5.30
CA LEU A 245 -26.85 13.09 -4.29
C LEU A 245 -26.95 14.60 -4.32
N LEU A 246 -28.16 15.12 -4.43
CA LEU A 246 -28.39 16.55 -4.57
C LEU A 246 -29.44 16.99 -3.57
N ASN A 247 -29.08 17.98 -2.76
CA ASN A 247 -29.96 18.53 -1.73
C ASN A 247 -30.71 19.71 -2.35
N THR A 248 -31.92 19.47 -2.82
CA THR A 248 -32.65 20.52 -3.51
C THR A 248 -33.32 21.51 -2.57
N SER A 249 -33.11 21.39 -1.25
CA SER A 249 -33.68 22.17 -0.15
C SER A 249 -35.17 21.94 0.05
N TYR A 250 -35.80 21.21 -0.86
CA TYR A 250 -37.14 20.71 -0.67
C TYR A 250 -37.16 19.21 -0.75
N SER A 251 -36.05 18.61 -1.17
CA SER A 251 -35.96 17.16 -1.34
C SER A 251 -34.48 16.80 -1.40
N LEU A 252 -34.21 15.50 -1.43
CA LEU A 252 -32.87 14.97 -1.67
C LEU A 252 -32.98 13.94 -2.76
N VAL A 253 -32.23 14.12 -3.85
CA VAL A 253 -32.39 13.30 -5.03
C VAL A 253 -31.09 12.58 -5.36
N ALA A 254 -31.20 11.27 -5.58
CA ALA A 254 -30.08 10.44 -5.98
C ALA A 254 -30.31 9.99 -7.42
N CYS A 255 -29.41 10.38 -8.31
CA CYS A 255 -29.52 10.14 -9.73
C CYS A 255 -28.49 9.10 -10.14
N ALA A 256 -28.92 8.11 -10.92
CA ALA A 256 -28.08 6.99 -11.30
C ALA A 256 -28.20 6.76 -12.80
N VAL A 257 -27.06 6.69 -13.48
CA VAL A 257 -26.99 6.54 -14.94
C VAL A 257 -26.51 5.13 -15.26
N SER A 258 -26.99 4.59 -16.37
CA SER A 258 -26.76 3.17 -16.68
C SER A 258 -26.46 2.99 -18.16
N VAL A 259 -25.28 2.45 -18.46
CA VAL A 259 -24.85 2.18 -19.83
C VAL A 259 -24.81 0.68 -20.04
N HIS A 260 -25.03 0.27 -21.28
CA HIS A 260 -24.99 -1.14 -21.65
C HIS A 260 -24.10 -1.40 -22.85
N SER A 266 -27.98 -5.40 -12.28
CA SER A 266 -28.19 -4.59 -13.47
C SER A 266 -28.94 -3.30 -13.17
N PHE A 267 -29.29 -3.10 -11.89
CA PHE A 267 -29.93 -1.88 -11.43
C PHE A 267 -29.25 -1.45 -10.15
N CYS A 268 -29.03 -0.15 -9.99
CA CYS A 268 -28.43 0.40 -8.78
C CYS A 268 -29.44 1.24 -8.01
N GLN A 269 -30.70 0.82 -8.02
CA GLN A 269 -31.79 1.55 -7.36
C GLN A 269 -32.70 0.52 -6.69
N ILE A 270 -33.93 0.92 -6.41
CA ILE A 270 -34.78 0.19 -5.48
C ILE A 270 -35.18 -1.17 -6.03
N LEU A 271 -34.92 -2.21 -5.24
CA LEU A 271 -35.42 -3.55 -5.54
C LEU A 271 -36.00 -4.18 -4.27
N VAL A 419 -36.74 15.61 -10.09
CA VAL A 419 -36.39 16.59 -11.09
C VAL A 419 -36.35 15.86 -12.43
N VAL A 420 -36.42 16.59 -13.53
CA VAL A 420 -36.34 16.01 -14.87
C VAL A 420 -35.07 16.51 -15.55
N THR A 421 -34.39 15.60 -16.23
CA THR A 421 -33.02 15.82 -16.69
C THR A 421 -32.98 16.19 -18.16
N ASP A 422 -31.76 16.45 -18.63
CA ASP A 422 -31.50 16.73 -20.04
C ASP A 422 -30.32 15.88 -20.46
N LEU A 423 -30.59 14.83 -21.24
CA LEU A 423 -29.57 13.92 -21.72
C LEU A 423 -29.22 14.25 -23.18
N ARG A 424 -27.95 14.08 -23.51
CA ARG A 424 -27.43 14.51 -24.81
C ARG A 424 -26.18 13.70 -25.13
N GLY A 425 -25.83 13.63 -26.41
CA GLY A 425 -24.58 12.98 -26.77
C GLY A 425 -23.42 13.93 -26.94
N ARG A 426 -23.56 14.86 -27.85
CA ARG A 426 -22.79 16.09 -27.88
C ARG A 426 -23.67 17.29 -28.11
N ASN A 427 -24.68 17.16 -28.97
CA ASN A 427 -25.72 18.17 -29.14
C ASN A 427 -27.12 17.58 -29.26
N LEU A 428 -27.26 16.32 -29.64
CA LEU A 428 -28.56 15.74 -29.96
C LEU A 428 -29.30 15.38 -28.69
N ARG A 429 -30.51 14.84 -28.83
CA ARG A 429 -31.39 14.57 -27.71
C ARG A 429 -31.98 13.19 -27.85
N PRO A 430 -31.33 12.17 -27.29
CA PRO A 430 -31.78 10.79 -27.53
C PRO A 430 -33.06 10.39 -26.80
N MET A 431 -33.38 9.10 -26.86
CA MET A 431 -34.57 8.56 -26.23
C MET A 431 -34.21 7.98 -24.86
N ARG A 432 -35.07 8.24 -23.87
CA ARG A 432 -34.92 7.70 -22.53
C ARG A 432 -35.06 6.19 -22.45
N GLN A 440 -25.67 -0.87 -27.04
CA GLN A 440 -25.14 0.06 -26.04
C GLN A 440 -26.13 1.19 -25.80
N TYR A 441 -26.98 1.05 -24.79
CA TYR A 441 -27.99 2.05 -24.51
C TYR A 441 -27.87 2.51 -23.07
N LEU A 442 -28.46 3.68 -22.81
CA LEU A 442 -28.33 4.38 -21.54
C LEU A 442 -29.71 4.68 -20.99
N THR A 443 -29.92 4.36 -19.72
CA THR A 443 -31.15 4.73 -19.00
C THR A 443 -30.79 5.32 -17.66
N VAL A 444 -31.62 6.26 -17.20
CA VAL A 444 -31.42 6.91 -15.91
C VAL A 444 -32.52 6.48 -14.97
N GLU A 445 -32.21 6.55 -13.68
CA GLU A 445 -33.21 6.34 -12.64
C GLU A 445 -32.87 7.25 -11.47
N GLN A 446 -33.88 7.93 -10.96
CA GLN A 446 -33.70 8.88 -9.89
C GLN A 446 -34.66 8.53 -8.77
N LEU A 447 -34.13 8.46 -7.54
CA LEU A 447 -34.97 8.33 -6.37
C LEU A 447 -34.94 9.65 -5.59
N THR A 448 -36.06 9.98 -4.97
CA THR A 448 -36.27 11.33 -4.46
C THR A 448 -36.94 11.24 -3.10
N LEU A 449 -36.30 11.84 -2.10
CA LEU A 449 -36.76 11.82 -0.71
C LEU A 449 -37.31 13.20 -0.37
N ASP A 450 -38.61 13.29 -0.15
CA ASP A 450 -39.27 14.54 0.18
C ASP A 450 -39.21 14.81 1.67
N PHE A 451 -38.88 16.04 2.04
CA PHE A 451 -38.57 16.31 3.43
C PHE A 451 -39.83 16.43 4.28
N GLU A 452 -40.88 17.04 3.74
CA GLU A 452 -42.08 17.32 4.55
C GLU A 452 -42.81 16.04 4.92
N TYR A 453 -42.94 15.13 3.97
CA TYR A 453 -43.59 13.84 4.22
C TYR A 453 -42.83 13.02 5.24
N VAL A 454 -41.50 13.03 5.15
CA VAL A 454 -40.72 12.23 6.09
C VAL A 454 -40.68 12.90 7.47
N ILE A 455 -40.81 14.23 7.53
CA ILE A 455 -40.85 14.90 8.82
C ILE A 455 -42.17 14.63 9.51
N ASN A 456 -43.26 14.62 8.73
CA ASN A 456 -44.56 14.30 9.33
C ASN A 456 -44.63 12.84 9.77
N GLU A 457 -44.02 11.93 9.01
CA GLU A 457 -44.05 10.53 9.42
C GLU A 457 -43.14 10.27 10.61
N VAL A 458 -42.01 10.98 10.71
CA VAL A 458 -41.13 10.76 11.86
C VAL A 458 -41.68 11.46 13.10
N ILE A 459 -42.50 12.49 12.93
CA ILE A 459 -43.10 13.11 14.10
C ILE A 459 -44.30 12.30 14.57
N ARG A 460 -45.08 11.75 13.64
CA ARG A 460 -46.28 11.02 14.02
C ARG A 460 -45.98 9.70 14.71
N HIS A 461 -44.75 9.21 14.67
CA HIS A 461 -44.42 7.94 15.30
C HIS A 461 -43.31 8.03 16.33
N ASP A 462 -42.20 8.69 16.00
CA ASP A 462 -41.06 8.80 16.91
C ASP A 462 -40.90 10.27 17.34
N ALA A 463 -41.64 10.64 18.38
CA ALA A 463 -41.50 11.97 18.96
C ALA A 463 -41.97 11.87 20.40
N THR A 464 -41.01 11.83 21.33
CA THR A 464 -41.37 11.76 22.75
C THR A 464 -41.96 13.06 23.27
N TRP A 465 -41.79 14.15 22.54
CA TRP A 465 -42.39 15.43 22.90
C TRP A 465 -43.46 15.86 21.91
N GLY A 466 -43.62 15.13 20.81
CA GLY A 466 -44.45 15.60 19.71
C GLY A 466 -45.93 15.54 19.94
N HIS A 467 -46.43 16.32 20.90
CA HIS A 467 -47.87 16.47 21.07
C HIS A 467 -48.23 17.94 21.22
N GLN A 468 -47.29 18.74 21.73
CA GLN A 468 -47.43 20.18 21.72
C GLN A 468 -47.08 20.77 20.37
N PHE A 469 -46.56 19.97 19.46
CA PHE A 469 -46.20 20.42 18.13
C PHE A 469 -47.44 20.73 17.31
N CYS A 470 -47.36 21.80 16.52
CA CYS A 470 -48.39 22.04 15.50
C CYS A 470 -47.83 22.10 14.09
N SER A 471 -46.84 22.93 13.82
CA SER A 471 -46.33 23.13 12.46
C SER A 471 -44.82 23.30 12.51
N PHE A 472 -44.21 23.46 11.33
CA PHE A 472 -42.77 23.63 11.22
C PHE A 472 -42.45 24.55 10.06
N SER A 473 -41.44 25.41 10.26
CA SER A 473 -41.11 26.44 9.27
C SER A 473 -39.96 26.06 8.35
N ASP A 474 -38.77 25.84 8.89
CA ASP A 474 -37.58 25.76 8.06
C ASP A 474 -36.66 24.66 8.57
N TYR A 475 -35.94 24.04 7.65
CA TYR A 475 -35.07 22.95 8.02
C TYR A 475 -33.87 22.90 7.11
N ASP A 476 -32.74 22.49 7.67
CA ASP A 476 -31.50 22.30 6.94
C ASP A 476 -31.07 20.85 7.10
N ILE A 477 -30.59 20.26 6.02
CA ILE A 477 -30.27 18.85 5.98
C ILE A 477 -28.80 18.70 5.65
N VAL A 478 -28.08 18.03 6.53
CA VAL A 478 -26.67 17.75 6.33
C VAL A 478 -26.55 16.24 6.16
N ILE A 479 -25.66 15.81 5.29
CA ILE A 479 -25.39 14.39 5.12
C ILE A 479 -24.15 14.04 5.93
N LEU A 480 -24.30 13.12 6.86
CA LEU A 480 -23.25 12.72 7.79
C LEU A 480 -22.41 11.58 7.24
N GLU A 481 -23.04 10.45 6.91
CA GLU A 481 -22.31 9.30 6.40
C GLU A 481 -23.16 8.57 5.38
N VAL A 482 -22.52 8.13 4.30
CA VAL A 482 -23.16 7.35 3.24
C VAL A 482 -22.48 6.01 3.19
N CYS A 483 -23.22 4.95 3.51
CA CYS A 483 -22.63 3.62 3.37
C CYS A 483 -23.00 3.07 2.00
N PRO A 484 -22.03 2.85 1.11
CA PRO A 484 -22.38 2.34 -0.22
C PRO A 484 -22.84 0.90 -0.21
N GLU A 485 -22.26 0.06 0.66
CA GLU A 485 -22.56 -1.35 0.63
C GLU A 485 -23.94 -1.65 1.19
N THR A 486 -24.36 -0.93 2.22
CA THR A 486 -25.71 -1.09 2.71
C THR A 486 -26.69 -0.20 1.98
N ASN A 487 -26.20 0.68 1.09
CA ASN A 487 -26.99 1.69 0.39
C ASN A 487 -27.78 2.55 1.37
N GLN A 488 -27.08 3.04 2.39
CA GLN A 488 -27.72 3.88 3.38
C GLN A 488 -26.95 5.17 3.54
N VAL A 489 -27.69 6.27 3.60
CA VAL A 489 -27.14 7.62 3.76
C VAL A 489 -27.79 8.24 4.99
N LEU A 490 -26.96 8.79 5.88
CA LEU A 490 -27.44 9.37 7.13
C LEU A 490 -27.60 10.86 6.94
N ILE A 491 -28.79 11.37 7.23
CA ILE A 491 -29.10 12.78 7.09
C ILE A 491 -29.52 13.34 8.44
N ASN A 492 -28.71 14.25 8.94
CA ASN A 492 -29.10 15.11 10.04
C ASN A 492 -30.07 16.16 9.50
N ILE A 493 -31.11 16.44 10.28
CA ILE A 493 -32.20 17.33 9.85
C ILE A 493 -32.44 18.35 10.95
N GLY A 494 -32.06 19.60 10.71
CA GLY A 494 -32.27 20.61 11.73
C GLY A 494 -33.55 21.39 11.59
N LEU A 495 -34.58 20.97 12.29
CA LEU A 495 -35.93 21.45 12.05
C LEU A 495 -36.18 22.71 12.87
N LEU A 496 -37.21 23.48 12.46
CA LEU A 496 -37.72 24.61 13.22
C LEU A 496 -39.23 24.40 13.35
N LEU A 497 -39.63 23.65 14.36
CA LEU A 497 -41.06 23.47 14.59
C LEU A 497 -41.57 24.56 15.53
N LEU A 498 -42.86 24.50 15.81
CA LEU A 498 -43.48 25.42 16.75
C LEU A 498 -44.30 24.62 17.74
N ALA A 499 -44.01 24.82 19.02
CA ALA A 499 -44.66 24.09 20.09
C ALA A 499 -44.56 24.89 21.37
N PRO A 511 -47.87 28.79 21.19
CA PRO A 511 -46.62 28.03 21.07
C PRO A 511 -45.41 28.92 20.83
N LYS A 512 -44.23 28.31 20.79
CA LYS A 512 -42.96 29.02 20.74
C LYS A 512 -42.08 28.45 19.64
N THR A 513 -41.11 29.25 19.21
CA THR A 513 -40.17 28.83 18.17
C THR A 513 -39.17 27.82 18.73
N TYR A 514 -39.22 26.61 18.19
CA TYR A 514 -38.47 25.48 18.72
C TYR A 514 -37.66 24.79 17.64
N HIS A 515 -36.43 24.41 17.98
CA HIS A 515 -35.55 23.73 17.05
C HIS A 515 -35.15 22.37 17.61
N THR A 516 -34.84 21.46 16.70
CA THR A 516 -34.31 20.15 17.07
C THR A 516 -33.01 19.87 16.32
N SER A 517 -32.56 18.61 16.36
CA SER A 517 -31.53 18.09 15.45
C SER A 517 -31.82 16.60 15.26
N LEU A 518 -32.61 16.28 14.25
CA LEU A 518 -32.98 14.91 13.96
C LEU A 518 -31.88 14.15 13.25
N LYS A 519 -31.96 12.82 13.26
CA LYS A 519 -31.07 11.96 12.50
C LYS A 519 -31.90 10.86 11.85
N VAL A 520 -31.76 10.71 10.53
CA VAL A 520 -32.59 9.81 9.73
C VAL A 520 -31.69 9.01 8.79
N ALA A 521 -31.84 7.69 8.80
CA ALA A 521 -31.10 6.86 7.86
C ALA A 521 -31.98 6.47 6.68
N TRP A 522 -31.42 6.59 5.48
CA TRP A 522 -32.15 6.35 4.24
C TRP A 522 -31.55 5.15 3.53
N ASP A 523 -32.40 4.16 3.24
CA ASP A 523 -31.98 2.92 2.62
C ASP A 523 -32.41 2.93 1.15
N LEU A 524 -31.43 3.10 0.26
CA LEU A 524 -31.70 3.28 -1.16
C LEU A 524 -32.08 1.99 -1.87
N ASN A 525 -32.05 0.85 -1.18
CA ASN A 525 -32.33 -0.41 -1.84
C ASN A 525 -33.81 -0.69 -1.93
N THR A 526 -34.62 -0.01 -1.14
CA THR A 526 -36.06 -0.17 -1.21
C THR A 526 -36.76 1.08 -0.72
N PHE A 529 -37.65 3.64 1.02
CA PHE A 529 -37.93 3.26 2.39
C PHE A 529 -37.03 4.03 3.31
N GLU A 530 -37.51 4.29 4.52
CA GLU A 530 -36.78 5.12 5.46
C GLU A 530 -36.86 4.52 6.85
N THR A 531 -35.75 4.60 7.59
CA THR A 531 -35.67 4.15 8.97
C THR A 531 -35.22 5.30 9.86
N VAL A 532 -35.83 5.40 11.03
CA VAL A 532 -35.51 6.44 11.99
C VAL A 532 -34.25 6.07 12.73
N SER A 533 -33.43 7.06 13.07
CA SER A 533 -32.34 6.83 14.00
C SER A 533 -32.49 7.65 15.27
N VAL A 534 -32.65 8.97 15.20
CA VAL A 534 -32.76 9.79 16.41
C VAL A 534 -33.83 10.84 16.18
N GLY A 535 -34.87 10.83 17.02
CA GLY A 535 -35.75 11.97 17.17
C GLY A 535 -35.37 12.74 18.41
N ASP A 536 -34.60 13.80 18.26
CA ASP A 536 -33.91 14.44 19.38
C ASP A 536 -34.85 15.36 20.16
N LEU A 537 -34.26 16.23 20.97
CA LEU A 537 -34.97 17.04 21.96
C LEU A 537 -35.71 18.21 21.31
N THR A 538 -36.21 19.10 22.18
CA THR A 538 -36.85 20.35 21.77
C THR A 538 -36.20 21.49 22.53
N GLU A 539 -35.92 22.59 21.84
CA GLU A 539 -35.14 23.66 22.44
C GLU A 539 -35.61 25.01 21.94
N VAL A 540 -35.72 25.98 22.85
CA VAL A 540 -36.02 27.35 22.45
C VAL A 540 -34.77 27.96 21.81
N LYS A 541 -34.99 28.85 20.86
CA LYS A 541 -33.92 29.51 20.12
C LYS A 541 -33.00 30.33 21.04
N GLN A 543 -30.35 34.32 21.90
CA GLN A 543 -31.40 34.35 20.88
C GLN A 543 -30.91 35.09 19.64
N THR A 544 -30.49 34.33 18.63
CA THR A 544 -29.94 34.90 17.41
C THR A 544 -30.61 34.28 16.20
N SER A 545 -30.89 35.11 15.20
CA SER A 545 -31.49 34.66 13.96
C SER A 545 -30.41 34.15 13.01
N GLY A 546 -30.63 32.96 12.46
CA GLY A 546 -29.68 32.35 11.56
C GLY A 546 -28.53 31.63 12.23
N SER A 547 -28.17 32.03 13.44
CA SER A 547 -27.10 31.36 14.16
C SER A 547 -27.52 30.01 14.69
N VAL A 548 -28.82 29.72 14.70
CA VAL A 548 -29.29 28.36 14.96
C VAL A 548 -28.74 27.40 13.89
N TRP A 549 -28.72 27.84 12.63
CA TRP A 549 -28.24 26.98 11.56
C TRP A 549 -26.74 26.81 11.62
N SER A 550 -26.00 27.88 11.92
CA SER A 550 -24.54 27.75 11.94
C SER A 550 -24.10 26.95 13.15
N SER A 551 -24.79 27.09 14.27
CA SER A 551 -24.49 26.26 15.44
C SER A 551 -24.82 24.81 15.14
N TYR A 552 -25.90 24.58 14.39
CA TYR A 552 -26.31 23.24 14.01
C TYR A 552 -25.32 22.57 13.07
N ARG A 553 -24.83 23.31 12.08
CA ARG A 553 -23.84 22.73 11.18
C ARG A 553 -22.48 22.60 11.85
N LYS A 554 -22.21 23.44 12.86
CA LYS A 554 -21.06 23.22 13.73
C LYS A 554 -21.19 21.89 14.44
N SER A 555 -22.40 21.54 14.86
CA SER A 555 -22.62 20.23 15.49
C SER A 555 -22.41 19.10 14.49
N CYS A 556 -22.83 19.32 13.23
CA CYS A 556 -22.71 18.25 12.24
C CYS A 556 -21.26 18.00 11.85
N VAL A 557 -20.46 19.05 11.67
CA VAL A 557 -19.05 18.85 11.42
C VAL A 557 -18.32 18.37 12.67
N ASP A 558 -18.86 18.66 13.85
CA ASP A 558 -18.30 18.07 15.07
C ASP A 558 -18.54 16.58 15.11
N MET A 559 -19.71 16.13 14.65
CA MET A 559 -19.98 14.70 14.64
C MET A 559 -19.17 13.97 13.57
N VAL A 560 -19.09 14.54 12.37
CA VAL A 560 -18.37 13.88 11.29
C VAL A 560 -16.87 13.88 11.55
N MET A 561 -16.33 14.99 12.05
CA MET A 561 -14.92 15.04 12.40
C MET A 561 -14.57 14.17 13.59
N LYS A 562 -15.56 13.78 14.38
CA LYS A 562 -15.36 12.78 15.42
C LYS A 562 -15.42 11.38 14.86
N TRP A 563 -16.27 11.15 13.85
CA TRP A 563 -16.58 9.83 13.36
C TRP A 563 -15.94 9.52 12.01
N LEU A 564 -14.77 10.08 11.75
CA LEU A 564 -14.17 9.86 10.44
C LEU A 564 -13.37 8.58 10.44
N VAL A 565 -13.32 7.94 9.27
CA VAL A 565 -12.42 6.84 8.99
C VAL A 565 -11.57 7.31 7.82
N PRO A 566 -10.25 7.36 7.93
CA PRO A 566 -9.43 8.02 6.91
C PRO A 566 -9.40 7.23 5.61
N GLU A 567 -10.09 7.71 4.59
CA GLU A 567 -10.30 6.92 3.39
C GLU A 567 -9.02 6.83 2.59
N SER A 568 -8.96 5.82 1.72
CA SER A 568 -7.73 5.46 1.06
C SER A 568 -7.42 6.41 -0.09
N SER A 569 -6.21 6.30 -0.60
CA SER A 569 -5.96 6.76 -1.95
C SER A 569 -6.71 5.83 -2.91
N GLY A 570 -7.12 6.39 -4.03
CA GLY A 570 -7.89 5.58 -4.96
C GLY A 570 -9.38 5.68 -4.73
N ARG A 571 -9.86 5.30 -3.55
CA ARG A 571 -11.28 5.35 -3.26
C ARG A 571 -11.74 6.68 -2.67
N TYR A 572 -10.98 7.75 -2.91
CA TYR A 572 -11.39 9.07 -2.44
C TYR A 572 -11.92 9.89 -3.61
N VAL A 573 -12.59 10.98 -3.27
CA VAL A 573 -13.19 11.87 -4.27
C VAL A 573 -12.28 13.07 -4.44
N ASN A 574 -11.85 13.31 -5.67
CA ASN A 574 -11.04 14.48 -5.97
C ASN A 574 -11.95 15.62 -6.41
N ARG A 575 -11.62 16.82 -5.97
CA ARG A 575 -12.35 18.02 -6.34
C ARG A 575 -11.39 19.02 -6.95
N MET A 576 -11.74 19.54 -8.13
CA MET A 576 -11.03 20.65 -8.72
C MET A 576 -11.94 21.86 -8.74
N THR A 577 -11.41 22.99 -8.30
CA THR A 577 -12.11 24.26 -8.30
C THR A 577 -11.06 25.36 -8.24
N ASN A 578 -11.21 26.39 -9.07
CA ASN A 578 -10.38 27.57 -8.97
C ASN A 578 -11.27 28.74 -8.55
N GLU A 579 -10.83 29.45 -7.52
CA GLU A 579 -11.67 30.43 -6.80
C GLU A 579 -11.51 31.79 -7.48
N ALA A 580 -12.46 32.13 -8.34
CA ALA A 580 -12.46 33.43 -9.01
C ALA A 580 -13.89 33.84 -9.39
N VAL A 589 -2.58 27.20 -8.49
CA VAL A 589 -1.61 26.13 -8.46
C VAL A 589 -2.31 24.78 -8.58
N LEU A 590 -1.85 23.97 -9.52
CA LEU A 590 -2.37 22.62 -9.71
C LEU A 590 -1.30 21.62 -9.29
N ALA A 591 -1.56 20.90 -8.21
CA ALA A 591 -0.59 19.95 -7.69
C ALA A 591 -1.16 18.54 -7.82
N ASP A 592 -0.56 17.74 -8.68
CA ASP A 592 -0.82 16.30 -8.70
C ASP A 592 0.24 15.69 -7.81
N SER A 593 -0.12 15.48 -6.54
CA SER A 593 0.83 14.98 -5.55
C SER A 593 1.15 13.51 -5.74
N GLU A 594 0.30 12.76 -6.45
CA GLU A 594 0.68 11.41 -6.83
C GLU A 594 1.77 11.43 -7.89
N ARG A 595 1.51 12.11 -9.01
CA ARG A 595 2.48 12.21 -10.09
C ARG A 595 3.55 13.27 -9.81
N TYR A 596 3.47 13.97 -8.67
CA TYR A 596 4.46 14.96 -8.22
C TYR A 596 4.66 16.08 -9.23
N THR A 597 3.55 16.60 -9.75
CA THR A 597 3.58 17.68 -10.73
C THR A 597 3.04 18.96 -10.10
N TRP A 598 3.79 20.05 -10.26
CA TRP A 598 3.41 21.37 -9.78
C TRP A 598 3.17 22.28 -10.98
N ILE A 599 2.01 22.93 -10.98
CA ILE A 599 1.68 23.97 -11.94
C ILE A 599 1.50 25.23 -11.12
N VAL A 600 2.57 26.00 -10.94
CA VAL A 600 2.45 27.25 -10.19
C VAL A 600 1.91 28.33 -11.11
N LEU A 601 1.22 29.30 -10.53
CA LEU A 601 0.45 30.24 -11.31
C LEU A 601 0.99 31.66 -11.15
N MET B 1 -3.60 -9.13 -27.53
CA MET B 1 -2.97 -10.30 -28.12
C MET B 1 -1.49 -10.39 -27.73
N SER B 2 -1.25 -10.84 -26.51
CA SER B 2 0.10 -11.20 -26.08
C SER B 2 -0.05 -12.29 -25.03
N TYR B 3 0.73 -13.34 -25.17
CA TYR B 3 0.54 -14.53 -24.35
C TYR B 3 1.85 -14.90 -23.69
N ASN B 4 1.82 -15.01 -22.36
CA ASN B 4 3.01 -15.36 -21.61
C ASN B 4 2.69 -16.43 -20.59
N TYR B 5 3.75 -17.10 -20.14
CA TYR B 5 3.67 -18.24 -19.26
C TYR B 5 4.70 -18.06 -18.17
N VAL B 6 4.26 -18.04 -16.92
CA VAL B 6 5.10 -17.76 -15.78
C VAL B 6 5.16 -18.98 -14.88
N VAL B 7 6.38 -19.37 -14.52
CA VAL B 7 6.59 -20.55 -13.72
C VAL B 7 7.70 -20.23 -12.74
N THR B 8 7.79 -21.01 -11.69
CA THR B 8 8.68 -20.70 -10.57
C THR B 8 9.89 -21.61 -10.61
N ALA B 9 11.02 -21.07 -11.04
CA ALA B 9 12.24 -21.86 -11.08
C ALA B 9 12.86 -22.08 -9.72
N GLN B 10 12.37 -21.38 -8.69
CA GLN B 10 12.93 -21.47 -7.35
C GLN B 10 11.89 -20.91 -6.41
N LYS B 11 11.37 -21.74 -5.52
CA LYS B 11 10.34 -21.30 -4.61
C LYS B 11 10.94 -20.31 -3.61
N PRO B 12 10.13 -19.38 -3.08
CA PRO B 12 10.68 -18.33 -2.21
C PRO B 12 11.27 -18.91 -0.93
N THR B 13 12.46 -18.44 -0.59
CA THR B 13 13.21 -19.04 0.48
C THR B 13 13.28 -18.21 1.75
N ALA B 14 12.87 -16.95 1.71
CA ALA B 14 13.00 -16.08 2.87
C ALA B 14 11.84 -16.28 3.83
N VAL B 15 12.16 -16.36 5.10
CA VAL B 15 11.17 -16.67 6.13
C VAL B 15 10.37 -15.43 6.43
N ASN B 16 9.06 -15.53 6.25
CA ASN B 16 8.17 -14.43 6.54
C ASN B 16 7.65 -14.49 7.97
N GLY B 17 7.58 -15.67 8.57
CA GLY B 17 7.22 -15.74 9.96
C GLY B 17 7.24 -17.17 10.47
N CYS B 18 7.21 -17.31 11.79
CA CYS B 18 7.30 -18.63 12.39
C CYS B 18 6.45 -18.71 13.65
N VAL B 19 5.86 -19.87 13.88
CA VAL B 19 5.02 -20.10 15.06
C VAL B 19 5.29 -21.53 15.53
N THR B 20 4.95 -21.83 16.77
CA THR B 20 5.31 -23.09 17.40
C THR B 20 4.11 -23.65 18.12
N GLY B 21 3.96 -24.96 18.15
CA GLY B 21 2.88 -25.50 18.94
C GLY B 21 2.56 -26.91 18.55
N HIS B 22 1.67 -27.49 19.34
CA HIS B 22 1.28 -28.88 19.15
C HIS B 22 0.18 -28.92 18.11
N PHE B 23 0.61 -28.96 16.84
CA PHE B 23 -0.29 -28.88 15.70
C PHE B 23 -0.60 -30.24 15.10
N THR B 24 0.41 -31.04 14.77
CA THR B 24 0.15 -32.33 14.12
C THR B 24 -0.53 -33.30 15.07
N SER B 25 -0.22 -33.22 16.36
CA SER B 25 -0.99 -33.91 17.37
C SER B 25 -0.88 -33.12 18.65
N ALA B 26 -1.29 -33.73 19.75
CA ALA B 26 -1.26 -33.03 21.03
C ALA B 26 0.11 -33.02 21.66
N GLU B 27 1.02 -33.89 21.21
CA GLU B 27 2.22 -34.17 21.97
C GLU B 27 3.52 -33.87 21.24
N ASP B 28 3.47 -33.36 20.02
CA ASP B 28 4.63 -33.25 19.15
C ASP B 28 4.91 -31.79 18.80
N LEU B 29 6.12 -31.33 19.12
CA LEU B 29 6.42 -29.91 19.05
C LEU B 29 6.57 -29.43 17.61
N ASN B 30 5.47 -29.03 16.98
CA ASN B 30 5.51 -28.57 15.61
C ASN B 30 6.12 -27.20 15.52
N LEU B 31 6.93 -26.99 14.49
CA LEU B 31 7.44 -25.68 14.13
C LEU B 31 6.91 -25.34 12.76
N LEU B 32 6.08 -24.31 12.67
CA LEU B 32 5.46 -23.93 11.42
C LEU B 32 6.14 -22.68 10.91
N ILE B 33 6.52 -22.70 9.64
CA ILE B 33 7.13 -21.54 9.00
C ILE B 33 6.26 -21.12 7.84
N ALA B 34 6.13 -19.82 7.64
CA ALA B 34 5.54 -19.26 6.45
C ALA B 34 6.64 -18.55 5.69
N LYS B 35 6.91 -19.02 4.47
CA LYS B 35 7.78 -18.37 3.51
C LYS B 35 6.91 -17.91 2.35
N ASN B 36 6.30 -16.74 2.53
CA ASN B 36 5.74 -15.87 1.52
C ASN B 36 4.50 -16.40 0.78
N THR B 37 4.38 -17.70 0.61
CA THR B 37 3.09 -18.36 0.39
C THR B 37 3.13 -19.80 0.82
N ARG B 38 4.24 -20.29 1.34
CA ARG B 38 4.44 -21.69 1.60
C ARG B 38 4.43 -21.89 3.10
N LEU B 39 3.57 -22.77 3.57
CA LEU B 39 3.49 -23.07 4.98
C LEU B 39 4.15 -24.43 5.19
N GLU B 40 5.32 -24.43 5.80
CA GLU B 40 6.13 -25.62 5.99
C GLU B 40 6.02 -26.06 7.44
N ILE B 41 5.44 -27.21 7.65
CA ILE B 41 5.23 -27.77 8.98
C ILE B 41 6.37 -28.72 9.29
N TYR B 42 6.90 -28.64 10.50
CA TYR B 42 8.01 -29.51 10.89
C TYR B 42 7.66 -30.16 12.21
N VAL B 43 8.20 -31.35 12.46
CA VAL B 43 8.16 -31.95 13.78
C VAL B 43 9.56 -31.94 14.35
N VAL B 44 9.70 -31.38 15.55
CA VAL B 44 10.94 -31.48 16.30
C VAL B 44 11.15 -32.91 16.74
N THR B 45 12.29 -33.50 16.36
CA THR B 45 12.64 -34.85 16.78
C THR B 45 14.12 -34.90 17.16
N ALA B 46 14.61 -36.13 17.36
CA ALA B 46 15.90 -36.34 18.00
C ALA B 46 17.06 -36.02 17.08
N GLU B 47 17.00 -36.48 15.83
CA GLU B 47 17.97 -36.05 14.83
C GLU B 47 17.77 -34.59 14.46
N GLY B 48 16.58 -34.05 14.66
CA GLY B 48 16.33 -32.67 14.38
C GLY B 48 14.96 -32.45 13.79
N LEU B 49 14.86 -31.48 12.91
CA LEU B 49 13.59 -31.09 12.34
C LEU B 49 13.24 -32.04 11.22
N ARG B 50 12.29 -32.93 11.47
CA ARG B 50 11.80 -33.81 10.43
C ARG B 50 10.67 -33.10 9.72
N PRO B 51 10.83 -32.72 8.46
CA PRO B 51 9.81 -31.91 7.79
C PRO B 51 8.61 -32.76 7.42
N VAL B 52 7.43 -32.25 7.71
CA VAL B 52 6.22 -33.04 7.54
C VAL B 52 5.61 -32.75 6.19
N LYS B 53 5.17 -31.51 6.00
CA LYS B 53 4.42 -31.14 4.81
C LYS B 53 4.99 -29.86 4.25
N GLU B 54 4.35 -29.40 3.18
CA GLU B 54 4.51 -28.03 2.72
C GLU B 54 3.21 -27.70 2.03
N VAL B 55 2.32 -27.11 2.74
CA VAL B 55 1.02 -26.78 2.20
C VAL B 55 1.11 -25.41 1.54
N GLY B 56 0.63 -25.33 0.30
CA GLY B 56 0.72 -24.09 -0.44
C GLY B 56 -0.58 -23.32 -0.43
N MET B 57 -0.58 -22.17 0.21
CA MET B 57 -1.75 -21.32 0.25
C MET B 57 -1.76 -20.40 -0.97
N TYR B 58 -2.96 -20.01 -1.38
CA TYR B 58 -3.11 -19.03 -2.44
C TYR B 58 -3.15 -17.63 -1.84
N GLY B 59 -1.99 -17.18 -1.39
CA GLY B 59 -1.90 -15.82 -0.89
C GLY B 59 -0.57 -15.59 -0.20
N LYS B 60 -0.29 -14.32 0.01
CA LYS B 60 0.85 -13.95 0.82
C LYS B 60 0.44 -14.04 2.29
N ILE B 61 1.01 -14.99 3.01
CA ILE B 61 0.64 -15.24 4.39
C ILE B 61 1.22 -14.15 5.28
N ALA B 62 0.34 -13.33 5.89
CA ALA B 62 0.76 -12.23 6.72
C ALA B 62 0.46 -12.42 8.19
N VAL B 63 -0.62 -13.09 8.54
CA VAL B 63 -0.95 -13.42 9.91
C VAL B 63 -1.02 -14.93 10.01
N MET B 64 -0.23 -15.50 10.91
CA MET B 64 -0.18 -16.94 11.09
C MET B 64 0.05 -17.19 12.57
N GLU B 65 -0.98 -17.65 13.27
CA GLU B 65 -0.88 -17.80 14.70
C GLU B 65 -1.61 -19.05 15.15
N LEU B 66 -1.06 -19.71 16.15
CA LEU B 66 -1.56 -20.97 16.67
C LEU B 66 -2.36 -20.72 17.93
N PHE B 67 -3.63 -21.10 17.91
CA PHE B 67 -4.49 -20.90 19.06
C PHE B 67 -5.25 -22.20 19.32
N ARG B 68 -5.43 -22.52 20.59
CA ARG B 68 -6.18 -23.71 20.97
C ARG B 68 -7.43 -23.31 21.72
N PRO B 69 -8.60 -23.50 21.16
CA PRO B 69 -9.83 -23.24 21.92
C PRO B 69 -10.05 -24.32 22.97
N LYS B 70 -10.98 -24.04 23.87
CA LYS B 70 -11.35 -25.02 24.88
C LYS B 70 -12.13 -26.16 24.23
N GLY B 71 -11.85 -27.36 24.67
CA GLY B 71 -12.48 -28.54 24.09
C GLY B 71 -11.80 -29.05 22.85
N GLU B 72 -10.74 -28.40 22.40
CA GLU B 72 -9.95 -28.90 21.27
C GLU B 72 -8.72 -29.60 21.81
N SER B 73 -8.43 -30.78 21.27
CA SER B 73 -7.30 -31.56 21.75
C SER B 73 -5.98 -30.92 21.34
N LYS B 74 -5.88 -30.48 20.10
CA LYS B 74 -4.67 -29.89 19.56
C LYS B 74 -5.02 -28.54 18.95
N ASP B 75 -3.99 -27.83 18.49
CA ASP B 75 -4.16 -26.45 18.06
C ASP B 75 -4.82 -26.35 16.70
N LEU B 76 -5.67 -25.35 16.54
CA LEU B 76 -6.15 -24.94 15.23
C LEU B 76 -5.22 -23.89 14.69
N LEU B 77 -5.35 -23.58 13.40
CA LEU B 77 -4.49 -22.56 12.80
C LEU B 77 -5.34 -21.47 12.17
N PHE B 78 -4.90 -20.23 12.36
CA PHE B 78 -5.53 -19.06 11.75
C PHE B 78 -4.51 -18.43 10.81
N ILE B 79 -4.86 -18.39 9.53
CA ILE B 79 -4.01 -17.76 8.52
C ILE B 79 -4.80 -16.66 7.85
N LEU B 80 -4.19 -15.49 7.78
CA LEU B 80 -4.72 -14.38 7.01
C LEU B 80 -3.74 -14.06 5.90
N THR B 81 -4.27 -14.00 4.68
CA THR B 81 -3.52 -13.60 3.53
C THR B 81 -3.31 -12.10 3.54
N ALA B 82 -2.35 -11.62 2.77
CA ALA B 82 -2.19 -10.19 2.60
C ALA B 82 -3.21 -9.61 1.64
N LYS B 83 -4.10 -10.41 1.08
CA LYS B 83 -5.24 -9.92 0.33
C LYS B 83 -6.54 -10.11 1.09
N TYR B 84 -6.44 -10.29 2.41
CA TYR B 84 -7.57 -10.31 3.35
C TYR B 84 -8.51 -11.48 3.11
N ASN B 85 -7.92 -12.65 2.95
CA ASN B 85 -8.62 -13.92 3.04
C ASN B 85 -8.21 -14.58 4.34
N ALA B 86 -9.18 -15.05 5.12
CA ALA B 86 -8.90 -15.60 6.42
C ALA B 86 -9.43 -17.02 6.52
N CYS B 87 -8.69 -17.87 7.23
CA CYS B 87 -9.03 -19.27 7.32
C CYS B 87 -8.52 -19.88 8.62
N ILE B 88 -9.26 -20.87 9.10
CA ILE B 88 -8.94 -21.63 10.31
C ILE B 88 -8.96 -23.09 9.91
N LEU B 89 -7.83 -23.76 10.15
CA LEU B 89 -7.42 -25.03 9.55
C LEU B 89 -7.10 -26.03 10.63
N GLU B 90 -7.55 -27.27 10.45
CA GLU B 90 -7.33 -28.33 11.42
C GLU B 90 -6.61 -29.48 10.73
N TYR B 91 -5.48 -29.88 11.29
CA TYR B 91 -4.75 -31.05 10.82
C TYR B 91 -5.54 -32.32 11.09
N LYS B 92 -5.34 -33.33 10.24
CA LYS B 92 -6.03 -34.61 10.42
C LYS B 92 -5.18 -35.68 9.74
N GLN B 93 -4.54 -36.53 10.53
CA GLN B 93 -3.64 -37.56 10.01
C GLN B 93 -4.21 -38.93 10.34
N SER B 94 -4.65 -39.66 9.31
CA SER B 94 -5.15 -41.03 9.45
C SER B 94 -4.28 -41.94 8.60
N GLY B 95 -3.17 -42.39 9.18
CA GLY B 95 -2.26 -43.30 8.50
C GLY B 95 -1.39 -42.61 7.47
N GLU B 96 -2.02 -42.21 6.37
CA GLU B 96 -1.35 -41.42 5.35
C GLU B 96 -2.22 -40.26 4.87
N SER B 97 -3.54 -40.32 5.06
CA SER B 97 -4.45 -39.29 4.56
C SER B 97 -4.30 -38.02 5.40
N ILE B 98 -3.21 -37.31 5.15
CA ILE B 98 -2.99 -36.00 5.75
C ILE B 98 -3.97 -35.02 5.13
N ASP B 99 -4.96 -34.60 5.91
CA ASP B 99 -6.05 -33.78 5.39
C ASP B 99 -6.06 -32.50 6.21
N ILE B 100 -5.49 -31.43 5.68
CA ILE B 100 -5.54 -30.16 6.38
C ILE B 100 -6.93 -29.60 6.16
N ILE B 101 -7.83 -29.94 7.07
CA ILE B 101 -9.23 -29.63 6.90
C ILE B 101 -9.45 -28.17 7.22
N THR B 102 -9.93 -27.41 6.25
CA THR B 102 -10.33 -26.06 6.55
C THR B 102 -11.66 -26.07 7.31
N ARG B 103 -11.75 -25.21 8.31
CA ARG B 103 -12.96 -25.03 9.08
C ARG B 103 -13.59 -23.68 8.82
N ALA B 104 -12.82 -22.61 8.96
CA ALA B 104 -13.34 -21.27 8.73
C ALA B 104 -12.63 -20.63 7.54
N HIS B 105 -13.39 -19.88 6.73
CA HIS B 105 -12.80 -19.15 5.62
C HIS B 105 -13.73 -18.02 5.23
N GLY B 106 -13.16 -16.92 4.78
CA GLY B 106 -13.96 -15.80 4.33
C GLY B 106 -13.08 -14.59 4.11
N ASN B 107 -13.62 -13.64 3.37
CA ASN B 107 -12.90 -12.42 3.06
C ASN B 107 -13.15 -11.37 4.12
N VAL B 108 -12.09 -10.68 4.55
CA VAL B 108 -12.24 -9.66 5.58
C VAL B 108 -11.84 -8.29 5.05
N GLN B 109 -11.93 -8.09 3.75
CA GLN B 109 -11.78 -6.74 3.25
C GLN B 109 -13.06 -5.94 3.50
N ASP B 110 -12.88 -4.66 3.80
CA ASP B 110 -14.00 -3.77 4.04
C ASP B 110 -14.07 -2.61 3.05
N ARG B 111 -13.02 -2.44 2.23
CA ARG B 111 -12.96 -1.69 0.96
C ARG B 111 -13.10 -0.19 1.13
N ILE B 112 -13.26 0.33 2.36
CA ILE B 112 -13.28 1.77 2.57
C ILE B 112 -12.29 2.21 3.64
N GLY B 113 -11.53 1.31 4.22
CA GLY B 113 -10.51 1.67 5.16
C GLY B 113 -9.22 1.91 4.40
N ARG B 114 -8.30 2.57 5.02
CA ARG B 114 -7.08 2.69 4.27
C ARG B 114 -6.01 1.79 4.88
N PRO B 115 -5.04 1.34 4.09
CA PRO B 115 -3.99 0.48 4.64
C PRO B 115 -3.13 1.21 5.65
N SER B 116 -3.08 0.64 6.85
CA SER B 116 -2.27 1.19 7.92
C SER B 116 -0.79 1.04 7.60
N GLU B 117 -0.01 1.98 8.11
CA GLU B 117 1.37 2.13 7.64
C GLU B 117 2.28 1.03 8.15
N THR B 118 2.07 0.57 9.38
CA THR B 118 3.01 -0.35 9.99
C THR B 118 2.77 -1.78 9.54
N GLY B 119 1.54 -2.13 9.18
CA GLY B 119 1.24 -3.42 8.62
C GLY B 119 0.04 -4.05 9.30
N ILE B 120 -0.38 -5.19 8.74
CA ILE B 120 -1.44 -5.97 9.35
C ILE B 120 -0.96 -6.50 10.69
N ILE B 121 -1.79 -6.40 11.69
CA ILE B 121 -1.48 -6.98 12.99
C ILE B 121 -2.63 -7.88 13.38
N GLY B 122 -2.35 -9.17 13.45
CA GLY B 122 -3.33 -10.15 13.87
C GLY B 122 -2.92 -10.69 15.24
N ILE B 123 -3.85 -10.60 16.19
CA ILE B 123 -3.60 -10.98 17.57
C ILE B 123 -4.76 -11.84 18.02
N ILE B 124 -4.47 -12.80 18.88
CA ILE B 124 -5.47 -13.73 19.36
C ILE B 124 -5.57 -13.60 20.86
N ASP B 125 -6.81 -13.51 21.35
CA ASP B 125 -7.10 -13.38 22.76
C ASP B 125 -6.60 -14.60 23.54
N PRO B 126 -5.88 -14.41 24.64
CA PRO B 126 -5.19 -15.54 25.28
C PRO B 126 -6.11 -16.52 25.98
N GLU B 127 -7.39 -16.23 26.08
CA GLU B 127 -8.37 -17.21 26.51
C GLU B 127 -9.32 -17.55 25.38
N CYS B 128 -8.79 -17.47 24.14
CA CYS B 128 -9.40 -18.00 22.90
C CYS B 128 -10.80 -17.46 22.62
N ARG B 129 -11.11 -16.26 23.09
CA ARG B 129 -12.48 -15.75 22.89
C ARG B 129 -12.71 -15.14 21.52
N MET B 130 -11.72 -14.44 20.97
CA MET B 130 -11.91 -13.71 19.73
C MET B 130 -10.57 -13.37 19.12
N ILE B 131 -10.61 -12.88 17.89
CA ILE B 131 -9.41 -12.51 17.14
C ILE B 131 -9.49 -11.03 16.80
N GLY B 132 -8.41 -10.31 17.09
CA GLY B 132 -8.32 -8.91 16.76
C GLY B 132 -7.39 -8.69 15.58
N LEU B 133 -7.78 -7.79 14.70
CA LEU B 133 -7.06 -7.50 13.47
C LEU B 133 -7.00 -6.00 13.27
N ARG B 134 -5.82 -5.43 13.30
CA ARG B 134 -5.63 -4.10 12.75
C ARG B 134 -5.25 -4.32 11.30
N LEU B 135 -6.22 -4.19 10.41
CA LEU B 135 -5.92 -4.15 8.99
C LEU B 135 -5.75 -2.71 8.54
N TYR B 136 -6.68 -1.86 8.96
CA TYR B 136 -6.80 -0.50 8.49
C TYR B 136 -6.53 0.49 9.61
N ASP B 137 -6.23 1.73 9.25
CA ASP B 137 -6.16 2.78 10.24
C ASP B 137 -7.54 3.10 10.78
N GLY B 138 -7.60 3.43 12.06
CA GLY B 138 -8.83 3.87 12.69
C GLY B 138 -9.90 2.82 12.77
N LEU B 139 -9.54 1.55 12.76
CA LEU B 139 -10.54 0.51 12.77
C LEU B 139 -9.93 -0.74 13.36
N PHE B 140 -10.78 -1.57 13.96
CA PHE B 140 -10.33 -2.79 14.63
C PHE B 140 -11.30 -3.89 14.26
N LYS B 141 -10.85 -4.85 13.48
CA LYS B 141 -11.68 -5.97 13.05
C LYS B 141 -11.66 -7.04 14.12
N VAL B 142 -12.81 -7.32 14.70
CA VAL B 142 -12.93 -8.33 15.73
C VAL B 142 -13.74 -9.47 15.16
N ILE B 143 -13.21 -10.68 15.28
CA ILE B 143 -13.91 -11.91 14.89
C ILE B 143 -14.21 -12.68 16.16
N PRO B 144 -15.46 -12.89 16.51
CA PRO B 144 -15.78 -13.74 17.66
C PRO B 144 -15.61 -15.21 17.32
N LEU B 145 -15.02 -15.95 18.26
CA LEU B 145 -14.71 -17.37 18.03
C LEU B 145 -15.81 -18.24 18.62
N ASP B 146 -17.00 -18.08 18.08
CA ASP B 146 -18.15 -18.84 18.53
C ASP B 146 -18.39 -20.02 17.60
N ARG B 147 -18.95 -21.10 18.15
CA ARG B 147 -19.22 -22.30 17.37
C ARG B 147 -20.72 -22.55 17.46
N ASP B 148 -21.51 -21.90 16.61
CA ASP B 148 -22.95 -22.00 16.72
C ASP B 148 -23.57 -22.83 15.60
N ASN B 149 -23.55 -22.35 14.34
CA ASN B 149 -23.78 -23.27 13.25
C ASN B 149 -22.88 -22.97 12.07
N LYS B 150 -22.85 -21.71 11.61
CA LYS B 150 -22.10 -21.42 10.40
C LYS B 150 -21.29 -20.14 10.47
N GLU B 151 -21.86 -19.09 11.02
CA GLU B 151 -21.25 -17.79 10.79
C GLU B 151 -20.27 -17.45 11.90
N LEU B 152 -19.33 -16.58 11.56
CA LEU B 152 -18.50 -15.88 12.52
C LEU B 152 -18.70 -14.41 12.18
N LYS B 153 -19.74 -13.82 12.76
CA LYS B 153 -20.11 -12.47 12.38
C LYS B 153 -19.10 -11.47 12.90
N ALA B 154 -18.03 -11.29 12.14
CA ALA B 154 -17.02 -10.31 12.50
C ALA B 154 -17.58 -8.92 12.38
N PHE B 155 -17.02 -7.99 13.14
CA PHE B 155 -17.48 -6.63 13.11
C PHE B 155 -16.29 -5.71 13.29
N ASN B 156 -16.56 -4.41 13.30
CA ASN B 156 -15.53 -3.42 13.47
C ASN B 156 -15.79 -2.63 14.75
N ILE B 157 -14.71 -2.13 15.32
CA ILE B 157 -14.77 -1.23 16.45
C ILE B 157 -13.86 -0.05 16.11
N ARG B 158 -14.41 1.15 16.16
CA ARG B 158 -13.69 2.34 15.70
C ARG B 158 -12.67 2.73 16.74
N LEU B 159 -11.43 2.32 16.52
CA LEU B 159 -10.33 2.79 17.34
C LEU B 159 -10.10 4.25 17.03
N GLU B 160 -9.98 5.07 18.07
CA GLU B 160 -10.02 6.51 17.91
C GLU B 160 -8.64 7.14 17.78
N GLU B 161 -7.61 6.38 17.44
CA GLU B 161 -6.27 6.95 17.47
C GLU B 161 -5.70 7.25 16.09
N LEU B 162 -6.09 6.48 15.07
CA LEU B 162 -5.74 6.63 13.66
C LEU B 162 -4.26 6.47 13.35
N HIS B 163 -3.41 6.20 14.34
CA HIS B 163 -2.02 5.86 14.09
C HIS B 163 -1.56 5.00 15.26
N VAL B 164 -1.65 3.68 15.10
CA VAL B 164 -1.33 2.74 16.15
C VAL B 164 -0.13 1.92 15.72
N ILE B 165 0.86 1.82 16.60
CA ILE B 165 2.11 1.15 16.29
C ILE B 165 2.00 -0.35 16.49
N ASP B 166 1.63 -0.77 17.70
CA ASP B 166 1.59 -2.19 18.01
C ASP B 166 0.56 -2.44 19.08
N VAL B 167 -0.19 -3.53 18.94
CA VAL B 167 -1.33 -3.83 19.80
C VAL B 167 -1.28 -5.29 20.21
N LYS B 168 -1.56 -5.57 21.48
CA LYS B 168 -1.50 -6.93 22.00
C LYS B 168 -2.70 -7.19 22.90
N PHE B 169 -3.25 -8.39 22.79
CA PHE B 169 -4.24 -8.84 23.75
C PHE B 169 -3.53 -9.18 25.04
N LEU B 170 -4.13 -8.81 26.17
CA LEU B 170 -3.42 -8.95 27.44
C LEU B 170 -3.86 -10.19 28.19
N TYR B 171 -3.08 -10.51 29.22
CA TYR B 171 -3.19 -11.78 29.92
C TYR B 171 -3.91 -11.61 31.25
N GLY B 172 -4.77 -12.58 31.55
CA GLY B 172 -5.33 -12.71 32.87
C GLY B 172 -6.44 -11.75 33.23
N CYS B 173 -6.67 -10.70 32.46
CA CYS B 173 -7.77 -9.80 32.75
C CYS B 173 -9.08 -10.49 32.41
N GLN B 174 -10.08 -10.30 33.28
CA GLN B 174 -11.32 -11.05 33.22
C GLN B 174 -12.12 -10.79 31.96
N ALA B 175 -11.93 -9.65 31.34
CA ALA B 175 -12.45 -9.33 30.03
C ALA B 175 -11.28 -8.94 29.15
N PRO B 176 -11.32 -9.21 27.85
CA PRO B 176 -10.09 -9.16 27.03
C PRO B 176 -9.66 -7.74 26.72
N THR B 177 -8.63 -7.27 27.41
CA THR B 177 -8.14 -5.91 27.24
C THR B 177 -7.03 -5.90 26.22
N ILE B 178 -7.16 -5.07 25.21
CA ILE B 178 -6.04 -4.81 24.34
C ILE B 178 -5.17 -3.72 24.95
N CYS B 179 -3.92 -3.69 24.53
CA CYS B 179 -2.94 -2.74 25.01
C CYS B 179 -2.11 -2.32 23.83
N PHE B 180 -2.12 -1.04 23.49
CA PHE B 180 -1.41 -0.63 22.29
C PHE B 180 -0.60 0.62 22.53
N VAL B 181 0.22 0.91 21.53
CA VAL B 181 1.05 2.11 21.51
C VAL B 181 0.64 2.94 20.32
N TYR B 182 0.17 4.16 20.56
CA TYR B 182 -0.23 5.02 19.45
C TYR B 182 0.68 6.24 19.35
N GLN B 183 0.76 6.78 18.14
CA GLN B 183 1.64 7.89 17.83
C GLN B 183 0.96 9.22 18.04
N ARG B 188 4.76 9.15 21.67
CA ARG B 188 3.85 8.03 21.65
C ARG B 188 3.29 7.76 23.04
N HIS B 189 2.10 7.19 23.08
CA HIS B 189 1.43 6.97 24.34
C HIS B 189 0.82 5.58 24.35
N VAL B 190 0.83 4.95 25.53
CA VAL B 190 0.31 3.61 25.70
C VAL B 190 -1.12 3.72 26.20
N LYS B 191 -2.05 3.13 25.48
CA LYS B 191 -3.43 3.11 25.93
C LYS B 191 -3.87 1.66 26.06
N THR B 192 -4.91 1.41 26.84
CA THR B 192 -5.56 0.11 26.88
C THR B 192 -7.03 0.27 26.57
N TYR B 193 -7.68 -0.84 26.32
CA TYR B 193 -9.12 -0.83 26.10
C TYR B 193 -9.65 -2.20 26.48
N GLU B 194 -10.92 -2.28 26.78
CA GLU B 194 -11.54 -3.54 27.15
C GLU B 194 -12.70 -3.80 26.21
N VAL B 195 -12.63 -4.87 25.45
CA VAL B 195 -13.59 -5.06 24.38
C VAL B 195 -14.86 -5.69 24.91
N SER B 196 -16.01 -5.23 24.42
CA SER B 196 -17.32 -5.73 24.80
C SER B 196 -17.96 -6.33 23.56
N LEU B 197 -17.93 -7.65 23.47
CA LEU B 197 -18.47 -8.35 22.32
C LEU B 197 -19.97 -8.38 22.32
N ARG B 198 -20.61 -8.23 23.48
CA ARG B 198 -22.06 -8.28 23.54
C ARG B 198 -22.67 -7.02 22.97
N GLU B 199 -21.99 -5.89 23.16
CA GLU B 199 -22.42 -4.64 22.58
C GLU B 199 -21.53 -4.20 21.44
N LYS B 200 -20.43 -4.90 21.19
CA LYS B 200 -19.50 -4.66 20.09
C LYS B 200 -18.90 -3.25 20.17
N GLU B 201 -18.20 -2.97 21.26
CA GLU B 201 -17.60 -1.65 21.42
C GLU B 201 -16.45 -1.71 22.40
N PHE B 202 -15.60 -0.71 22.36
CA PHE B 202 -14.60 -0.57 23.41
C PHE B 202 -15.23 -0.02 24.67
N ASN B 203 -14.66 -0.41 25.81
CA ASN B 203 -14.88 0.25 27.07
C ASN B 203 -13.52 0.73 27.54
N LYS B 204 -13.54 1.72 28.41
CA LYS B 204 -12.32 2.24 29.01
C LYS B 204 -11.70 1.13 29.84
N GLY B 205 -10.63 0.57 29.32
CA GLY B 205 -9.98 -0.53 29.97
C GLY B 205 -9.25 -0.04 31.20
N PRO B 206 -8.94 -0.95 32.10
CA PRO B 206 -8.24 -0.57 33.32
C PRO B 206 -6.80 -0.22 33.00
N TRP B 207 -6.12 0.38 34.00
CA TRP B 207 -4.76 0.85 33.86
C TRP B 207 -4.71 1.91 32.75
N LYS B 208 -5.13 3.12 33.10
CA LYS B 208 -5.25 4.26 32.20
C LYS B 208 -3.92 4.58 31.49
N GLN B 209 -4.04 5.46 30.48
CA GLN B 209 -3.01 5.64 29.47
C GLN B 209 -1.81 6.37 30.05
N GLU B 210 -0.65 6.12 29.45
CA GLU B 210 0.60 6.69 29.94
C GLU B 210 1.40 7.17 28.75
N ASN B 211 2.49 7.88 29.02
CA ASN B 211 3.38 8.34 27.97
C ASN B 211 4.60 7.43 27.87
N VAL B 212 5.08 7.23 26.64
CA VAL B 212 6.32 6.53 26.40
C VAL B 212 7.14 7.36 25.42
N GLU B 213 8.38 6.96 25.21
CA GLU B 213 9.16 7.78 24.32
C GLU B 213 8.88 7.38 22.87
N ALA B 214 9.26 8.25 21.94
CA ALA B 214 8.67 8.29 20.62
C ALA B 214 9.12 7.15 19.71
N GLU B 215 10.23 6.49 20.03
CA GLU B 215 10.72 5.40 19.21
C GLU B 215 10.35 4.04 19.78
N ALA B 216 9.40 4.00 20.71
CA ALA B 216 8.95 2.72 21.22
C ALA B 216 8.12 1.99 20.18
N SER B 217 8.37 0.72 20.02
CA SER B 217 7.73 0.03 18.92
C SER B 217 7.02 -1.26 19.30
N MET B 218 7.49 -1.98 20.31
CA MET B 218 6.95 -3.31 20.60
C MET B 218 6.20 -3.33 21.91
N VAL B 219 5.04 -3.97 21.90
CA VAL B 219 4.31 -4.30 23.11
C VAL B 219 4.31 -5.81 23.27
N ILE B 220 4.68 -6.28 24.46
CA ILE B 220 4.67 -7.70 24.79
C ILE B 220 3.75 -7.91 25.97
N ALA B 221 2.76 -8.77 25.79
CA ALA B 221 1.85 -9.12 26.86
C ALA B 221 2.47 -10.22 27.69
N VAL B 222 2.87 -9.91 28.91
CA VAL B 222 3.53 -10.89 29.77
C VAL B 222 2.46 -11.84 30.33
N PRO B 223 2.70 -13.15 30.37
CA PRO B 223 1.63 -14.05 30.82
C PRO B 223 1.42 -14.09 32.30
N GLU B 224 0.59 -15.01 32.73
CA GLU B 224 0.25 -15.10 34.13
C GLU B 224 1.25 -16.00 34.86
N PRO B 225 1.60 -15.69 36.12
CA PRO B 225 1.25 -14.42 36.75
C PRO B 225 2.33 -13.37 36.70
N PHE B 226 2.17 -12.40 35.81
CA PHE B 226 2.77 -11.10 36.03
C PHE B 226 1.76 -10.03 35.65
N GLY B 227 1.02 -10.27 34.58
CA GLY B 227 0.14 -9.26 34.03
C GLY B 227 0.86 -8.08 33.40
N GLY B 228 0.13 -7.30 32.62
CA GLY B 228 0.70 -6.08 32.08
C GLY B 228 1.63 -6.36 30.92
N ALA B 229 2.34 -5.31 30.52
CA ALA B 229 3.01 -5.34 29.24
C ALA B 229 4.41 -4.76 29.36
N ILE B 230 5.20 -5.00 28.33
CA ILE B 230 6.51 -4.39 28.18
C ILE B 230 6.52 -3.62 26.88
N ILE B 231 7.00 -2.38 26.94
CA ILE B 231 7.14 -1.53 25.77
C ILE B 231 8.63 -1.41 25.48
N ILE B 232 9.03 -1.78 24.27
CA ILE B 232 10.43 -1.85 23.89
C ILE B 232 10.68 -0.96 22.69
N GLY B 233 11.85 -0.34 22.66
CA GLY B 233 12.41 0.29 21.49
C GLY B 233 13.24 1.50 21.84
N GLN B 234 14.48 1.49 21.35
CA GLN B 234 15.45 2.60 21.47
C GLN B 234 15.66 3.00 22.93
N GLU B 235 16.34 2.11 23.66
CA GLU B 235 16.78 2.24 25.05
C GLU B 235 15.62 2.48 26.03
N SER B 236 14.42 2.11 25.63
CA SER B 236 13.24 2.25 26.47
C SER B 236 12.60 0.88 26.58
N ILE B 237 12.89 0.16 27.64
CA ILE B 237 12.32 -1.15 27.89
C ILE B 237 11.57 -1.00 29.20
N THR B 238 10.29 -0.67 29.14
CA THR B 238 9.54 -0.32 30.32
C THR B 238 8.36 -1.28 30.52
N TYR B 239 8.31 -1.89 31.70
CA TYR B 239 7.18 -2.70 32.11
C TYR B 239 6.12 -1.80 32.71
N HIS B 240 4.87 -2.03 32.35
CA HIS B 240 3.78 -1.29 32.95
C HIS B 240 2.63 -2.22 33.28
N ASN B 241 2.07 -2.08 34.48
CA ASN B 241 0.79 -2.70 34.81
C ASN B 241 0.16 -1.89 35.93
N GLY B 242 -0.79 -1.02 35.57
CA GLY B 242 -1.57 -0.27 36.54
C GLY B 242 -0.76 0.65 37.43
N ASP B 243 -0.68 0.29 38.71
CA ASP B 243 0.20 1.00 39.63
C ASP B 243 1.67 0.81 39.27
N LYS B 244 2.02 -0.38 38.80
CA LYS B 244 3.41 -0.75 38.62
C LYS B 244 3.99 -0.11 37.39
N TYR B 245 5.08 0.62 37.57
CA TYR B 245 5.87 1.17 36.49
C TYR B 245 7.27 0.65 36.69
N LEU B 246 7.97 0.40 35.58
CA LEU B 246 9.37 -0.01 35.68
C LEU B 246 10.07 0.34 34.39
N ALA B 247 11.24 0.94 34.47
CA ALA B 247 11.98 1.32 33.29
C ALA B 247 13.40 0.82 33.41
N ILE B 248 14.08 0.75 32.27
CA ILE B 248 15.51 0.47 32.22
C ILE B 248 16.03 1.05 30.92
N ALA B 249 17.28 1.52 30.95
CA ALA B 249 17.90 2.12 29.78
C ALA B 249 19.37 1.74 29.74
N PRO B 250 19.69 0.57 29.21
CA PRO B 250 21.08 0.17 29.08
C PRO B 250 21.68 0.74 27.80
N PRO B 251 23.00 0.91 27.75
CA PRO B 251 23.63 1.41 26.52
C PRO B 251 23.72 0.37 25.42
N ILE B 252 23.38 -0.90 25.69
CA ILE B 252 23.53 -1.93 24.68
C ILE B 252 22.41 -1.86 23.66
N ILE B 253 21.18 -1.57 24.11
CA ILE B 253 20.02 -1.57 23.23
C ILE B 253 19.94 -0.32 22.37
N LYS B 254 20.80 0.67 22.63
CA LYS B 254 20.78 1.94 21.92
C LYS B 254 21.13 1.79 20.45
N GLN B 255 22.01 0.86 20.10
CA GLN B 255 22.63 0.87 18.78
C GLN B 255 21.68 0.49 17.66
N SER B 256 20.63 -0.27 17.95
CA SER B 256 19.80 -0.81 16.88
C SER B 256 18.43 -1.14 17.42
N THR B 257 17.45 -1.10 16.53
CA THR B 257 16.07 -1.28 16.92
C THR B 257 15.75 -2.76 17.07
N ILE B 258 15.15 -3.13 18.20
CA ILE B 258 14.74 -4.51 18.42
C ILE B 258 13.58 -4.84 17.50
N VAL B 259 13.70 -5.93 16.75
CA VAL B 259 12.71 -6.24 15.72
C VAL B 259 11.84 -7.44 16.04
N CYS B 260 12.29 -8.39 16.86
CA CYS B 260 11.39 -9.47 17.26
C CYS B 260 11.74 -9.99 18.64
N HIS B 261 10.84 -10.83 19.15
CA HIS B 261 10.86 -11.29 20.52
C HIS B 261 10.21 -12.67 20.55
N ASN B 262 10.61 -13.48 21.52
CA ASN B 262 9.86 -14.71 21.77
C ASN B 262 9.95 -15.13 23.22
N ARG B 263 8.87 -15.75 23.69
CA ARG B 263 8.71 -16.09 25.10
C ARG B 263 9.34 -17.44 25.37
N VAL B 264 10.41 -17.44 26.15
CA VAL B 264 11.13 -18.68 26.42
C VAL B 264 10.40 -19.51 27.47
N ASP B 265 10.36 -19.00 28.70
CA ASP B 265 9.68 -19.73 29.76
C ASP B 265 8.17 -19.51 29.64
N PRO B 266 7.36 -20.55 29.89
CA PRO B 266 5.91 -20.41 29.68
C PRO B 266 5.22 -19.53 30.69
N ASN B 267 5.91 -19.08 31.74
CA ASN B 267 5.35 -18.12 32.67
C ASN B 267 6.04 -16.77 32.56
N GLY B 268 6.67 -16.48 31.43
CA GLY B 268 7.16 -15.15 31.16
C GLY B 268 8.35 -14.73 31.97
N SER B 269 9.11 -15.68 32.50
CA SER B 269 10.27 -15.30 33.30
C SER B 269 11.40 -14.74 32.45
N ARG B 270 11.48 -15.11 31.17
CA ARG B 270 12.57 -14.65 30.34
C ARG B 270 12.12 -14.60 28.89
N TYR B 271 12.73 -13.70 28.12
CA TYR B 271 12.27 -13.34 26.79
C TYR B 271 13.47 -13.20 25.86
N LEU B 272 13.21 -13.33 24.57
CA LEU B 272 14.26 -13.28 23.55
C LEU B 272 14.03 -12.08 22.66
N LEU B 273 15.10 -11.33 22.40
CA LEU B 273 15.03 -10.07 21.67
C LEU B 273 16.06 -10.07 20.54
N GLY B 274 15.58 -10.00 19.31
CA GLY B 274 16.45 -9.88 18.16
C GLY B 274 16.34 -8.48 17.59
N ASP B 275 17.44 -7.96 17.07
CA ASP B 275 17.44 -6.60 16.56
C ASP B 275 18.02 -6.53 15.14
N MET B 276 18.17 -5.31 14.64
CA MET B 276 18.50 -5.14 13.23
C MET B 276 19.95 -5.47 12.92
N GLU B 277 20.82 -5.39 13.91
CA GLU B 277 22.22 -5.75 13.70
C GLU B 277 22.48 -7.23 13.92
N GLY B 278 21.45 -8.03 14.10
CA GLY B 278 21.61 -9.45 14.24
C GLY B 278 22.05 -9.92 15.61
N ARG B 279 21.99 -9.08 16.62
CA ARG B 279 22.38 -9.50 17.95
C ARG B 279 21.27 -10.31 18.58
N LEU B 280 21.52 -10.81 19.79
CA LEU B 280 20.55 -11.64 20.48
C LEU B 280 20.57 -11.28 21.94
N PHE B 281 19.40 -10.96 22.50
CA PHE B 281 19.27 -10.50 23.86
C PHE B 281 18.34 -11.40 24.64
N MET B 282 18.68 -11.65 25.89
CA MET B 282 17.81 -12.34 26.83
C MET B 282 17.31 -11.29 27.80
N LEU B 283 16.03 -10.94 27.68
CA LEU B 283 15.38 -10.03 28.61
C LEU B 283 14.93 -10.82 29.83
N LEU B 284 15.30 -10.37 31.02
CA LEU B 284 15.08 -11.15 32.22
C LEU B 284 14.16 -10.43 33.18
N LEU B 285 13.13 -11.14 33.65
CA LEU B 285 12.18 -10.64 34.64
C LEU B 285 12.42 -11.35 35.97
N GLU B 286 12.45 -10.60 37.06
CA GLU B 286 12.77 -11.15 38.37
C GLU B 286 11.54 -11.13 39.27
N LYS B 287 11.31 -12.24 39.97
CA LYS B 287 10.12 -12.42 40.78
C LYS B 287 10.35 -12.09 42.24
N GLU B 288 9.25 -11.79 42.95
CA GLU B 288 9.25 -11.61 44.39
C GLU B 288 7.85 -11.86 44.91
N GLU B 289 7.78 -12.34 46.15
CA GLU B 289 6.54 -12.84 46.74
C GLU B 289 5.81 -11.85 47.65
N GLN B 290 6.56 -11.04 48.42
CA GLN B 290 6.12 -10.07 49.43
C GLN B 290 5.00 -10.56 50.36
N MET B 291 4.97 -11.86 50.65
CA MET B 291 3.94 -12.42 51.52
C MET B 291 4.56 -13.19 52.67
N GLY B 293 2.44 -15.69 48.28
CA GLY B 293 1.09 -15.50 47.80
C GLY B 293 1.04 -14.79 46.47
N THR B 294 1.12 -13.47 46.48
CA THR B 294 1.21 -12.74 45.23
C THR B 294 2.62 -12.80 44.68
N VAL B 295 2.78 -12.41 43.43
CA VAL B 295 4.08 -12.39 42.77
C VAL B 295 4.23 -11.08 42.01
N THR B 296 5.38 -10.45 42.17
CA THR B 296 5.60 -9.15 41.58
C THR B 296 6.92 -9.17 40.83
N LEU B 297 7.13 -8.12 40.06
CA LEU B 297 8.33 -7.95 39.28
C LEU B 297 9.29 -7.04 40.02
N LYS B 298 10.50 -7.54 40.28
CA LYS B 298 11.48 -6.71 40.96
C LYS B 298 12.09 -5.70 40.00
N ASP B 299 12.81 -6.17 38.99
CA ASP B 299 13.70 -5.31 38.23
C ASP B 299 14.05 -5.98 36.91
N LEU B 300 13.99 -5.20 35.84
CA LEU B 300 14.26 -5.72 34.50
C LEU B 300 15.75 -5.70 34.21
N ARG B 301 16.22 -6.70 33.49
CA ARG B 301 17.59 -6.70 33.01
C ARG B 301 17.64 -7.45 31.69
N VAL B 302 18.40 -6.91 30.75
CA VAL B 302 18.62 -7.56 29.48
C VAL B 302 20.03 -8.13 29.48
N GLU B 303 20.21 -9.21 28.75
CA GLU B 303 21.50 -9.88 28.70
C GLU B 303 21.74 -10.34 27.28
N LEU B 304 22.89 -9.97 26.73
CA LEU B 304 23.21 -10.35 25.36
C LEU B 304 23.65 -11.80 25.30
N LEU B 305 23.56 -12.37 24.12
CA LEU B 305 23.97 -13.75 23.93
C LEU B 305 25.04 -13.93 22.87
N GLY B 306 25.15 -13.03 21.92
CA GLY B 306 26.12 -13.17 20.88
C GLY B 306 25.63 -12.49 19.61
N GLU B 307 25.79 -13.17 18.48
CA GLU B 307 25.35 -12.64 17.20
C GLU B 307 24.82 -13.77 16.35
N THR B 308 23.70 -13.50 15.69
CA THR B 308 23.12 -14.45 14.77
C THR B 308 22.81 -13.74 13.45
N SER B 309 22.14 -14.43 12.53
CA SER B 309 21.69 -13.78 11.32
C SER B 309 20.52 -12.87 11.63
N ILE B 310 20.29 -11.90 10.75
CA ILE B 310 19.41 -10.78 11.05
C ILE B 310 17.96 -11.27 11.05
N ALA B 311 17.38 -11.36 12.23
CA ALA B 311 16.16 -12.13 12.44
C ALA B 311 14.92 -11.34 12.07
N GLU B 312 14.03 -11.95 11.31
CA GLU B 312 12.68 -11.45 11.15
C GLU B 312 11.76 -12.03 12.19
N CYS B 313 11.81 -13.35 12.38
CA CYS B 313 11.10 -13.98 13.48
C CYS B 313 12.09 -14.83 14.25
N LEU B 314 12.00 -14.78 15.56
CA LEU B 314 12.72 -15.67 16.45
C LEU B 314 11.75 -16.69 17.01
N THR B 315 12.30 -17.80 17.45
CA THR B 315 11.48 -18.88 18.00
C THR B 315 12.38 -19.74 18.86
N TYR B 316 12.02 -19.94 20.12
CA TYR B 316 12.75 -20.86 20.96
C TYR B 316 12.18 -22.26 20.80
N LEU B 317 13.05 -23.21 20.48
CA LEU B 317 12.71 -24.61 20.50
C LEU B 317 13.39 -25.27 21.68
N ASP B 318 13.11 -26.56 21.90
CA ASP B 318 13.46 -27.22 23.14
C ASP B 318 14.97 -27.34 23.32
N ASN B 319 15.35 -27.58 24.58
CA ASN B 319 16.70 -27.94 24.99
C ASN B 319 17.76 -26.91 24.62
N GLY B 320 17.36 -25.67 24.41
CA GLY B 320 18.32 -24.61 24.21
C GLY B 320 18.68 -24.33 22.77
N VAL B 321 17.78 -24.61 21.82
CA VAL B 321 18.01 -24.24 20.43
C VAL B 321 16.93 -23.26 19.99
N VAL B 322 17.32 -22.31 19.17
CA VAL B 322 16.44 -21.26 18.71
C VAL B 322 16.48 -21.22 17.20
N PHE B 323 15.33 -20.98 16.60
CA PHE B 323 15.21 -20.94 15.16
C PHE B 323 15.25 -19.49 14.74
N VAL B 324 16.44 -19.01 14.38
CA VAL B 324 16.58 -17.62 13.96
C VAL B 324 16.08 -17.57 12.52
N GLY B 325 14.84 -17.17 12.34
CA GLY B 325 14.19 -17.26 11.05
C GLY B 325 14.32 -16.01 10.20
N SER B 326 15.48 -15.80 9.61
CA SER B 326 15.79 -14.54 8.95
C SER B 326 14.98 -14.33 7.67
N ARG B 327 14.89 -13.08 7.28
CA ARG B 327 14.29 -12.66 6.02
C ARG B 327 15.32 -12.14 5.05
N LEU B 328 16.33 -11.42 5.54
CA LEU B 328 17.39 -10.95 4.66
C LEU B 328 18.28 -12.11 4.25
N GLY B 329 18.99 -12.71 5.18
CA GLY B 329 19.94 -13.74 4.82
C GLY B 329 19.51 -15.15 5.13
N ASP B 330 20.43 -15.93 5.69
CA ASP B 330 20.21 -17.34 5.90
C ASP B 330 19.58 -17.61 7.25
N SER B 331 18.57 -18.47 7.26
CA SER B 331 17.94 -18.86 8.51
C SER B 331 18.87 -19.77 9.30
N GLN B 332 18.56 -19.99 10.56
CA GLN B 332 19.48 -20.74 11.42
C GLN B 332 18.71 -21.55 12.45
N LEU B 333 19.29 -22.69 12.82
CA LEU B 333 19.07 -23.33 14.10
C LEU B 333 20.35 -23.10 14.88
N VAL B 334 20.22 -22.51 16.07
CA VAL B 334 21.37 -22.09 16.86
C VAL B 334 21.19 -22.52 18.31
N LYS B 335 22.21 -23.16 18.89
CA LYS B 335 22.17 -23.62 20.27
C LYS B 335 22.56 -22.53 21.24
N LEU B 336 21.78 -22.40 22.31
CA LEU B 336 22.10 -21.50 23.41
C LEU B 336 23.00 -22.23 24.38
N ASN B 337 24.27 -21.88 24.41
CA ASN B 337 25.15 -22.52 25.37
C ASN B 337 24.93 -21.95 26.76
N VAL B 338 24.85 -22.83 27.75
CA VAL B 338 24.79 -22.39 29.14
C VAL B 338 26.15 -21.91 29.61
N ASP B 339 27.20 -22.28 28.88
CA ASP B 339 28.56 -21.87 29.14
C ASP B 339 28.91 -20.75 28.16
N SER B 340 29.93 -19.98 28.50
CA SER B 340 30.34 -18.85 27.67
C SER B 340 31.17 -19.34 26.49
N ASN B 341 31.88 -18.42 25.86
CA ASN B 341 32.74 -18.78 24.75
C ASN B 341 34.06 -18.04 24.91
N GLU B 342 34.88 -18.01 23.86
CA GLU B 342 36.16 -17.32 24.01
C GLU B 342 36.03 -15.82 23.77
N GLN B 343 34.85 -15.33 23.46
CA GLN B 343 34.63 -13.90 23.26
C GLN B 343 33.34 -13.42 23.91
N GLY B 344 32.61 -14.29 24.59
CA GLY B 344 31.33 -13.90 25.14
C GLY B 344 30.21 -14.14 24.17
N SER B 345 30.05 -15.38 23.75
CA SER B 345 28.99 -15.76 22.83
C SER B 345 28.34 -17.03 23.34
N TYR B 346 27.18 -16.91 23.96
CA TYR B 346 26.46 -18.08 24.42
C TYR B 346 25.64 -18.73 23.32
N VAL B 347 25.84 -18.32 22.07
CA VAL B 347 25.18 -18.94 20.92
C VAL B 347 26.24 -19.66 20.09
N VAL B 348 25.90 -20.86 19.65
CA VAL B 348 26.73 -21.63 18.73
C VAL B 348 25.84 -22.11 17.60
N ALA B 349 26.34 -22.03 16.38
CA ALA B 349 25.56 -22.34 15.21
C ALA B 349 25.38 -23.85 15.06
N MET B 350 24.22 -24.25 14.58
CA MET B 350 23.97 -25.66 14.28
C MET B 350 23.63 -25.89 12.83
N GLU B 351 22.62 -25.21 12.28
CA GLU B 351 22.26 -25.46 10.89
C GLU B 351 21.88 -24.18 10.18
N THR B 352 22.57 -23.90 9.08
CA THR B 352 22.40 -22.67 8.32
C THR B 352 21.48 -22.95 7.14
N PHE B 353 20.19 -22.77 7.35
CA PHE B 353 19.19 -22.96 6.31
C PHE B 353 19.40 -21.91 5.23
N THR B 354 19.54 -22.34 3.99
CA THR B 354 19.91 -21.37 2.98
C THR B 354 18.71 -20.56 2.53
N ASN B 355 19.00 -19.37 2.02
CA ASN B 355 17.97 -18.45 1.55
C ASN B 355 18.61 -17.42 0.64
N LEU B 356 17.94 -17.12 -0.48
CA LEU B 356 18.40 -16.08 -1.38
C LEU B 356 18.00 -14.71 -0.87
N GLY B 357 16.74 -14.54 -0.49
CA GLY B 357 16.32 -13.31 0.14
C GLY B 357 16.19 -12.18 -0.86
N PRO B 358 16.91 -11.08 -0.64
CA PRO B 358 16.81 -9.98 -1.60
C PRO B 358 17.66 -10.26 -2.83
N ILE B 359 17.05 -10.68 -3.92
CA ILE B 359 17.77 -10.75 -5.18
C ILE B 359 17.77 -9.35 -5.70
N VAL B 360 18.84 -8.59 -5.43
CA VAL B 360 18.82 -7.22 -5.88
C VAL B 360 19.05 -7.15 -7.39
N ASP B 361 19.86 -8.05 -7.94
CA ASP B 361 20.16 -8.08 -9.37
C ASP B 361 20.84 -9.40 -9.68
N MET B 362 20.86 -9.74 -10.97
CA MET B 362 21.57 -10.93 -11.40
C MET B 362 21.87 -10.80 -12.88
N CYS B 363 23.02 -11.31 -13.29
CA CYS B 363 23.34 -11.46 -14.71
C CYS B 363 23.63 -12.91 -14.98
N VAL B 364 22.83 -13.54 -15.82
CA VAL B 364 23.03 -14.96 -16.13
C VAL B 364 24.22 -15.08 -17.08
N VAL B 365 25.29 -15.69 -16.59
CA VAL B 365 26.53 -15.78 -17.34
C VAL B 365 26.82 -17.24 -17.54
N ASP B 366 27.78 -17.50 -18.41
CA ASP B 366 28.21 -18.86 -18.70
C ASP B 366 29.62 -19.01 -18.14
N LEU B 367 29.75 -19.73 -17.03
CA LEU B 367 31.04 -19.87 -16.38
C LEU B 367 31.95 -20.81 -17.17
N GLU B 368 31.53 -22.06 -17.33
CA GLU B 368 32.44 -23.01 -17.96
C GLU B 368 32.40 -22.87 -19.47
N ARG B 369 31.33 -23.36 -20.09
CA ARG B 369 31.09 -23.48 -21.53
C ARG B 369 29.63 -23.89 -21.71
N GLN B 370 29.32 -24.33 -22.94
CA GLN B 370 28.17 -25.14 -23.31
C GLN B 370 26.86 -24.38 -23.31
N GLY B 371 26.88 -23.07 -23.02
CA GLY B 371 25.69 -22.27 -23.11
C GLY B 371 24.62 -22.56 -22.08
N GLN B 372 24.94 -23.33 -21.04
CA GLN B 372 23.99 -23.59 -19.98
C GLN B 372 23.99 -22.40 -19.01
N GLY B 373 22.82 -21.87 -18.72
CA GLY B 373 22.73 -20.67 -17.90
C GLY B 373 23.08 -20.97 -16.45
N GLN B 374 23.91 -20.10 -15.89
CA GLN B 374 24.41 -20.28 -14.52
C GLN B 374 24.26 -18.95 -13.80
N LEU B 375 23.21 -18.81 -12.99
CA LEU B 375 22.84 -17.51 -12.46
C LEU B 375 23.78 -17.10 -11.34
N VAL B 376 24.22 -15.86 -11.39
CA VAL B 376 25.05 -15.29 -10.35
C VAL B 376 24.26 -14.13 -9.76
N THR B 377 23.48 -14.39 -8.74
CA THR B 377 22.69 -13.34 -8.10
C THR B 377 23.43 -12.74 -6.91
N CYS B 378 23.04 -11.53 -6.58
CA CYS B 378 23.51 -10.86 -5.38
C CYS B 378 22.43 -10.90 -4.32
N SER B 379 22.83 -10.98 -3.06
CA SER B 379 21.85 -11.22 -2.03
C SER B 379 22.31 -10.65 -0.71
N GLY B 380 21.41 -10.70 0.26
CA GLY B 380 21.70 -10.21 1.60
C GLY B 380 21.49 -8.73 1.72
N ALA B 381 21.53 -8.24 2.96
CA ALA B 381 21.29 -6.83 3.19
C ALA B 381 22.47 -6.11 3.81
N PHE B 382 22.92 -6.47 5.01
CA PHE B 382 23.93 -5.64 5.67
C PHE B 382 25.17 -6.43 6.02
N LYS B 383 25.06 -7.53 6.76
CA LYS B 383 26.22 -8.31 7.13
C LYS B 383 26.16 -9.68 6.51
N GLU B 384 25.20 -9.93 5.66
CA GLU B 384 25.07 -11.23 5.03
C GLU B 384 24.83 -11.08 3.55
N GLY B 385 25.34 -10.01 2.95
CA GLY B 385 25.37 -9.93 1.52
C GLY B 385 26.31 -10.99 0.96
N SER B 386 25.86 -11.64 -0.10
CA SER B 386 26.58 -12.79 -0.60
C SER B 386 26.24 -12.97 -2.07
N LEU B 387 27.21 -13.47 -2.83
CA LEU B 387 26.97 -13.88 -4.19
C LEU B 387 26.49 -15.31 -4.17
N ARG B 388 25.32 -15.55 -4.73
CA ARG B 388 24.81 -16.91 -4.82
C ARG B 388 24.88 -17.35 -6.27
N ILE B 389 25.59 -18.43 -6.52
CA ILE B 389 25.78 -18.97 -7.85
C ILE B 389 24.94 -20.23 -7.94
N ILE B 390 23.81 -20.14 -8.62
CA ILE B 390 22.87 -21.24 -8.72
C ILE B 390 22.92 -21.83 -10.12
N ARG B 391 23.13 -23.14 -10.20
CA ARG B 391 23.18 -23.84 -11.47
C ARG B 391 22.22 -25.02 -11.44
N ASN B 392 21.77 -25.42 -12.62
CA ASN B 392 20.84 -26.54 -12.78
C ASN B 392 21.54 -27.88 -12.64
N GLY B 393 20.81 -28.85 -12.09
CA GLY B 393 21.39 -30.16 -11.81
C GLY B 393 20.79 -31.29 -12.63
N LYS B 709 19.16 -30.82 -6.88
CA LYS B 709 18.99 -30.26 -8.21
C LYS B 709 19.80 -28.96 -8.36
N LEU B 710 19.17 -27.83 -8.05
CA LEU B 710 19.77 -26.51 -8.18
C LEU B 710 20.85 -26.35 -7.13
N HIS B 711 22.11 -26.50 -7.54
CA HIS B 711 23.19 -26.32 -6.58
C HIS B 711 23.51 -24.84 -6.46
N ILE B 712 23.61 -24.35 -5.23
CA ILE B 712 23.76 -22.93 -4.93
C ILE B 712 25.03 -22.73 -4.11
N ARG B 713 26.08 -22.25 -4.76
CA ARG B 713 27.32 -21.96 -4.05
C ARG B 713 27.30 -20.54 -3.52
N THR B 714 27.59 -20.37 -2.25
CA THR B 714 27.49 -19.09 -1.55
C THR B 714 28.88 -18.51 -1.33
N VAL B 715 29.08 -17.29 -1.77
CA VAL B 715 30.28 -16.57 -1.38
C VAL B 715 29.85 -15.39 -0.51
N PRO B 716 30.02 -15.46 0.80
CA PRO B 716 29.61 -14.36 1.65
C PRO B 716 30.54 -13.17 1.53
N LEU B 717 29.95 -11.99 1.39
CA LEU B 717 30.67 -10.73 1.29
C LEU B 717 30.71 -9.98 2.60
N TYR B 718 29.69 -10.19 3.45
CA TYR B 718 29.42 -9.48 4.71
C TYR B 718 29.13 -8.01 4.51
N GLU B 719 28.78 -7.59 3.30
CA GLU B 719 28.34 -6.21 3.07
C GLU B 719 27.35 -6.23 1.93
N SER B 720 26.69 -5.10 1.73
CA SER B 720 25.59 -5.02 0.80
C SER B 720 26.05 -5.05 -0.65
N PRO B 721 25.57 -5.96 -1.48
CA PRO B 721 25.79 -5.81 -2.92
C PRO B 721 24.63 -5.08 -3.59
N ARG B 722 24.96 -4.13 -4.45
CA ARG B 722 23.95 -3.35 -5.14
C ARG B 722 23.68 -3.88 -6.55
N LYS B 723 24.68 -3.86 -7.42
CA LYS B 723 24.54 -4.39 -8.77
C LYS B 723 25.80 -5.11 -9.17
N ILE B 724 25.66 -6.04 -10.12
CA ILE B 724 26.77 -6.82 -10.64
C ILE B 724 26.71 -6.78 -12.15
N CYS B 725 27.87 -6.90 -12.78
CA CYS B 725 27.98 -7.22 -14.20
C CYS B 725 29.26 -7.98 -14.46
N TYR B 726 29.32 -8.59 -15.64
CA TYR B 726 30.32 -9.61 -15.96
C TYR B 726 31.24 -9.11 -17.06
N GLN B 727 32.53 -9.06 -16.79
CA GLN B 727 33.52 -8.69 -17.79
C GLN B 727 34.26 -9.96 -18.15
N GLU B 728 33.86 -10.59 -19.26
CA GLU B 728 34.41 -11.88 -19.62
C GLU B 728 35.81 -11.81 -20.20
N VAL B 729 36.32 -10.61 -20.48
CA VAL B 729 37.66 -10.50 -21.03
C VAL B 729 38.69 -10.90 -19.99
N SER B 730 38.62 -10.30 -18.82
CA SER B 730 39.49 -10.73 -17.74
C SER B 730 38.83 -11.78 -16.86
N GLN B 731 37.67 -12.31 -17.28
CA GLN B 731 36.92 -13.33 -16.54
C GLN B 731 36.57 -12.88 -15.12
N CYS B 732 36.03 -11.68 -15.02
CA CYS B 732 35.89 -11.00 -13.75
C CYS B 732 34.46 -10.52 -13.56
N PHE B 733 34.15 -10.18 -12.33
CA PHE B 733 32.85 -9.67 -11.92
C PHE B 733 33.05 -8.31 -11.30
N GLY B 734 32.28 -7.33 -11.74
CA GLY B 734 32.24 -6.04 -11.09
C GLY B 734 30.98 -5.96 -10.26
N VAL B 735 31.15 -5.67 -8.97
CA VAL B 735 30.02 -5.63 -8.06
C VAL B 735 30.17 -4.43 -7.15
N LEU B 736 29.05 -3.97 -6.61
CA LEU B 736 28.96 -2.71 -5.88
C LEU B 736 28.71 -2.99 -4.40
N SER B 737 29.74 -2.86 -3.59
CA SER B 737 29.66 -3.17 -2.17
C SER B 737 29.51 -1.89 -1.38
N SER B 738 28.47 -1.81 -0.56
CA SER B 738 28.17 -0.60 0.19
C SER B 738 28.15 -0.94 1.67
N ARG B 739 29.26 -0.74 2.36
CA ARG B 739 29.28 -1.12 3.76
C ARG B 739 28.99 0.09 4.64
N ILE B 740 28.35 -0.16 5.78
CA ILE B 740 27.92 0.89 6.70
C ILE B 740 29.00 1.07 7.76
N GLU B 741 29.47 2.29 7.93
CA GLU B 741 30.43 2.62 8.95
C GLU B 741 29.84 3.62 9.92
N VAL B 742 30.25 3.50 11.18
CA VAL B 742 29.74 4.34 12.26
C VAL B 742 30.82 5.33 12.66
N GLN B 743 30.43 6.61 12.70
CA GLN B 743 31.34 7.73 12.81
C GLN B 743 31.83 7.88 14.25
N ASP B 744 32.89 8.67 14.38
CA ASP B 744 33.51 8.93 15.68
C ASP B 744 34.33 10.20 15.56
N THR B 745 34.88 10.63 16.69
CA THR B 745 35.90 11.66 16.69
C THR B 745 37.30 11.08 16.60
N SER B 746 37.43 9.76 16.68
CA SER B 746 38.71 9.09 16.53
C SER B 746 38.95 8.86 15.05
N GLY B 747 39.80 9.69 14.45
CA GLY B 747 40.04 9.61 13.03
C GLY B 747 38.83 10.08 12.24
N GLY B 748 38.78 9.67 10.99
CA GLY B 748 37.58 9.90 10.22
C GLY B 748 36.45 9.02 10.68
N THR B 749 36.49 7.72 10.35
CA THR B 749 35.44 6.76 10.67
C THR B 749 35.94 5.34 10.38
N THR B 750 35.82 4.43 11.34
CA THR B 750 36.30 3.05 11.20
C THR B 750 35.12 2.08 11.27
N ALA B 751 35.16 1.06 10.43
CA ALA B 751 34.02 0.19 10.15
C ALA B 751 33.73 -0.76 11.31
N LEU B 752 32.64 -1.51 11.14
CA LEU B 752 32.16 -2.43 12.17
C LEU B 752 32.87 -3.77 12.11
N ARG B 753 32.68 -4.51 11.02
CA ARG B 753 33.10 -5.90 10.96
C ARG B 753 34.03 -6.15 9.79
N PRO B 754 34.87 -7.18 9.85
CA PRO B 754 35.70 -7.52 8.70
C PRO B 754 34.86 -8.08 7.57
N SER B 755 34.84 -7.38 6.44
CA SER B 755 34.02 -7.79 5.32
C SER B 755 34.87 -7.93 4.08
N ALA B 756 34.23 -8.04 2.91
CA ALA B 756 34.94 -8.33 1.67
C ALA B 756 35.85 -7.17 1.27
N SER B 757 35.36 -5.94 1.39
CA SER B 757 36.18 -4.78 1.04
C SER B 757 37.34 -4.61 2.00
N THR B 758 37.17 -5.00 3.25
CA THR B 758 38.24 -4.86 4.21
C THR B 758 39.26 -5.98 4.10
N GLN B 759 38.96 -7.03 3.35
CA GLN B 759 39.85 -8.16 3.19
C GLN B 759 40.31 -8.31 1.74
N ALA B 760 40.63 -7.19 1.10
CA ALA B 760 41.05 -7.22 -0.29
C ALA B 760 42.56 -7.33 -0.40
N LEU B 761 42.99 -7.83 -1.54
CA LEU B 761 44.42 -7.97 -1.80
C LEU B 761 45.06 -6.62 -2.06
N SER B 762 44.42 -5.79 -2.88
CA SER B 762 44.96 -4.47 -3.22
C SER B 762 43.79 -3.54 -3.47
N SER B 763 43.62 -2.56 -2.60
CA SER B 763 42.52 -1.62 -2.70
C SER B 763 43.05 -0.25 -3.13
N SER B 764 42.12 0.59 -3.62
CA SER B 764 42.47 1.96 -3.93
C SER B 764 41.26 2.85 -3.75
N VAL B 765 41.45 3.92 -3.03
CA VAL B 765 40.45 4.96 -2.92
C VAL B 765 40.48 5.79 -4.20
N SER B 766 39.36 6.40 -4.56
CA SER B 766 39.34 7.28 -5.71
C SER B 766 40.06 8.57 -5.34
N SER B 767 41.02 8.99 -6.15
CA SER B 767 41.82 10.17 -5.85
C SER B 767 41.48 11.38 -6.68
N SER B 768 40.36 11.36 -7.40
CA SER B 768 39.95 12.51 -8.18
C SER B 768 39.38 13.57 -7.25
N LYS B 769 39.79 14.83 -7.45
CA LYS B 769 39.42 15.87 -6.49
C LYS B 769 38.00 16.38 -6.75
N LEU B 770 37.80 17.05 -7.88
CA LEU B 770 36.49 17.55 -8.34
C LEU B 770 35.70 18.38 -7.33
N PHE B 782 25.68 13.58 14.06
CA PHE B 782 26.38 12.46 14.66
C PHE B 782 25.45 11.25 14.64
N GLY B 783 24.17 11.52 14.46
CA GLY B 783 23.13 10.51 14.58
C GLY B 783 22.85 9.73 13.31
N GLU B 784 23.74 9.81 12.33
CA GLU B 784 23.59 9.07 11.08
C GLU B 784 24.65 7.98 10.98
N GLU B 785 24.76 7.34 9.81
CA GLU B 785 25.83 6.41 9.52
C GLU B 785 26.34 6.67 8.12
N VAL B 786 27.65 6.57 7.93
CA VAL B 786 28.22 6.84 6.61
C VAL B 786 28.24 5.55 5.82
N GLU B 787 28.14 5.68 4.50
CA GLU B 787 28.18 4.55 3.59
C GLU B 787 29.46 4.63 2.77
N VAL B 788 30.23 3.55 2.78
CA VAL B 788 31.41 3.46 1.94
C VAL B 788 31.08 2.55 0.78
N HIS B 789 31.11 3.12 -0.41
CA HIS B 789 30.73 2.42 -1.63
C HIS B 789 31.97 2.04 -2.41
N ASN B 790 32.01 0.80 -2.87
CA ASN B 790 33.18 0.24 -3.51
C ASN B 790 32.76 -0.54 -4.73
N LEU B 791 33.66 -0.62 -5.69
CA LEU B 791 33.58 -1.63 -6.74
C LEU B 791 34.54 -2.74 -6.35
N LEU B 792 34.00 -3.95 -6.17
CA LEU B 792 34.85 -5.11 -6.03
C LEU B 792 34.96 -5.80 -7.38
N ILE B 793 36.16 -6.27 -7.70
CA ILE B 793 36.36 -7.09 -8.88
C ILE B 793 36.74 -8.49 -8.42
N ILE B 794 35.97 -9.47 -8.89
CA ILE B 794 35.90 -10.80 -8.30
C ILE B 794 36.15 -11.83 -9.40
N ASP B 795 37.09 -12.75 -9.17
CA ASP B 795 37.39 -13.79 -10.15
C ASP B 795 36.21 -14.73 -10.33
N GLN B 796 35.98 -15.14 -11.58
CA GLN B 796 34.81 -15.97 -11.85
C GLN B 796 35.03 -17.44 -11.55
N HIS B 797 36.26 -17.83 -11.18
CA HIS B 797 36.56 -19.22 -10.92
C HIS B 797 36.71 -19.50 -9.44
N THR B 798 37.53 -18.71 -8.74
CA THR B 798 37.81 -18.93 -7.34
C THR B 798 36.97 -18.05 -6.42
N PHE B 799 36.40 -16.97 -6.96
CA PHE B 799 35.45 -16.06 -6.31
C PHE B 799 36.04 -15.34 -5.12
N GLU B 800 37.35 -15.26 -5.01
CA GLU B 800 37.95 -14.34 -4.08
C GLU B 800 37.89 -12.93 -4.65
N VAL B 801 38.27 -11.96 -3.85
CA VAL B 801 38.32 -10.60 -4.36
C VAL B 801 39.72 -10.29 -4.86
N LEU B 802 39.80 -9.37 -5.80
CA LEU B 802 41.07 -9.00 -6.40
C LEU B 802 41.41 -7.54 -6.18
N HIS B 803 40.45 -6.64 -6.38
CA HIS B 803 40.68 -5.24 -6.08
C HIS B 803 39.37 -4.61 -5.63
N ALA B 804 39.47 -3.76 -4.61
CA ALA B 804 38.34 -3.01 -4.10
C ALA B 804 38.63 -1.53 -4.32
N HIS B 805 37.82 -0.89 -5.15
CA HIS B 805 37.94 0.53 -5.40
C HIS B 805 36.94 1.25 -4.53
N GLN B 806 37.45 1.99 -3.56
CA GLN B 806 36.61 2.72 -2.61
C GLN B 806 36.33 4.12 -3.14
N PHE B 807 35.07 4.49 -3.17
CA PHE B 807 34.75 5.84 -3.61
C PHE B 807 34.80 6.80 -2.44
N LEU B 808 34.77 8.10 -2.76
CA LEU B 808 35.18 9.13 -1.82
C LEU B 808 34.12 9.37 -0.75
N GLN B 809 34.39 10.39 0.07
CA GLN B 809 33.51 10.72 1.18
C GLN B 809 32.18 11.27 0.69
N ASN B 810 31.11 10.65 1.17
CA ASN B 810 29.73 10.89 0.77
C ASN B 810 29.50 10.68 -0.72
N GLU B 811 30.33 9.88 -1.36
CA GLU B 811 30.05 9.40 -2.69
C GLU B 811 29.09 8.22 -2.59
N TYR B 812 28.45 7.89 -3.70
CA TYR B 812 27.40 6.89 -3.63
C TYR B 812 27.27 6.29 -5.03
N ALA B 813 27.85 5.12 -5.26
CA ALA B 813 27.75 4.52 -6.57
C ALA B 813 26.38 3.87 -6.77
N LEU B 814 25.67 4.28 -7.82
CA LEU B 814 24.36 3.70 -8.08
C LEU B 814 24.38 2.61 -9.15
N SER B 815 24.82 2.90 -10.36
CA SER B 815 24.64 1.95 -11.45
C SER B 815 25.98 1.62 -12.09
N LEU B 816 26.01 0.42 -12.70
CA LEU B 816 27.23 -0.18 -13.22
C LEU B 816 26.93 -0.90 -14.51
N VAL B 817 27.81 -0.73 -15.48
CA VAL B 817 27.69 -1.40 -16.78
C VAL B 817 29.08 -1.70 -17.29
N SER B 818 29.24 -2.88 -17.88
CA SER B 818 30.49 -3.32 -18.48
C SER B 818 30.29 -3.50 -19.98
N CYS B 819 31.09 -2.79 -20.78
CA CYS B 819 30.92 -2.78 -22.23
C CYS B 819 32.17 -2.19 -22.87
N LYS B 820 32.27 -2.39 -24.18
CA LYS B 820 33.23 -1.70 -25.03
C LYS B 820 32.57 -0.46 -25.61
N LEU B 821 33.35 0.60 -25.76
CA LEU B 821 32.82 1.87 -26.22
C LEU B 821 33.66 2.42 -27.38
N GLY B 822 32.98 3.06 -28.32
CA GLY B 822 33.67 3.69 -29.43
C GLY B 822 34.29 2.64 -30.33
N LYS B 823 35.50 2.94 -30.81
CA LYS B 823 36.27 2.00 -31.59
C LYS B 823 37.43 1.45 -30.78
N ASP B 824 37.27 1.44 -29.47
CA ASP B 824 38.32 0.95 -28.59
C ASP B 824 38.44 -0.56 -28.68
N PRO B 825 39.66 -1.10 -28.48
CA PRO B 825 39.82 -2.55 -28.46
C PRO B 825 39.52 -3.21 -27.12
N ASN B 826 39.44 -2.46 -26.04
CA ASN B 826 39.34 -3.03 -24.70
C ASN B 826 38.01 -2.70 -24.04
N THR B 827 37.55 -3.63 -23.20
CA THR B 827 36.30 -3.49 -22.48
C THR B 827 36.51 -2.62 -21.26
N TYR B 828 35.47 -1.88 -20.88
CA TYR B 828 35.55 -0.95 -19.77
C TYR B 828 34.42 -1.18 -18.78
N PHE B 829 34.72 -0.92 -17.50
CA PHE B 829 33.71 -0.79 -16.46
C PHE B 829 33.27 0.65 -16.36
N ILE B 830 31.99 0.87 -16.15
CA ILE B 830 31.44 2.22 -16.10
C ILE B 830 30.54 2.29 -14.88
N VAL B 831 30.82 3.21 -13.95
CA VAL B 831 30.07 3.31 -12.71
C VAL B 831 29.45 4.69 -12.58
N GLY B 832 28.21 4.70 -12.11
CA GLY B 832 27.42 5.89 -11.95
C GLY B 832 27.40 6.48 -10.55
N THR B 833 28.44 7.14 -10.11
CA THR B 833 28.39 7.56 -8.71
C THR B 833 27.82 8.96 -8.57
N ALA B 834 27.22 9.19 -7.42
CA ALA B 834 26.61 10.47 -7.05
C ALA B 834 27.29 10.97 -5.79
N MET B 835 26.96 12.19 -5.37
CA MET B 835 27.40 12.70 -4.08
C MET B 835 26.17 13.15 -3.31
N VAL B 836 25.68 12.30 -2.42
CA VAL B 836 24.53 12.66 -1.60
C VAL B 836 25.04 13.25 -0.30
N TYR B 837 24.28 14.18 0.25
CA TYR B 837 24.67 14.99 1.39
C TYR B 837 23.56 14.96 2.42
N PRO B 838 23.89 15.03 3.71
CA PRO B 838 22.85 14.93 4.74
C PRO B 838 21.94 16.14 4.80
N GLU B 839 22.43 17.30 4.39
CA GLU B 839 21.65 18.53 4.50
C GLU B 839 20.59 18.67 3.41
N GLU B 840 20.69 17.95 2.30
CA GLU B 840 19.74 18.09 1.20
C GLU B 840 19.20 16.73 0.80
N ALA B 841 17.92 16.69 0.46
CA ALA B 841 17.31 15.44 0.01
C ALA B 841 17.72 15.12 -1.41
N GLU B 842 17.62 16.09 -2.30
CA GLU B 842 17.98 15.82 -3.69
C GLU B 842 19.49 15.96 -3.89
N PRO B 843 20.11 15.04 -4.60
CA PRO B 843 21.53 15.18 -4.93
C PRO B 843 21.74 16.15 -6.07
N LYS B 844 22.93 16.73 -6.11
CA LYS B 844 23.21 17.78 -7.07
C LYS B 844 24.46 17.58 -7.91
N GLN B 845 25.39 16.73 -7.49
CA GLN B 845 26.53 16.43 -8.32
C GLN B 845 26.75 14.94 -8.37
N GLY B 846 27.28 14.47 -9.48
CA GLY B 846 27.73 13.10 -9.55
C GLY B 846 28.74 13.03 -10.67
N ARG B 847 29.25 11.83 -10.91
CA ARG B 847 30.20 11.66 -11.98
C ARG B 847 30.12 10.26 -12.53
N ILE B 848 30.29 10.17 -13.84
CA ILE B 848 30.41 8.90 -14.52
C ILE B 848 31.89 8.57 -14.60
N VAL B 849 32.28 7.44 -14.02
CA VAL B 849 33.68 7.07 -13.96
C VAL B 849 33.88 5.76 -14.70
N VAL B 850 34.92 5.70 -15.54
CA VAL B 850 35.16 4.57 -16.42
C VAL B 850 36.53 4.00 -16.10
N PHE B 851 36.56 2.73 -15.72
CA PHE B 851 37.75 1.97 -15.36
C PHE B 851 38.08 0.93 -16.42
N GLN B 852 39.32 0.47 -16.37
CA GLN B 852 39.82 -0.71 -17.07
C GLN B 852 40.45 -1.65 -16.06
N TYR B 853 40.72 -2.88 -16.46
CA TYR B 853 41.42 -3.82 -15.60
C TYR B 853 42.64 -4.39 -16.33
N SER B 854 43.82 -3.92 -15.94
CA SER B 854 45.05 -4.31 -16.63
C SER B 854 45.71 -5.48 -15.92
N ASP B 855 44.90 -6.52 -15.70
CA ASP B 855 45.31 -7.83 -15.21
C ASP B 855 46.04 -7.73 -13.86
N GLY B 856 45.32 -7.27 -12.86
CA GLY B 856 45.89 -7.05 -11.54
C GLY B 856 45.81 -5.62 -11.10
N LYS B 857 45.49 -4.69 -12.00
CA LYS B 857 45.37 -3.28 -11.67
C LYS B 857 44.09 -2.76 -12.30
N LEU B 858 43.26 -2.11 -11.48
CA LEU B 858 42.10 -1.38 -11.96
C LEU B 858 42.50 0.07 -12.16
N GLN B 859 42.50 0.52 -13.41
CA GLN B 859 42.94 1.86 -13.74
C GLN B 859 41.77 2.68 -14.23
N THR B 860 41.54 3.82 -13.57
CA THR B 860 40.56 4.78 -14.03
C THR B 860 41.06 5.40 -15.32
N VAL B 861 40.25 5.34 -16.36
CA VAL B 861 40.61 5.98 -17.61
C VAL B 861 39.75 7.20 -17.88
N ALA B 862 38.59 7.33 -17.24
CA ALA B 862 37.77 8.48 -17.58
C ALA B 862 36.95 8.87 -16.37
N GLU B 863 36.60 10.15 -16.30
CA GLU B 863 35.62 10.63 -15.34
C GLU B 863 34.96 11.86 -15.93
N LYS B 864 33.70 12.06 -15.57
CA LYS B 864 32.95 13.17 -16.12
C LYS B 864 31.97 13.65 -15.06
N GLU B 865 32.12 14.90 -14.67
CA GLU B 865 31.30 15.48 -13.61
C GLU B 865 30.00 16.01 -14.20
N VAL B 866 28.88 15.42 -13.78
CA VAL B 866 27.57 15.80 -14.26
C VAL B 866 26.79 16.42 -13.10
N LYS B 867 26.02 17.46 -13.40
CA LYS B 867 25.21 18.12 -12.39
C LYS B 867 24.00 17.28 -12.04
N GLY B 868 24.15 16.40 -11.06
CA GLY B 868 23.08 15.52 -10.65
C GLY B 868 23.57 14.12 -10.37
N ALA B 869 22.68 13.21 -10.02
CA ALA B 869 23.05 11.84 -9.73
C ALA B 869 22.95 11.00 -10.98
N VAL B 870 23.90 10.10 -11.16
CA VAL B 870 23.90 9.21 -12.31
C VAL B 870 23.07 7.99 -11.98
N TYR B 871 21.86 7.93 -12.51
CA TYR B 871 20.92 6.96 -11.99
C TYR B 871 21.06 5.60 -12.65
N SER B 872 21.13 5.54 -13.98
CA SER B 872 21.26 4.27 -14.67
C SER B 872 22.04 4.47 -15.95
N MET B 873 22.90 3.52 -16.28
CA MET B 873 23.71 3.62 -17.48
C MET B 873 23.63 2.34 -18.28
N VAL B 874 23.49 2.48 -19.59
CA VAL B 874 23.32 1.34 -20.47
C VAL B 874 24.16 1.58 -21.72
N GLU B 875 24.67 0.51 -22.31
CA GLU B 875 25.42 0.63 -23.54
C GLU B 875 24.45 0.66 -24.71
N PHE B 876 24.62 1.65 -25.58
CA PHE B 876 23.70 1.88 -26.69
C PHE B 876 24.54 2.03 -27.95
N ASN B 877 24.87 0.88 -28.57
CA ASN B 877 25.59 0.79 -29.84
C ASN B 877 26.93 1.51 -29.79
N GLY B 878 27.75 1.14 -28.81
CA GLY B 878 29.02 1.82 -28.66
C GLY B 878 28.92 3.21 -28.08
N LYS B 879 27.75 3.60 -27.59
CA LYS B 879 27.55 4.88 -26.94
C LYS B 879 26.89 4.63 -25.59
N LEU B 880 27.08 5.54 -24.66
CA LEU B 880 26.61 5.36 -23.30
C LEU B 880 25.39 6.22 -23.05
N LEU B 881 24.25 5.59 -22.86
CA LEU B 881 23.02 6.33 -22.62
C LEU B 881 22.87 6.49 -21.12
N ALA B 882 23.34 7.62 -20.60
CA ALA B 882 23.22 7.89 -19.18
C ALA B 882 21.85 8.45 -18.86
N SER B 883 21.50 8.39 -17.59
CA SER B 883 20.28 9.00 -17.10
C SER B 883 20.60 9.80 -15.85
N ILE B 884 20.43 11.11 -15.93
CA ILE B 884 20.50 11.95 -14.78
C ILE B 884 19.05 12.27 -14.43
N ASN B 885 18.86 13.04 -13.34
CA ASN B 885 17.66 13.20 -12.52
C ASN B 885 16.32 13.15 -13.26
N SER B 886 16.22 13.86 -14.37
CA SER B 886 15.20 13.54 -15.36
C SER B 886 15.74 13.70 -16.76
N THR B 887 17.04 13.85 -16.93
CA THR B 887 17.65 14.20 -18.21
C THR B 887 18.38 12.97 -18.73
N VAL B 888 17.81 12.29 -19.72
CA VAL B 888 18.51 11.18 -20.35
C VAL B 888 19.50 11.76 -21.35
N ARG B 889 20.78 11.53 -21.13
CA ARG B 889 21.79 12.06 -22.01
C ARG B 889 22.51 10.91 -22.70
N LEU B 890 23.20 11.23 -23.78
CA LEU B 890 23.95 10.23 -24.50
C LEU B 890 25.38 10.69 -24.63
N TYR B 891 26.30 9.75 -24.54
CA TYR B 891 27.71 10.05 -24.51
C TYR B 891 28.42 9.27 -25.60
N GLU B 892 29.10 9.99 -26.48
CA GLU B 892 30.04 9.40 -27.41
C GLU B 892 31.38 9.26 -26.71
N TRP B 893 32.04 8.15 -26.97
CA TRP B 893 33.35 7.89 -26.40
C TRP B 893 34.38 8.33 -27.43
N THR B 894 34.96 9.50 -27.23
CA THR B 894 35.82 10.08 -28.24
C THR B 894 37.16 9.38 -28.31
N THR B 895 37.95 9.76 -29.31
CA THR B 895 39.23 9.14 -29.54
C THR B 895 40.27 9.54 -28.52
N GLU B 896 40.11 10.67 -27.85
CA GLU B 896 41.11 11.15 -26.91
C GLU B 896 40.86 10.64 -25.49
N LYS B 897 40.16 9.52 -25.36
CA LYS B 897 39.79 8.90 -24.07
C LYS B 897 39.00 9.88 -23.21
N GLU B 898 37.80 10.24 -23.67
CA GLU B 898 36.99 11.22 -22.98
C GLU B 898 35.53 11.04 -23.40
N LEU B 899 34.63 11.50 -22.56
CA LEU B 899 33.20 11.33 -22.82
C LEU B 899 32.57 12.63 -23.25
N ARG B 900 31.72 12.58 -24.27
CA ARG B 900 31.16 13.81 -24.80
C ARG B 900 29.66 13.69 -24.97
N THR B 901 28.93 14.70 -24.52
CA THR B 901 27.48 14.65 -24.54
C THR B 901 26.94 15.01 -25.92
N GLU B 902 25.71 14.54 -26.19
CA GLU B 902 25.04 14.83 -27.46
C GLU B 902 23.77 15.65 -27.27
N CYS B 903 22.80 15.18 -26.49
CA CYS B 903 21.52 15.87 -26.38
C CYS B 903 20.99 15.70 -24.97
N ASN B 904 19.83 16.31 -24.71
CA ASN B 904 19.21 16.28 -23.39
C ASN B 904 17.71 16.16 -23.58
N HIS B 905 17.17 15.00 -23.28
CA HIS B 905 15.73 14.79 -23.28
C HIS B 905 15.22 14.81 -21.85
N TYR B 906 14.12 15.48 -21.61
CA TYR B 906 13.68 15.73 -20.24
C TYR B 906 12.35 15.06 -19.98
N MET B 910 11.99 10.94 -13.50
CA MET B 910 12.97 10.04 -12.90
C MET B 910 13.24 8.84 -13.79
N ALA B 911 14.14 9.01 -14.73
CA ALA B 911 14.55 7.93 -15.61
C ALA B 911 15.52 7.04 -14.87
N LEU B 912 15.07 5.87 -14.47
CA LEU B 912 15.87 5.01 -13.61
C LEU B 912 16.06 3.60 -14.15
N TYR B 913 15.25 3.15 -15.11
CA TYR B 913 15.46 1.88 -15.79
C TYR B 913 15.66 2.15 -17.27
N LEU B 914 16.79 1.70 -17.82
CA LEU B 914 17.08 1.86 -19.24
C LEU B 914 17.33 0.49 -19.83
N LYS B 915 16.45 0.06 -20.73
CA LYS B 915 16.60 -1.21 -21.43
C LYS B 915 16.70 -0.94 -22.91
N THR B 916 17.57 -1.67 -23.60
CA THR B 916 17.92 -1.37 -24.98
C THR B 916 17.92 -2.65 -25.80
N LYS B 917 17.03 -2.73 -26.78
CA LYS B 917 17.02 -3.81 -27.75
C LYS B 917 17.39 -3.22 -29.11
N GLY B 918 18.69 -3.07 -29.33
CA GLY B 918 19.10 -2.53 -30.62
C GLY B 918 19.06 -1.02 -30.62
N ASP B 919 17.95 -0.47 -31.12
CA ASP B 919 17.78 0.97 -31.21
C ASP B 919 16.77 1.54 -30.22
N PHE B 920 15.81 0.74 -29.78
CA PHE B 920 14.79 1.24 -28.87
C PHE B 920 15.35 1.42 -27.47
N ILE B 921 14.69 2.29 -26.71
CA ILE B 921 15.01 2.51 -25.31
C ILE B 921 13.70 2.50 -24.54
N LEU B 922 13.58 1.61 -23.58
CA LEU B 922 12.39 1.57 -22.73
C LEU B 922 12.77 2.19 -21.40
N VAL B 923 12.43 3.46 -21.22
CA VAL B 923 12.68 4.16 -19.97
C VAL B 923 11.47 4.01 -19.08
N GLY B 924 11.67 3.42 -17.90
CA GLY B 924 10.60 3.32 -16.94
C GLY B 924 10.75 4.36 -15.86
N ASP B 925 9.93 5.40 -15.91
CA ASP B 925 9.91 6.36 -14.82
C ASP B 925 9.21 5.74 -13.62
N LEU B 926 9.44 6.32 -12.45
CA LEU B 926 8.82 5.81 -11.23
C LEU B 926 7.31 6.01 -11.26
N MET B 927 6.85 7.13 -11.82
CA MET B 927 5.40 7.43 -11.87
C MET B 927 4.96 7.73 -13.31
N ARG B 928 5.88 7.55 -14.27
CA ARG B 928 5.56 7.79 -15.70
C ARG B 928 5.31 6.43 -16.38
N SER B 929 4.94 5.42 -15.60
CA SER B 929 4.68 4.05 -16.13
C SER B 929 5.87 3.62 -16.99
N VAL B 930 5.75 3.77 -18.31
CA VAL B 930 6.81 3.41 -19.24
C VAL B 930 6.81 4.39 -20.39
N LEU B 931 7.97 4.47 -21.05
CA LEU B 931 8.22 5.42 -22.12
C LEU B 931 9.16 4.74 -23.11
N LEU B 932 9.00 5.03 -24.39
CA LEU B 932 9.94 4.52 -25.37
C LEU B 932 10.71 5.67 -25.99
N LEU B 933 11.82 5.34 -26.62
CA LEU B 933 12.64 6.30 -27.33
C LEU B 933 13.30 5.61 -28.49
N ALA B 934 13.64 6.40 -29.52
CA ALA B 934 14.44 5.94 -30.62
C ALA B 934 15.55 6.95 -30.89
N TYR B 935 16.47 6.58 -31.78
CA TYR B 935 17.60 7.43 -32.11
C TYR B 935 17.62 7.76 -33.61
N PHE B 942 16.37 12.50 -29.38
CA PHE B 942 15.67 11.26 -29.04
C PHE B 942 14.19 11.43 -29.37
N GLU B 943 13.80 10.88 -30.49
CA GLU B 943 12.41 10.93 -30.95
C GLU B 943 11.59 9.96 -30.11
N GLU B 944 10.78 10.51 -29.20
CA GLU B 944 9.88 9.72 -28.39
C GLU B 944 8.86 9.01 -29.27
N ILE B 945 8.41 7.84 -28.81
CA ILE B 945 7.56 6.99 -29.62
C ILE B 945 6.20 6.81 -28.96
N ALA B 946 6.19 6.35 -27.72
CA ALA B 946 4.92 6.13 -27.03
C ALA B 946 5.15 6.24 -25.53
N ARG B 947 4.05 6.28 -24.80
CA ARG B 947 4.08 6.34 -23.35
C ARG B 947 2.97 5.46 -22.79
N ASP B 948 2.87 5.43 -21.46
CA ASP B 948 1.76 4.77 -20.80
C ASP B 948 1.31 5.62 -19.63
N PHE B 949 0.00 5.66 -19.43
CA PHE B 949 -0.60 6.57 -18.47
C PHE B 949 -1.36 5.72 -17.46
N ASN B 950 -0.61 5.21 -16.47
CA ASN B 950 -1.20 4.29 -15.52
C ASN B 950 -0.52 4.42 -14.17
N PRO B 951 -1.27 4.40 -13.07
CA PRO B 951 -0.66 4.65 -11.77
C PRO B 951 0.08 3.42 -11.27
N ASN B 952 1.40 3.44 -11.42
CA ASN B 952 2.26 2.32 -11.06
C ASN B 952 3.50 2.90 -10.42
N TRP B 953 4.23 2.06 -9.72
CA TRP B 953 5.54 2.40 -9.24
C TRP B 953 6.45 1.26 -9.67
N MET B 954 7.21 1.50 -10.73
CA MET B 954 7.88 0.42 -11.44
C MET B 954 9.03 -0.11 -10.62
N SER B 955 8.95 -1.36 -10.20
CA SER B 955 10.12 -1.97 -9.62
C SER B 955 11.14 -2.33 -10.68
N ALA B 956 10.70 -2.90 -11.80
CA ALA B 956 11.57 -3.17 -12.93
C ALA B 956 10.72 -3.29 -14.19
N VAL B 957 11.37 -3.11 -15.34
CA VAL B 957 10.73 -3.24 -16.64
C VAL B 957 11.55 -4.17 -17.50
N GLU B 958 10.94 -4.62 -18.59
CA GLU B 958 11.61 -5.56 -19.48
C GLU B 958 11.10 -5.40 -20.89
N ILE B 959 12.02 -5.50 -21.83
CA ILE B 959 11.74 -5.49 -23.26
C ILE B 959 11.56 -6.93 -23.71
N LEU B 960 10.31 -7.38 -23.79
CA LEU B 960 10.05 -8.76 -24.18
C LEU B 960 10.39 -8.97 -25.65
N ASP B 961 9.67 -8.29 -26.53
CA ASP B 961 10.12 -8.08 -27.90
C ASP B 961 9.87 -6.62 -28.19
N ASP B 962 9.97 -6.23 -29.45
CA ASP B 962 9.76 -4.83 -29.78
C ASP B 962 8.30 -4.41 -29.69
N ASP B 963 7.38 -5.35 -29.61
CA ASP B 963 5.98 -5.01 -29.43
C ASP B 963 5.61 -4.95 -27.95
N ASN B 964 5.79 -6.06 -27.25
CA ASN B 964 5.32 -6.19 -25.88
C ASN B 964 6.40 -5.77 -24.90
N PHE B 965 6.00 -5.05 -23.87
CA PHE B 965 6.91 -4.61 -22.82
C PHE B 965 6.31 -4.94 -21.47
N LEU B 966 7.14 -5.49 -20.61
CA LEU B 966 6.70 -6.19 -19.42
C LEU B 966 7.26 -5.52 -18.18
N GLY B 967 6.39 -5.17 -17.25
CA GLY B 967 6.81 -4.48 -16.04
C GLY B 967 6.22 -5.14 -14.81
N ALA B 968 6.94 -4.98 -13.71
CA ALA B 968 6.49 -5.41 -12.40
C ALA B 968 6.39 -4.21 -11.50
N GLU B 969 5.35 -4.12 -10.71
CA GLU B 969 5.13 -2.93 -9.91
C GLU B 969 5.18 -3.28 -8.43
N ASN B 970 4.98 -2.25 -7.61
CA ASN B 970 5.12 -2.35 -6.16
C ASN B 970 3.86 -2.83 -5.47
N ALA B 971 2.76 -3.02 -6.20
CA ALA B 971 1.58 -3.67 -5.66
C ALA B 971 1.61 -5.17 -5.88
N PHE B 972 2.80 -5.71 -6.13
CA PHE B 972 3.06 -7.13 -6.33
C PHE B 972 2.28 -7.69 -7.52
N ASN B 973 2.62 -7.19 -8.70
CA ASN B 973 1.94 -7.59 -9.92
C ASN B 973 2.94 -7.69 -11.05
N LEU B 974 2.41 -8.11 -12.18
CA LEU B 974 3.12 -8.07 -13.46
C LEU B 974 2.11 -7.68 -14.51
N PHE B 975 2.56 -6.90 -15.48
CA PHE B 975 1.67 -6.47 -16.53
C PHE B 975 2.50 -6.32 -17.80
N VAL B 976 1.90 -6.69 -18.92
CA VAL B 976 2.54 -6.53 -20.21
C VAL B 976 1.66 -5.65 -21.09
N CYS B 977 2.30 -4.73 -21.78
CA CYS B 977 1.64 -3.72 -22.59
C CYS B 977 2.32 -3.69 -23.95
N GLN B 978 1.55 -3.91 -25.00
CA GLN B 978 2.10 -4.01 -26.34
C GLN B 978 2.31 -2.63 -26.92
N LYS B 979 2.76 -2.59 -28.17
CA LYS B 979 2.87 -1.35 -28.93
C LYS B 979 1.97 -1.47 -30.15
N ASP B 980 0.85 -0.75 -30.14
CA ASP B 980 -0.09 -0.80 -31.24
C ASP B 980 0.46 -0.03 -32.43
N SER B 981 0.42 -0.65 -33.61
CA SER B 981 0.93 -0.02 -34.82
C SER B 981 -0.21 0.56 -35.65
N THR B 985 -3.98 8.10 -37.15
CA THR B 985 -4.00 7.36 -35.90
C THR B 985 -2.71 7.61 -35.14
N ASP B 986 -2.23 8.85 -35.21
CA ASP B 986 -0.94 9.17 -34.60
C ASP B 986 -1.03 9.21 -33.08
N GLU B 987 -2.17 9.64 -32.53
CA GLU B 987 -2.38 9.46 -31.10
C GLU B 987 -2.51 7.99 -30.76
N GLU B 988 -3.17 7.23 -31.63
CA GLU B 988 -3.24 5.80 -31.45
C GLU B 988 -1.91 5.10 -31.77
N ARG B 989 -0.96 5.82 -32.37
CA ARG B 989 0.39 5.29 -32.53
C ARG B 989 1.27 5.59 -31.33
N GLN B 990 1.07 6.74 -30.69
CA GLN B 990 1.85 7.10 -29.51
C GLN B 990 1.11 6.70 -28.24
N HIS B 991 0.85 5.39 -28.12
CA HIS B 991 0.08 4.86 -27.01
C HIS B 991 0.43 3.40 -26.81
N LEU B 992 0.40 2.96 -25.56
CA LEU B 992 0.56 1.56 -25.23
C LEU B 992 -0.70 1.07 -24.54
N GLN B 993 -0.99 -0.22 -24.68
CA GLN B 993 -2.21 -0.81 -24.15
C GLN B 993 -1.85 -1.96 -23.23
N GLU B 994 -2.19 -1.84 -21.96
CA GLU B 994 -1.94 -2.91 -20.99
C GLU B 994 -2.82 -4.11 -21.31
N VAL B 995 -2.22 -5.15 -21.86
CA VAL B 995 -3.00 -6.29 -22.35
C VAL B 995 -2.87 -7.51 -21.44
N GLY B 996 -1.84 -7.61 -20.61
CA GLY B 996 -1.70 -8.79 -19.76
C GLY B 996 -1.46 -8.48 -18.30
N LEU B 997 -2.35 -8.92 -17.42
CA LEU B 997 -2.30 -8.55 -16.01
C LEU B 997 -2.21 -9.80 -15.16
N PHE B 998 -1.39 -9.77 -14.12
CA PHE B 998 -1.12 -11.00 -13.38
C PHE B 998 -0.61 -10.68 -12.00
N HIS B 999 -1.41 -10.97 -10.97
CA HIS B 999 -0.96 -10.71 -9.60
C HIS B 999 0.05 -11.77 -9.21
N LEU B 1000 1.32 -11.41 -9.29
CA LEU B 1000 2.37 -12.40 -9.05
C LEU B 1000 2.47 -12.78 -7.58
N GLY B 1001 2.44 -11.80 -6.71
CA GLY B 1001 2.63 -12.03 -5.30
C GLY B 1001 4.03 -11.76 -4.79
N GLU B 1002 4.83 -11.00 -5.54
CA GLU B 1002 6.23 -10.76 -5.21
C GLU B 1002 6.63 -9.35 -5.57
N PHE B 1003 7.77 -8.93 -5.05
CA PHE B 1003 8.35 -7.64 -5.40
C PHE B 1003 9.59 -7.91 -6.24
N VAL B 1004 9.48 -7.74 -7.55
CA VAL B 1004 10.52 -8.17 -8.47
C VAL B 1004 11.55 -7.08 -8.62
N ASN B 1005 12.76 -7.34 -8.19
CA ASN B 1005 13.79 -6.32 -8.25
C ASN B 1005 14.55 -6.31 -9.55
N VAL B 1006 14.54 -7.41 -10.31
CA VAL B 1006 15.37 -7.46 -11.51
C VAL B 1006 14.74 -8.44 -12.50
N PHE B 1007 14.84 -8.09 -13.78
CA PHE B 1007 14.57 -8.97 -14.89
C PHE B 1007 15.88 -9.20 -15.61
N CYS B 1008 16.17 -10.44 -15.98
CA CYS B 1008 17.35 -10.71 -16.78
C CYS B 1008 16.98 -11.70 -17.88
N HIS B 1009 17.43 -11.40 -19.09
CA HIS B 1009 17.11 -12.20 -20.25
C HIS B 1009 18.01 -13.44 -20.23
N GLY B 1010 17.43 -14.58 -20.54
CA GLY B 1010 18.18 -15.80 -20.63
C GLY B 1010 17.36 -16.96 -20.14
N SER B 1011 18.06 -18.07 -19.89
CA SER B 1011 17.43 -19.25 -19.33
C SER B 1011 18.51 -20.08 -18.65
N LEU B 1012 18.12 -20.75 -17.56
CA LEU B 1012 19.07 -21.58 -16.83
C LEU B 1012 19.44 -22.82 -17.62
N VAL B 1013 18.48 -23.41 -18.32
CA VAL B 1013 18.75 -24.59 -19.13
C VAL B 1013 19.47 -24.17 -20.40
N GLY B 1026 13.96 -17.31 -26.53
CA GLY B 1026 14.52 -17.00 -25.23
C GLY B 1026 13.46 -16.84 -24.16
N SER B 1027 13.89 -16.61 -22.92
CA SER B 1027 12.96 -16.50 -21.80
C SER B 1027 13.45 -15.41 -20.88
N VAL B 1028 12.67 -15.17 -19.83
CA VAL B 1028 12.90 -14.05 -18.92
C VAL B 1028 12.95 -14.57 -17.50
N LEU B 1029 14.05 -14.35 -16.81
CA LEU B 1029 14.12 -14.63 -15.40
C LEU B 1029 13.72 -13.38 -14.65
N PHE B 1030 12.92 -13.52 -13.62
CA PHE B 1030 12.68 -12.42 -12.69
C PHE B 1030 13.11 -12.83 -11.30
N GLY B 1031 13.88 -11.98 -10.65
CA GLY B 1031 14.41 -12.33 -9.34
C GLY B 1031 13.88 -11.45 -8.23
N THR B 1032 12.94 -11.98 -7.45
CA THR B 1032 12.18 -11.15 -6.54
C THR B 1032 12.92 -10.94 -5.24
N VAL B 1033 12.22 -10.40 -4.24
CA VAL B 1033 12.85 -10.02 -2.99
C VAL B 1033 12.58 -11.05 -1.89
N ASN B 1034 11.77 -12.06 -2.18
CA ASN B 1034 11.65 -13.24 -1.35
C ASN B 1034 12.56 -14.37 -1.82
N GLY B 1035 13.59 -14.06 -2.60
CA GLY B 1035 14.47 -15.09 -3.10
C GLY B 1035 13.97 -15.88 -4.28
N MET B 1036 12.72 -15.70 -4.70
CA MET B 1036 12.17 -16.47 -5.78
C MET B 1036 12.76 -16.05 -7.12
N ILE B 1037 13.10 -17.05 -7.94
CA ILE B 1037 13.52 -16.86 -9.32
C ILE B 1037 12.45 -17.45 -10.22
N GLY B 1038 11.97 -16.67 -11.18
CA GLY B 1038 10.85 -17.08 -12.01
C GLY B 1038 11.15 -16.96 -13.48
N LEU B 1039 10.29 -17.56 -14.28
CA LEU B 1039 10.49 -17.63 -15.71
C LEU B 1039 9.24 -17.19 -16.43
N VAL B 1040 9.41 -16.28 -17.39
CA VAL B 1040 8.37 -15.86 -18.31
C VAL B 1040 8.78 -16.35 -19.69
N THR B 1041 7.85 -17.03 -20.37
CA THR B 1041 8.06 -17.49 -21.73
C THR B 1041 6.95 -16.96 -22.61
N SER B 1042 7.27 -16.63 -23.85
CA SER B 1042 6.22 -16.26 -24.79
C SER B 1042 5.48 -17.50 -25.25
N LEU B 1043 4.33 -17.30 -25.89
CA LEU B 1043 3.53 -18.43 -26.32
C LEU B 1043 2.91 -18.16 -27.69
N SER B 1044 2.03 -19.07 -28.10
CA SER B 1044 1.20 -18.95 -29.27
C SER B 1044 -0.18 -18.51 -28.86
N GLU B 1045 -1.10 -18.48 -29.81
CA GLU B 1045 -2.49 -18.19 -29.47
C GLU B 1045 -3.23 -19.45 -29.03
N SER B 1046 -3.09 -20.52 -29.82
CA SER B 1046 -3.87 -21.72 -29.56
C SER B 1046 -3.35 -22.46 -28.34
N TRP B 1047 -2.04 -22.43 -28.08
CA TRP B 1047 -1.54 -22.97 -26.83
C TRP B 1047 -2.06 -22.19 -25.64
N TYR B 1048 -2.19 -20.87 -25.78
CA TYR B 1048 -2.73 -20.07 -24.69
C TYR B 1048 -4.18 -20.42 -24.42
N ASN B 1049 -4.98 -20.60 -25.47
CA ASN B 1049 -6.38 -20.97 -25.23
C ASN B 1049 -6.50 -22.40 -24.72
N LEU B 1050 -5.58 -23.28 -25.13
CA LEU B 1050 -5.56 -24.64 -24.62
C LEU B 1050 -5.28 -24.67 -23.13
N LEU B 1051 -4.21 -23.98 -22.71
CA LEU B 1051 -3.87 -23.95 -21.29
C LEU B 1051 -4.91 -23.20 -20.48
N LEU B 1052 -5.56 -22.20 -21.07
CA LEU B 1052 -6.60 -21.45 -20.36
C LEU B 1052 -7.82 -22.32 -20.08
N ASP B 1053 -8.29 -23.06 -21.09
CA ASP B 1053 -9.46 -23.89 -20.85
C ASP B 1053 -9.12 -25.11 -20.01
N MET B 1054 -7.89 -25.62 -20.15
CA MET B 1054 -7.44 -26.69 -19.26
C MET B 1054 -7.37 -26.21 -17.82
N GLN B 1055 -6.93 -24.97 -17.62
CA GLN B 1055 -6.85 -24.40 -16.27
C GLN B 1055 -8.23 -24.17 -15.68
N ASN B 1056 -9.19 -23.74 -16.48
CA ASN B 1056 -10.54 -23.58 -15.97
C ASN B 1056 -11.19 -24.92 -15.64
N ARG B 1057 -10.80 -25.99 -16.35
CA ARG B 1057 -11.24 -27.32 -15.95
C ARG B 1057 -10.45 -27.85 -14.78
N LEU B 1058 -9.24 -27.33 -14.54
CA LEU B 1058 -8.40 -27.77 -13.43
C LEU B 1058 -8.78 -27.09 -12.12
N ASN B 1059 -9.30 -25.89 -12.21
CA ASN B 1059 -9.68 -25.15 -11.01
C ASN B 1059 -10.91 -25.73 -10.33
N LYS B 1060 -11.74 -26.46 -11.03
CA LYS B 1060 -12.88 -27.10 -10.40
C LYS B 1060 -12.58 -28.47 -9.83
N VAL B 1061 -11.33 -28.93 -9.88
CA VAL B 1061 -11.00 -30.26 -9.40
C VAL B 1061 -9.95 -30.25 -8.29
N ILE B 1062 -8.81 -29.59 -8.47
CA ILE B 1062 -7.76 -29.53 -7.46
C ILE B 1062 -8.24 -28.54 -6.41
N LYS B 1063 -8.81 -29.07 -5.34
CA LYS B 1063 -9.31 -28.27 -4.23
C LYS B 1063 -8.16 -27.54 -3.57
N SER B 1064 -8.47 -26.39 -3.00
CA SER B 1064 -7.44 -25.56 -2.38
C SER B 1064 -7.54 -25.62 -0.87
N VAL B 1065 -6.51 -25.11 -0.22
CA VAL B 1065 -6.49 -25.04 1.23
C VAL B 1065 -6.92 -23.66 1.67
N GLY B 1066 -7.93 -23.60 2.53
CA GLY B 1066 -8.54 -22.34 2.84
C GLY B 1066 -9.53 -21.85 1.82
N LYS B 1067 -9.78 -22.63 0.77
CA LYS B 1067 -10.79 -22.36 -0.26
C LYS B 1067 -10.58 -21.02 -0.95
N ILE B 1068 -9.32 -20.62 -1.09
CA ILE B 1068 -9.00 -19.40 -1.82
C ILE B 1068 -9.16 -19.66 -3.31
N GLU B 1069 -9.90 -18.80 -4.00
CA GLU B 1069 -10.10 -18.97 -5.42
C GLU B 1069 -8.85 -18.63 -6.19
N HIS B 1070 -8.49 -19.49 -7.14
CA HIS B 1070 -7.36 -19.19 -8.00
C HIS B 1070 -7.63 -18.02 -8.93
N SER B 1071 -8.89 -17.76 -9.24
CA SER B 1071 -9.24 -16.56 -9.96
C SER B 1071 -9.24 -15.33 -9.06
N PHE B 1072 -9.07 -15.52 -7.76
CA PHE B 1072 -8.90 -14.40 -6.84
C PHE B 1072 -7.46 -14.16 -6.47
N TRP B 1073 -6.67 -15.22 -6.33
CA TRP B 1073 -5.29 -15.03 -5.93
C TRP B 1073 -4.47 -14.45 -7.05
N ARG B 1074 -4.75 -14.79 -8.29
CA ARG B 1074 -3.95 -14.27 -9.38
C ARG B 1074 -4.50 -13.01 -10.04
N SER B 1075 -5.74 -12.62 -9.71
CA SER B 1075 -6.37 -11.47 -10.34
C SER B 1075 -5.67 -10.17 -9.95
N PHE B 1076 -5.47 -9.30 -10.94
CA PHE B 1076 -4.66 -8.09 -10.79
C PHE B 1076 -5.25 -7.11 -9.79
N HIS B 1077 -4.60 -6.97 -8.65
CA HIS B 1077 -5.15 -6.17 -7.56
C HIS B 1077 -4.11 -5.18 -7.12
N THR B 1078 -4.29 -3.93 -7.51
CA THR B 1078 -3.58 -2.84 -6.88
C THR B 1078 -4.58 -2.09 -6.01
N GLU B 1079 -4.14 -0.98 -5.43
CA GLU B 1079 -4.96 -0.23 -4.49
C GLU B 1079 -6.14 0.46 -5.15
N ARG B 1080 -6.04 0.71 -6.46
CA ARG B 1080 -7.07 1.44 -7.17
C ARG B 1080 -8.18 0.52 -7.66
N LYS B 1081 -7.82 -0.58 -8.32
CA LYS B 1081 -8.81 -1.39 -9.03
C LYS B 1081 -8.46 -2.86 -8.91
N THR B 1082 -9.43 -3.69 -9.28
CA THR B 1082 -9.24 -5.13 -9.34
C THR B 1082 -9.92 -5.65 -10.60
N GLU B 1083 -9.35 -6.71 -11.17
CA GLU B 1083 -9.81 -7.27 -12.43
C GLU B 1083 -9.17 -8.63 -12.60
N PRO B 1084 -9.79 -9.55 -13.35
CA PRO B 1084 -9.20 -10.87 -13.53
C PRO B 1084 -7.91 -10.82 -14.35
N ALA B 1085 -7.18 -11.93 -14.29
CA ALA B 1085 -5.89 -12.03 -14.94
C ALA B 1085 -6.06 -12.48 -16.38
N THR B 1086 -5.52 -11.70 -17.30
CA THR B 1086 -5.48 -12.06 -18.71
C THR B 1086 -4.03 -12.08 -19.17
N GLY B 1087 -3.79 -12.83 -20.23
CA GLY B 1087 -2.47 -12.78 -20.83
C GLY B 1087 -1.38 -13.48 -20.08
N PHE B 1088 -1.69 -14.24 -19.04
CA PHE B 1088 -0.69 -14.96 -18.28
C PHE B 1088 -1.23 -16.31 -17.87
N ILE B 1089 -0.34 -17.27 -17.71
CA ILE B 1089 -0.69 -18.63 -17.35
C ILE B 1089 0.10 -19.00 -16.10
N ASP B 1090 -0.60 -19.30 -15.00
CA ASP B 1090 0.05 -19.71 -13.77
C ASP B 1090 0.68 -21.09 -13.97
N GLY B 1091 1.99 -21.12 -14.17
CA GLY B 1091 2.65 -22.34 -14.56
C GLY B 1091 2.73 -23.38 -13.47
N ASP B 1092 2.56 -22.99 -12.22
CA ASP B 1092 2.59 -23.99 -11.16
C ASP B 1092 1.26 -24.73 -11.07
N LEU B 1093 0.14 -24.07 -11.40
CA LEU B 1093 -1.12 -24.78 -11.44
C LEU B 1093 -1.12 -25.85 -12.53
N ILE B 1094 -0.58 -25.52 -13.69
CA ILE B 1094 -0.51 -26.49 -14.78
C ILE B 1094 0.61 -27.50 -14.55
N GLU B 1095 1.68 -27.12 -13.88
CA GLU B 1095 2.71 -28.11 -13.57
C GLU B 1095 2.29 -29.06 -12.46
N SER B 1096 1.30 -28.67 -11.66
CA SER B 1096 0.75 -29.57 -10.66
C SER B 1096 -0.28 -30.53 -11.24
N PHE B 1097 -0.50 -30.51 -12.54
CA PHE B 1097 -1.40 -31.47 -13.16
C PHE B 1097 -0.79 -32.85 -13.14
N LEU B 1098 0.50 -32.96 -13.45
CA LEU B 1098 1.16 -34.25 -13.55
C LEU B 1098 1.34 -34.97 -12.22
N ASP B 1099 1.04 -34.34 -11.08
CA ASP B 1099 1.24 -34.96 -9.78
C ASP B 1099 -0.07 -35.39 -9.14
N ILE B 1100 -1.15 -35.42 -9.90
CA ILE B 1100 -2.42 -35.88 -9.40
C ILE B 1100 -2.62 -37.32 -9.86
N SER B 1101 -3.64 -37.98 -9.30
CA SER B 1101 -3.85 -39.39 -9.58
C SER B 1101 -4.38 -39.59 -10.99
N ARG B 1102 -4.26 -40.81 -11.46
CA ARG B 1102 -4.75 -41.17 -12.78
C ARG B 1102 -6.28 -41.09 -12.90
N PRO B 1103 -7.10 -41.53 -11.92
CA PRO B 1103 -8.52 -41.18 -12.01
C PRO B 1103 -8.80 -39.69 -11.95
N LYS B 1104 -8.00 -38.94 -11.19
CA LYS B 1104 -8.10 -37.49 -11.26
C LYS B 1104 -7.54 -36.94 -12.56
N MET B 1105 -6.63 -37.67 -13.20
CA MET B 1105 -6.13 -37.24 -14.49
C MET B 1105 -7.16 -37.44 -15.59
N GLN B 1106 -7.98 -38.49 -15.48
CA GLN B 1106 -9.01 -38.77 -16.48
C GLN B 1106 -10.34 -38.12 -16.16
N GLU B 1107 -10.53 -37.63 -14.93
CA GLU B 1107 -11.79 -36.99 -14.57
C GLU B 1107 -11.84 -35.55 -15.03
N VAL B 1108 -10.70 -34.90 -15.18
CA VAL B 1108 -10.68 -33.46 -15.38
C VAL B 1108 -11.09 -33.09 -16.81
N VAL B 1109 -10.66 -33.87 -17.80
CA VAL B 1109 -10.73 -33.36 -19.16
C VAL B 1109 -12.13 -33.55 -19.76
N ALA B 1110 -12.53 -34.78 -20.10
CA ALA B 1110 -13.88 -35.19 -20.47
C ALA B 1110 -14.51 -34.46 -21.66
N ASN B 1111 -13.83 -33.46 -22.24
CA ASN B 1111 -14.43 -32.67 -23.29
C ASN B 1111 -13.43 -32.16 -24.34
N LEU B 1112 -12.29 -32.82 -24.52
CA LEU B 1112 -11.40 -32.41 -25.60
C LEU B 1112 -11.63 -33.28 -26.83
N ALA B 1124 -9.84 -35.79 -27.96
CA ALA B 1124 -8.71 -36.71 -27.93
C ALA B 1124 -8.53 -37.34 -26.55
N THR B 1125 -7.30 -37.77 -26.24
CA THR B 1125 -7.02 -38.55 -25.05
C THR B 1125 -6.56 -37.67 -23.89
N ALA B 1126 -5.98 -38.30 -22.86
CA ALA B 1126 -5.46 -37.59 -21.71
C ALA B 1126 -3.93 -37.60 -21.62
N ASP B 1127 -3.29 -38.68 -22.11
CA ASP B 1127 -1.84 -38.82 -21.99
C ASP B 1127 -1.12 -37.75 -22.80
N ASP B 1128 -1.75 -37.25 -23.85
CA ASP B 1128 -1.19 -36.14 -24.64
C ASP B 1128 -1.01 -34.89 -23.79
N LEU B 1129 -1.93 -34.64 -22.85
CA LEU B 1129 -1.73 -33.55 -21.90
C LEU B 1129 -0.54 -33.85 -21.01
N ILE B 1130 -0.42 -35.11 -20.59
CA ILE B 1130 0.77 -35.63 -19.93
C ILE B 1130 2.00 -35.43 -20.80
N LYS B 1131 1.84 -35.48 -22.13
CA LYS B 1131 2.92 -35.13 -23.02
C LYS B 1131 3.29 -33.65 -22.86
N VAL B 1132 2.31 -32.75 -23.01
CA VAL B 1132 2.66 -31.35 -23.26
C VAL B 1132 3.19 -30.68 -22.00
N VAL B 1133 2.63 -31.03 -20.84
CA VAL B 1133 3.13 -30.51 -19.58
C VAL B 1133 4.53 -31.04 -19.32
N GLU B 1134 4.82 -32.24 -19.79
CA GLU B 1134 6.15 -32.80 -19.58
C GLU B 1134 7.20 -32.20 -20.49
N GLU B 1135 6.88 -31.25 -21.38
CA GLU B 1135 7.97 -30.43 -21.89
C GLU B 1135 8.01 -29.04 -21.26
N LEU B 1136 6.90 -28.58 -20.67
CA LEU B 1136 6.91 -27.28 -20.02
C LEU B 1136 7.76 -27.27 -18.77
N THR B 1137 8.04 -28.43 -18.20
CA THR B 1137 8.97 -28.53 -17.09
C THR B 1137 10.42 -28.54 -17.53
N ARG B 1138 10.70 -28.66 -18.83
CA ARG B 1138 12.08 -28.86 -19.27
C ARG B 1138 12.82 -27.56 -19.51
N ILE B 1139 12.44 -26.48 -18.82
CA ILE B 1139 13.10 -25.18 -19.00
C ILE B 1139 13.49 -24.59 -17.66
N HIS B 1140 13.25 -25.33 -16.58
CA HIS B 1140 13.55 -24.88 -15.22
C HIS B 1140 15.05 -24.82 -14.93
N MET C 3 -17.43 41.64 3.49
CA MET C 3 -16.49 42.13 4.47
C MET C 3 -15.38 41.13 4.74
N ARG C 4 -14.15 41.64 4.75
CA ARG C 4 -12.96 40.83 4.92
C ARG C 4 -12.89 40.21 6.31
N LEU C 5 -12.34 39.00 6.38
CA LEU C 5 -12.16 38.32 7.66
C LEU C 5 -11.04 37.29 7.52
N TYR C 6 -10.19 37.23 8.53
CA TYR C 6 -9.22 36.15 8.67
C TYR C 6 -9.61 35.26 9.84
N VAL C 7 -9.58 33.95 9.61
CA VAL C 7 -9.73 32.96 10.66
C VAL C 7 -8.64 31.91 10.51
N GLY C 8 -7.77 31.82 11.50
CA GLY C 8 -6.91 30.66 11.55
C GLY C 8 -6.97 29.94 12.87
N SER C 9 -7.66 28.80 12.88
CA SER C 9 -7.64 27.92 14.03
C SER C 9 -7.77 26.45 13.63
N LEU C 10 -7.80 26.14 12.35
CA LEU C 10 -8.36 24.91 11.85
C LEU C 10 -7.43 23.73 12.11
N HIS C 11 -8.03 22.54 12.14
CA HIS C 11 -7.37 21.33 12.64
C HIS C 11 -6.90 20.42 11.52
N PHE C 12 -6.41 21.00 10.43
CA PHE C 12 -5.84 20.31 9.27
C PHE C 12 -6.84 19.37 8.60
N ASN C 13 -8.13 19.54 8.85
CA ASN C 13 -9.17 18.77 8.17
C ASN C 13 -10.41 19.59 7.91
N ILE C 14 -10.31 20.90 7.95
CA ILE C 14 -11.42 21.78 7.59
C ILE C 14 -11.22 22.22 6.14
N THR C 15 -12.27 22.10 5.33
CA THR C 15 -12.21 22.49 3.94
C THR C 15 -12.71 23.92 3.77
N GLU C 16 -12.62 24.41 2.53
CA GLU C 16 -13.32 25.64 2.16
C GLU C 16 -14.82 25.47 2.31
N ASP C 17 -15.31 24.26 2.06
CA ASP C 17 -16.73 23.98 2.09
C ASP C 17 -17.29 23.97 3.50
N MET C 18 -16.55 23.47 4.48
CA MET C 18 -17.04 23.47 5.85
C MET C 18 -17.18 24.89 6.38
N LEU C 19 -16.19 25.74 6.08
CA LEU C 19 -16.26 27.15 6.49
C LEU C 19 -17.37 27.87 5.76
N ARG C 20 -17.56 27.56 4.48
CA ARG C 20 -18.67 28.14 3.73
C ARG C 20 -20.01 27.75 4.34
N GLY C 21 -20.14 26.48 4.74
CA GLY C 21 -21.39 26.01 5.30
C GLY C 21 -21.68 26.56 6.69
N ILE C 22 -20.65 26.79 7.51
CA ILE C 22 -20.88 27.31 8.85
C ILE C 22 -20.86 28.83 8.91
N PHE C 23 -20.32 29.51 7.90
CA PHE C 23 -20.40 30.95 7.86
C PHE C 23 -21.54 31.45 7.01
N GLU C 24 -22.20 30.55 6.27
CA GLU C 24 -23.20 30.97 5.29
C GLU C 24 -24.44 31.61 5.90
N PRO C 25 -25.28 30.91 6.68
CA PRO C 25 -26.71 31.28 6.73
C PRO C 25 -27.03 32.58 7.46
N PHE C 26 -26.03 33.35 7.87
CA PHE C 26 -26.27 34.72 8.32
C PHE C 26 -26.71 35.59 7.16
N GLY C 27 -25.85 35.72 6.15
CA GLY C 27 -26.16 36.50 4.98
C GLY C 27 -25.34 36.03 3.79
N ARG C 28 -25.40 36.82 2.73
CA ARG C 28 -24.77 36.45 1.47
C ARG C 28 -23.24 36.52 1.59
N ILE C 29 -22.58 35.47 1.13
CA ILE C 29 -21.14 35.31 1.22
C ILE C 29 -20.55 35.40 -0.20
N GLU C 30 -19.37 36.00 -0.32
CA GLU C 30 -18.81 36.14 -1.66
C GLU C 30 -17.58 35.28 -1.92
N SER C 31 -16.75 35.00 -0.91
CA SER C 31 -15.52 34.28 -1.22
C SER C 31 -14.97 33.59 0.02
N ILE C 32 -14.36 32.42 -0.19
CA ILE C 32 -13.66 31.67 0.85
C ILE C 32 -12.33 31.21 0.26
N GLN C 33 -11.23 31.53 0.92
CA GLN C 33 -9.90 31.14 0.46
C GLN C 33 -9.19 30.51 1.65
N LEU C 34 -9.34 29.20 1.79
CA LEU C 34 -8.67 28.50 2.88
C LEU C 34 -7.22 28.29 2.51
N MET C 35 -6.33 28.97 3.23
CA MET C 35 -4.91 28.91 2.94
C MET C 35 -4.37 27.53 3.29
N MET C 36 -4.04 26.76 2.27
CA MET C 36 -3.44 25.44 2.43
C MET C 36 -1.95 25.54 2.21
N ASP C 37 -1.20 24.66 2.86
CA ASP C 37 0.21 24.51 2.57
C ASP C 37 0.36 23.78 1.24
N SER C 38 1.29 24.24 0.41
CA SER C 38 1.35 23.78 -0.97
C SER C 38 1.96 22.39 -1.08
N GLU C 39 3.08 22.16 -0.40
CA GLU C 39 3.84 20.93 -0.58
C GLU C 39 3.16 19.73 0.07
N THR C 40 2.35 19.94 1.10
CA THR C 40 1.66 18.83 1.75
C THR C 40 0.32 18.51 1.11
N GLY C 41 -0.22 19.42 0.31
CA GLY C 41 -1.58 19.30 -0.19
C GLY C 41 -2.65 19.44 0.86
N ARG C 42 -2.31 19.99 2.02
CA ARG C 42 -3.16 19.96 3.20
C ARG C 42 -3.21 21.38 3.75
N SER C 43 -4.15 21.61 4.67
CA SER C 43 -4.42 22.95 5.17
C SER C 43 -3.26 23.49 6.01
N LYS C 44 -2.87 24.74 5.74
CA LYS C 44 -1.90 25.39 6.60
C LYS C 44 -2.50 25.74 7.95
N GLY C 45 -3.80 25.94 8.02
CA GLY C 45 -4.44 26.33 9.25
C GLY C 45 -4.84 27.77 9.32
N TYR C 46 -4.93 28.47 8.20
CA TYR C 46 -5.37 29.85 8.12
C TYR C 46 -6.65 29.92 7.30
N GLY C 47 -7.05 31.13 6.95
CA GLY C 47 -8.14 31.27 6.01
C GLY C 47 -8.61 32.69 5.86
N PHE C 48 -8.85 33.14 4.62
CA PHE C 48 -9.35 34.47 4.37
C PHE C 48 -10.72 34.33 3.72
N ILE C 49 -11.75 34.71 4.46
CA ILE C 49 -13.13 34.61 4.00
C ILE C 49 -13.73 36.01 3.96
N THR C 50 -14.38 36.34 2.85
CA THR C 50 -14.99 37.65 2.69
C THR C 50 -16.48 37.47 2.42
N PHE C 51 -17.29 38.17 3.21
CA PHE C 51 -18.72 38.26 2.99
C PHE C 51 -19.03 39.25 1.88
N SER C 52 -20.32 39.35 1.56
CA SER C 52 -20.78 40.43 0.69
C SER C 52 -20.98 41.71 1.47
N ASP C 53 -21.88 41.67 2.45
CA ASP C 53 -22.28 42.84 3.23
C ASP C 53 -21.21 43.13 4.30
N SER C 54 -21.54 44.02 5.23
CA SER C 54 -20.62 44.37 6.30
C SER C 54 -21.23 44.23 7.68
N GLU C 55 -22.49 43.82 7.79
CA GLU C 55 -23.11 43.62 9.09
C GLU C 55 -23.11 42.15 9.52
N CYS C 56 -23.14 41.22 8.58
CA CYS C 56 -23.15 39.81 8.95
C CYS C 56 -21.78 39.35 9.42
N ALA C 57 -20.69 39.92 8.88
CA ALA C 57 -19.36 39.57 9.38
C ALA C 57 -19.16 40.08 10.80
N LYS C 58 -19.68 41.28 11.08
CA LYS C 58 -19.60 41.81 12.44
C LYS C 58 -20.49 41.04 13.39
N LYS C 59 -21.62 40.51 12.91
CA LYS C 59 -22.41 39.64 13.79
C LYS C 59 -21.72 38.30 14.00
N ALA C 60 -20.93 37.86 13.02
CA ALA C 60 -20.19 36.61 13.16
C ALA C 60 -19.03 36.76 14.13
N LEU C 61 -18.50 37.99 14.26
CA LEU C 61 -17.41 38.26 15.20
C LEU C 61 -17.80 37.89 16.63
N GLU C 62 -18.99 38.26 17.07
CA GLU C 62 -19.44 37.87 18.41
C GLU C 62 -20.22 36.57 18.39
N GLN C 63 -20.57 36.05 17.22
CA GLN C 63 -21.34 34.82 17.21
C GLN C 63 -20.49 33.56 17.25
N LEU C 64 -19.31 33.56 16.61
CA LEU C 64 -18.56 32.32 16.48
C LEU C 64 -17.13 32.40 17.00
N ASN C 65 -16.85 33.33 17.91
CA ASN C 65 -15.47 33.52 18.36
C ASN C 65 -15.16 32.57 19.51
N GLY C 66 -14.12 31.76 19.35
CA GLY C 66 -13.64 30.92 20.43
C GLY C 66 -14.52 29.75 20.76
N PHE C 67 -15.44 29.38 19.89
CA PHE C 67 -16.30 28.24 20.12
C PHE C 67 -15.60 27.00 19.58
N GLU C 68 -15.73 25.90 20.31
CA GLU C 68 -14.94 24.72 19.97
C GLU C 68 -15.49 24.07 18.71
N LEU C 69 -14.65 24.04 17.67
CA LEU C 69 -14.93 23.28 16.46
C LEU C 69 -14.15 21.97 16.55
N ALA C 70 -14.86 20.93 17.02
CA ALA C 70 -14.64 19.51 16.70
C ALA C 70 -13.33 18.90 17.18
N GLY C 71 -12.31 19.73 17.44
CA GLY C 71 -11.19 19.30 18.23
C GLY C 71 -10.53 20.43 18.96
N ARG C 72 -10.94 21.68 18.71
CA ARG C 72 -10.20 22.80 19.28
C ARG C 72 -11.07 24.04 19.26
N PRO C 73 -10.82 25.01 20.16
CA PRO C 73 -11.56 26.28 20.11
C PRO C 73 -11.23 27.11 18.88
N MET C 74 -12.17 27.17 17.95
CA MET C 74 -12.06 28.05 16.80
C MET C 74 -12.36 29.49 17.19
N LYS C 75 -11.50 30.40 16.75
CA LYS C 75 -11.71 31.82 16.93
C LYS C 75 -12.01 32.48 15.60
N VAL C 76 -12.90 33.46 15.61
CA VAL C 76 -13.06 34.37 14.49
C VAL C 76 -12.51 35.71 14.94
N GLY C 77 -12.13 36.53 13.98
CA GLY C 77 -11.66 37.85 14.34
C GLY C 77 -11.18 38.69 13.18
N HIS C 78 -11.66 39.93 13.13
CA HIS C 78 -11.26 40.87 12.10
C HIS C 78 -11.23 42.26 12.70
N VAL C 79 -10.08 42.93 12.60
CA VAL C 79 -9.99 44.37 12.76
C VAL C 79 -9.72 45.05 11.42
N THR C 80 -8.57 44.79 10.83
CA THR C 80 -8.22 45.11 9.45
C THR C 80 -7.67 43.90 8.72
N GLU C 81 -6.87 43.08 9.42
CA GLU C 81 -6.26 41.84 8.94
C GLU C 81 -5.47 42.03 7.65
N LEU D 4 19.40 -16.82 34.43
CA LEU D 4 20.60 -17.15 33.68
C LEU D 4 20.15 -18.24 32.70
N LYS D 5 20.50 -19.50 32.96
CA LYS D 5 20.32 -20.58 31.99
C LYS D 5 19.72 -21.79 32.69
N GLY D 6 18.40 -21.85 32.72
CA GLY D 6 17.66 -22.99 33.23
C GLY D 6 16.61 -23.39 32.22
N LEU D 7 17.01 -23.41 30.95
CA LEU D 7 16.13 -23.31 29.80
C LEU D 7 15.13 -24.47 29.73
N PRO D 8 13.93 -24.25 29.16
CA PRO D 8 12.88 -25.28 29.21
C PRO D 8 13.22 -26.51 28.40
N VAL D 9 12.58 -27.62 28.75
CA VAL D 9 12.73 -28.90 28.08
C VAL D 9 11.34 -29.48 27.93
N TYR D 10 10.87 -29.60 26.70
CA TYR D 10 9.62 -30.33 26.48
C TYR D 10 9.87 -31.81 26.37
N ASN D 11 11.09 -32.18 25.96
CA ASN D 11 11.48 -33.56 25.80
C ASN D 11 13.00 -33.58 25.74
N LYS D 12 13.61 -34.30 26.67
CA LYS D 12 15.07 -34.36 26.71
C LYS D 12 15.64 -35.16 25.55
N SER D 13 14.82 -35.96 24.88
CA SER D 13 15.24 -36.71 23.71
C SER D 13 15.20 -35.90 22.43
N ASN D 14 14.53 -34.75 22.42
CA ASN D 14 14.51 -33.91 21.23
C ASN D 14 15.87 -33.25 21.04
N PHE D 15 16.32 -33.21 19.79
CA PHE D 15 17.63 -32.67 19.38
C PHE D 15 18.77 -33.37 20.10
N SER D 16 18.64 -34.69 20.25
CA SER D 16 19.67 -35.48 20.88
C SER D 16 20.56 -36.20 19.89
N ARG D 17 20.01 -36.78 18.83
CA ARG D 17 20.80 -37.43 17.80
C ARG D 17 21.01 -36.51 16.61
N PHE D 18 21.03 -35.21 16.84
CA PHE D 18 21.37 -34.22 15.84
C PHE D 18 22.82 -34.42 15.43
N ARG D 30 13.07 -31.67 -0.04
CA ARG D 30 12.96 -32.59 1.10
C ARG D 30 11.61 -32.54 1.88
N PRO D 31 10.96 -31.38 2.04
CA PRO D 31 9.56 -31.43 2.51
C PRO D 31 8.63 -31.97 1.45
N SER D 32 7.48 -32.49 1.88
CA SER D 32 6.49 -33.01 0.97
C SER D 32 5.50 -31.93 0.59
N VAL D 33 4.96 -32.00 -0.62
CA VAL D 33 4.01 -30.99 -1.06
C VAL D 33 2.60 -31.49 -0.89
N TYR D 34 1.72 -30.65 -0.37
CA TYR D 34 0.34 -31.03 -0.11
C TYR D 34 -0.51 -30.73 -1.34
N LEU D 35 -0.80 -31.76 -2.11
CA LEU D 35 -1.71 -31.65 -3.23
C LEU D 35 -3.11 -32.10 -2.79
N PRO D 36 -4.08 -31.21 -2.74
CA PRO D 36 -5.41 -31.61 -2.24
C PRO D 36 -6.30 -32.07 -3.37
N THR D 37 -6.87 -33.25 -3.23
CA THR D 37 -7.87 -33.73 -4.17
C THR D 37 -9.24 -33.93 -3.56
N ARG D 38 -9.37 -34.79 -2.55
CA ARG D 38 -10.68 -35.08 -1.96
C ARG D 38 -11.11 -33.91 -1.10
N GLU D 39 -12.41 -33.75 -0.93
CA GLU D 39 -12.97 -32.57 -0.28
C GLU D 39 -13.85 -32.94 0.90
N TYR D 40 -13.47 -32.47 2.09
CA TYR D 40 -14.31 -32.58 3.26
C TYR D 40 -14.84 -31.19 3.59
N PRO D 41 -16.15 -31.03 3.72
CA PRO D 41 -16.78 -29.72 3.50
C PRO D 41 -16.45 -28.69 4.58
N SER D 42 -16.74 -27.43 4.28
CA SER D 42 -16.39 -26.33 5.14
C SER D 42 -17.43 -26.14 6.24
N GLU D 43 -16.94 -26.10 7.48
CA GLU D 43 -17.81 -26.01 8.64
C GLU D 43 -18.37 -24.61 8.83
N GLN D 44 -17.53 -23.59 8.69
CA GLN D 44 -17.91 -22.24 9.09
C GLN D 44 -17.37 -21.21 8.10
N ILE D 45 -18.05 -20.07 8.05
CA ILE D 45 -17.75 -18.99 7.11
C ILE D 45 -17.54 -17.71 7.91
N ILE D 46 -16.43 -17.02 7.66
CA ILE D 46 -16.27 -15.68 8.23
C ILE D 46 -17.09 -14.71 7.39
N VAL D 47 -18.09 -14.09 8.00
CA VAL D 47 -18.95 -13.13 7.32
C VAL D 47 -18.89 -11.82 8.07
N THR D 48 -18.47 -10.76 7.39
CA THR D 48 -18.35 -9.45 8.00
C THR D 48 -19.72 -8.81 8.13
N GLU D 49 -19.97 -8.18 9.27
CA GLU D 49 -21.19 -7.43 9.48
C GLU D 49 -21.21 -6.23 8.55
N LYS D 50 -22.35 -5.98 7.91
CA LYS D 50 -22.38 -5.01 6.83
C LYS D 50 -22.52 -3.58 7.34
N THR D 51 -23.09 -3.38 8.52
CA THR D 51 -23.62 -2.09 8.90
C THR D 51 -22.52 -1.12 9.31
N ASN D 52 -22.69 0.15 8.95
CA ASN D 52 -21.69 1.18 9.22
C ASN D 52 -21.59 1.46 10.72
N ILE D 53 -20.43 1.93 11.15
CA ILE D 53 -20.14 2.05 12.58
C ILE D 53 -20.96 3.15 13.22
N LEU D 54 -21.07 4.31 12.60
CA LEU D 54 -21.85 5.40 13.18
C LEU D 54 -23.34 5.07 13.17
N LEU D 55 -23.83 4.45 12.10
CA LEU D 55 -25.24 4.15 12.02
C LEU D 55 -25.61 3.04 13.00
N ARG D 56 -24.73 2.06 13.16
CA ARG D 56 -24.94 0.98 14.12
C ARG D 56 -24.88 1.51 15.54
N TYR D 57 -23.98 2.47 15.79
CA TYR D 57 -23.87 3.07 17.11
C TYR D 57 -25.11 3.89 17.44
N LEU D 58 -25.63 4.63 16.47
CA LEU D 58 -26.82 5.41 16.72
C LEU D 58 -28.05 4.54 16.88
N HIS D 59 -28.09 3.41 16.18
CA HIS D 59 -29.18 2.46 16.38
C HIS D 59 -29.11 1.83 17.77
N GLN D 60 -27.91 1.47 18.22
CA GLN D 60 -27.80 0.84 19.54
C GLN D 60 -27.90 1.85 20.66
N GLN D 61 -27.72 3.14 20.37
CA GLN D 61 -28.03 4.13 21.37
C GLN D 61 -29.51 4.46 21.39
N TRP D 62 -30.17 4.36 20.24
CA TRP D 62 -31.61 4.54 20.20
C TRP D 62 -32.35 3.33 20.74
N ASP D 63 -31.65 2.21 20.91
CA ASP D 63 -32.25 1.15 21.72
C ASP D 63 -31.67 1.12 23.12
N LYS D 64 -30.92 2.14 23.52
CA LYS D 64 -30.48 2.19 24.91
C LYS D 64 -31.33 3.13 25.74
N LYS D 65 -31.66 4.32 25.23
CA LYS D 65 -32.55 5.21 25.95
C LYS D 65 -34.00 4.91 25.57
N ASN D 66 -34.24 4.40 24.37
CA ASN D 66 -35.59 4.05 23.97
C ASN D 66 -35.73 2.54 23.81
N EF6 E . -17.47 18.48 3.22
C EF6 E . -18.10 18.85 4.44
O EF6 E . -18.81 16.36 3.00
C1 EF6 E . -18.97 19.93 4.53
C10 EF6 E . -15.67 14.58 5.25
C11 EF6 E . -14.33 14.90 5.08
C12 EF6 E . -13.96 15.87 4.16
C13 EF6 E . -14.93 16.52 3.39
C2 EF6 E . -19.54 20.26 5.73
C3 EF6 E . -20.37 21.44 5.36
C4 EF6 E . -20.22 21.68 4.06
C5 EF6 E . -19.32 19.57 6.90
C6 EF6 E . -18.45 18.49 6.83
C7 EF6 E . -17.85 18.14 5.62
C8 EF6 E . -16.26 16.18 3.55
C9 EF6 E . -16.63 15.23 4.47
N1 EF6 E . -19.39 20.80 3.58
N2 EF6 E . -12.05 13.66 4.93
O1 EF6 E . -13.70 12.86 6.64
O2 EF6 E . -12.54 15.02 7.00
O3 EF6 E . -17.20 16.98 1.23
S EF6 E . -17.55 16.95 2.63
S1 EF6 E . -13.13 14.07 6.08
CL EF6 E . -21.37 22.31 6.50
#